data_1U7O
# 
_entry.id   1U7O 
# 
_audit_conform.dict_name       mmcif_pdbx.dic 
_audit_conform.dict_version    5.389 
_audit_conform.dict_location   http://mmcif.pdb.org/dictionaries/ascii/mmcif_pdbx.dic 
# 
loop_
_database_2.database_id 
_database_2.database_code 
_database_2.pdbx_database_accession 
_database_2.pdbx_DOI 
PDB   1U7O         pdb_00001u7o 10.2210/pdb1u7o/pdb 
RCSB  RCSB023348   ?            ?                   
WWPDB D_1000023348 ?            ?                   
# 
loop_
_pdbx_audit_revision_history.ordinal 
_pdbx_audit_revision_history.data_content_type 
_pdbx_audit_revision_history.major_revision 
_pdbx_audit_revision_history.minor_revision 
_pdbx_audit_revision_history.revision_date 
1 'Structure model' 1 0 2004-10-26 
2 'Structure model' 1 1 2008-04-30 
3 'Structure model' 1 2 2011-07-13 
4 'Structure model' 1 3 2024-02-14 
5 'Structure model' 1 4 2024-04-03 
# 
_pdbx_audit_revision_details.ordinal             1 
_pdbx_audit_revision_details.revision_ordinal    1 
_pdbx_audit_revision_details.data_content_type   'Structure model' 
_pdbx_audit_revision_details.provider            repository 
_pdbx_audit_revision_details.type                'Initial release' 
_pdbx_audit_revision_details.description         ? 
_pdbx_audit_revision_details.details             ? 
# 
loop_
_pdbx_audit_revision_group.ordinal 
_pdbx_audit_revision_group.revision_ordinal 
_pdbx_audit_revision_group.data_content_type 
_pdbx_audit_revision_group.group 
1 2 'Structure model' 'Version format compliance' 
2 3 'Structure model' 'Version format compliance' 
3 4 'Structure model' 'Data collection'           
4 4 'Structure model' 'Database references'       
5 4 'Structure model' 'Derived calculations'      
6 5 'Structure model' 'Refinement description'    
# 
loop_
_pdbx_audit_revision_category.ordinal 
_pdbx_audit_revision_category.revision_ordinal 
_pdbx_audit_revision_category.data_content_type 
_pdbx_audit_revision_category.category 
1 4 'Structure model' chem_comp_atom                
2 4 'Structure model' chem_comp_bond                
3 4 'Structure model' database_2                    
4 4 'Structure model' struct_site                   
5 5 'Structure model' pdbx_initial_refinement_model 
# 
loop_
_pdbx_audit_revision_item.ordinal 
_pdbx_audit_revision_item.revision_ordinal 
_pdbx_audit_revision_item.data_content_type 
_pdbx_audit_revision_item.item 
1 4 'Structure model' '_database_2.pdbx_DOI'                
2 4 'Structure model' '_database_2.pdbx_database_accession' 
3 4 'Structure model' '_struct_site.pdbx_auth_asym_id'      
4 4 'Structure model' '_struct_site.pdbx_auth_comp_id'      
5 4 'Structure model' '_struct_site.pdbx_auth_seq_id'       
# 
_pdbx_database_status.entry_id                        1U7O 
_pdbx_database_status.deposit_site                    RCSB 
_pdbx_database_status.process_site                    RCSB 
_pdbx_database_status.recvd_initial_deposition_date   2004-08-04 
_pdbx_database_status.status_code                     REL 
_pdbx_database_status.status_code_sf                  REL 
_pdbx_database_status.SG_entry                        . 
_pdbx_database_status.pdb_format_compatible           Y 
_pdbx_database_status.status_code_mr                  ? 
_pdbx_database_status.status_code_cs                  ? 
_pdbx_database_status.status_code_nmr_data            ? 
_pdbx_database_status.methods_development_category    ? 
# 
_pdbx_database_related.db_name        PDB 
_pdbx_database_related.db_id          1U7P 
_pdbx_database_related.details        'Structure of MDP-1 with Tungstate bound' 
_pdbx_database_related.content_type   unspecified 
# 
loop_
_audit_author.name 
_audit_author.pdbx_ordinal 
'Peisach, E.'         1 
'Selengut, J.D.'      2 
'Dunaway-Mariano, D.' 3 
'Allen, K.N.'         4 
# 
loop_
_citation.id 
_citation.title 
_citation.journal_abbrev 
_citation.journal_volume 
_citation.page_first 
_citation.page_last 
_citation.year 
_citation.journal_id_ASTM 
_citation.country 
_citation.journal_id_ISSN 
_citation.journal_id_CSD 
_citation.book_publisher 
_citation.pdbx_database_id_PubMed 
_citation.pdbx_database_id_DOI 
primary 'X-ray crystal structure of the hypothetical phosphotyrosine phosphatase MDP-1 of the haloacid dehalogenase superfamily' 
Biochemistry 43 12770 12779 2004 BICHAW US 0006-2960 0033 ? 15461449 10.1021/bi0490688 
1       'MDP-1: A novel eukaryotic magnesium-dependent phosphatase' Biochemistry 39 8315  8324  2000 BICHAW US 0006-2960 0033 ? ? 
?                 
2       'MDP-1 is a new and distinct member of the haloacid dehalogenase family of aspartate-dependent phosphohydrolases' 
Biochemistry 40 12704 12711 2001 BICHAW US 0006-2960 0033 ? ?        ?                 
3       
;The crystal structure of bacillus cereus phosphonoacetaldehyde hydrolase: insight into catalysis of phosphorus bond cleavage and catalytic diversification within the HAD enzyme superfamily
;
Biochemistry 39 10385 10396 2000 BICHAW US 0006-2960 0033 ? ?        ?                 
# 
loop_
_citation_author.citation_id 
_citation_author.name 
_citation_author.ordinal 
_citation_author.identifier_ORCID 
primary 'Peisach, E.'         1  ? 
primary 'Selengut, J.D.'      2  ? 
primary 'Dunaway-Mariano, D.' 3  ? 
primary 'Allen, K.N.'         4  ? 
1       'Selengut, J.D.'      5  ? 
1       'Levine, R.L.'        6  ? 
2       'Selengut, J.D.'      7  ? 
3       'Morais, M.C.'        8  ? 
3       'Zhang, W.'           9  ? 
3       'Baker, A.S.'         10 ? 
3       'Zhang, G.'           11 ? 
3       'Dunaway-Mariano, D.' 12 ? 
3       'Allen, K.N.'         13 ? 
# 
loop_
_entity.id 
_entity.type 
_entity.src_method 
_entity.pdbx_description 
_entity.formula_weight 
_entity.pdbx_number_of_molecules 
_entity.pdbx_ec 
_entity.pdbx_mutation 
_entity.pdbx_fragment 
_entity.details 
1 polymer     man 'magnesium-dependent phosphatase-1' 18605.172 1  ? ? ? ? 
2 non-polymer syn 'ACETATE ION'                       59.044    2  ? ? ? ? 
3 water       nat water                               18.015    99 ? ? ? ? 
# 
_entity_name_com.entity_id   1 
_entity_name_com.name        MDP-1 
# 
_entity_poly.entity_id                      1 
_entity_poly.type                           'polypeptide(L)' 
_entity_poly.nstd_linkage                   no 
_entity_poly.nstd_monomer                   no 
_entity_poly.pdbx_seq_one_letter_code       
;MTRLPKLAVFDLDYTLWPFWVDTHVDPPFHKSSDGTVRDRRGQNIQLYPEVPEVLGRLQSLGVPVAAASRTSEIQGANQL
LELFDLGKYFIQREIYPGSKVTHFERLHHKTGVPFSQMVFFDDENRNIIDVGRLGVTCIHIRDGMSLQTLTQGLETFAKA
QAGL
;
_entity_poly.pdbx_seq_one_letter_code_can   
;MTRLPKLAVFDLDYTLWPFWVDTHVDPPFHKSSDGTVRDRRGQNIQLYPEVPEVLGRLQSLGVPVAAASRTSEIQGANQL
LELFDLGKYFIQREIYPGSKVTHFERLHHKTGVPFSQMVFFDDENRNIIDVGRLGVTCIHIRDGMSLQTLTQGLETFAKA
QAGL
;
_entity_poly.pdbx_strand_id                 A 
_entity_poly.pdbx_target_identifier         ? 
# 
loop_
_pdbx_entity_nonpoly.entity_id 
_pdbx_entity_nonpoly.name 
_pdbx_entity_nonpoly.comp_id 
2 'ACETATE ION' ACT 
3 water         HOH 
# 
loop_
_entity_poly_seq.entity_id 
_entity_poly_seq.num 
_entity_poly_seq.mon_id 
_entity_poly_seq.hetero 
1 1   MET n 
1 2   THR n 
1 3   ARG n 
1 4   LEU n 
1 5   PRO n 
1 6   LYS n 
1 7   LEU n 
1 8   ALA n 
1 9   VAL n 
1 10  PHE n 
1 11  ASP n 
1 12  LEU n 
1 13  ASP n 
1 14  TYR n 
1 15  THR n 
1 16  LEU n 
1 17  TRP n 
1 18  PRO n 
1 19  PHE n 
1 20  TRP n 
1 21  VAL n 
1 22  ASP n 
1 23  THR n 
1 24  HIS n 
1 25  VAL n 
1 26  ASP n 
1 27  PRO n 
1 28  PRO n 
1 29  PHE n 
1 30  HIS n 
1 31  LYS n 
1 32  SER n 
1 33  SER n 
1 34  ASP n 
1 35  GLY n 
1 36  THR n 
1 37  VAL n 
1 38  ARG n 
1 39  ASP n 
1 40  ARG n 
1 41  ARG n 
1 42  GLY n 
1 43  GLN n 
1 44  ASN n 
1 45  ILE n 
1 46  GLN n 
1 47  LEU n 
1 48  TYR n 
1 49  PRO n 
1 50  GLU n 
1 51  VAL n 
1 52  PRO n 
1 53  GLU n 
1 54  VAL n 
1 55  LEU n 
1 56  GLY n 
1 57  ARG n 
1 58  LEU n 
1 59  GLN n 
1 60  SER n 
1 61  LEU n 
1 62  GLY n 
1 63  VAL n 
1 64  PRO n 
1 65  VAL n 
1 66  ALA n 
1 67  ALA n 
1 68  ALA n 
1 69  SER n 
1 70  ARG n 
1 71  THR n 
1 72  SER n 
1 73  GLU n 
1 74  ILE n 
1 75  GLN n 
1 76  GLY n 
1 77  ALA n 
1 78  ASN n 
1 79  GLN n 
1 80  LEU n 
1 81  LEU n 
1 82  GLU n 
1 83  LEU n 
1 84  PHE n 
1 85  ASP n 
1 86  LEU n 
1 87  GLY n 
1 88  LYS n 
1 89  TYR n 
1 90  PHE n 
1 91  ILE n 
1 92  GLN n 
1 93  ARG n 
1 94  GLU n 
1 95  ILE n 
1 96  TYR n 
1 97  PRO n 
1 98  GLY n 
1 99  SER n 
1 100 LYS n 
1 101 VAL n 
1 102 THR n 
1 103 HIS n 
1 104 PHE n 
1 105 GLU n 
1 106 ARG n 
1 107 LEU n 
1 108 HIS n 
1 109 HIS n 
1 110 LYS n 
1 111 THR n 
1 112 GLY n 
1 113 VAL n 
1 114 PRO n 
1 115 PHE n 
1 116 SER n 
1 117 GLN n 
1 118 MET n 
1 119 VAL n 
1 120 PHE n 
1 121 PHE n 
1 122 ASP n 
1 123 ASP n 
1 124 GLU n 
1 125 ASN n 
1 126 ARG n 
1 127 ASN n 
1 128 ILE n 
1 129 ILE n 
1 130 ASP n 
1 131 VAL n 
1 132 GLY n 
1 133 ARG n 
1 134 LEU n 
1 135 GLY n 
1 136 VAL n 
1 137 THR n 
1 138 CYS n 
1 139 ILE n 
1 140 HIS n 
1 141 ILE n 
1 142 ARG n 
1 143 ASP n 
1 144 GLY n 
1 145 MET n 
1 146 SER n 
1 147 LEU n 
1 148 GLN n 
1 149 THR n 
1 150 LEU n 
1 151 THR n 
1 152 GLN n 
1 153 GLY n 
1 154 LEU n 
1 155 GLU n 
1 156 THR n 
1 157 PHE n 
1 158 ALA n 
1 159 LYS n 
1 160 ALA n 
1 161 GLN n 
1 162 ALA n 
1 163 GLY n 
1 164 LEU n 
# 
_entity_src_gen.entity_id                          1 
_entity_src_gen.pdbx_src_id                        1 
_entity_src_gen.pdbx_alt_source_flag               sample 
_entity_src_gen.pdbx_seq_type                      ? 
_entity_src_gen.pdbx_beg_seq_num                   ? 
_entity_src_gen.pdbx_end_seq_num                   ? 
_entity_src_gen.gene_src_common_name               'house mouse' 
_entity_src_gen.gene_src_genus                     Mus 
_entity_src_gen.pdbx_gene_src_gene                 AF230273 
_entity_src_gen.gene_src_species                   ? 
_entity_src_gen.gene_src_strain                    ? 
_entity_src_gen.gene_src_tissue                    ? 
_entity_src_gen.gene_src_tissue_fraction           ? 
_entity_src_gen.gene_src_details                   ? 
_entity_src_gen.pdbx_gene_src_fragment             ? 
_entity_src_gen.pdbx_gene_src_scientific_name      'Mus musculus' 
_entity_src_gen.pdbx_gene_src_ncbi_taxonomy_id     10090 
_entity_src_gen.pdbx_gene_src_variant              ? 
_entity_src_gen.pdbx_gene_src_cell_line            ? 
_entity_src_gen.pdbx_gene_src_atcc                 ? 
_entity_src_gen.pdbx_gene_src_organ                ? 
_entity_src_gen.pdbx_gene_src_organelle            ? 
_entity_src_gen.pdbx_gene_src_cell                 ? 
_entity_src_gen.pdbx_gene_src_cellular_location    ? 
_entity_src_gen.host_org_common_name               ? 
_entity_src_gen.pdbx_host_org_scientific_name      'Escherichia coli' 
_entity_src_gen.pdbx_host_org_ncbi_taxonomy_id     562 
_entity_src_gen.host_org_genus                     Escherichia 
_entity_src_gen.pdbx_host_org_gene                 ? 
_entity_src_gen.pdbx_host_org_organ                ? 
_entity_src_gen.host_org_species                   ? 
_entity_src_gen.pdbx_host_org_tissue               ? 
_entity_src_gen.pdbx_host_org_tissue_fraction      ? 
_entity_src_gen.pdbx_host_org_strain               'BL21(DE3)pLysS' 
_entity_src_gen.pdbx_host_org_variant              ? 
_entity_src_gen.pdbx_host_org_cell_line            ? 
_entity_src_gen.pdbx_host_org_atcc                 ? 
_entity_src_gen.pdbx_host_org_culture_collection   ? 
_entity_src_gen.pdbx_host_org_cell                 ? 
_entity_src_gen.pdbx_host_org_organelle            ? 
_entity_src_gen.pdbx_host_org_cellular_location    ? 
_entity_src_gen.pdbx_host_org_vector_type          plasmid 
_entity_src_gen.pdbx_host_org_vector               ? 
_entity_src_gen.host_org_details                   ? 
_entity_src_gen.expression_system_id               ? 
_entity_src_gen.plasmid_name                       pET3A 
_entity_src_gen.plasmid_details                    ? 
_entity_src_gen.pdbx_description                   ? 
# 
loop_
_chem_comp.id 
_chem_comp.type 
_chem_comp.mon_nstd_flag 
_chem_comp.name 
_chem_comp.pdbx_synonyms 
_chem_comp.formula 
_chem_comp.formula_weight 
ACT non-polymer         . 'ACETATE ION'   ? 'C2 H3 O2 -1'    59.044  
ALA 'L-peptide linking' y ALANINE         ? 'C3 H7 N O2'     89.093  
ARG 'L-peptide linking' y ARGININE        ? 'C6 H15 N4 O2 1' 175.209 
ASN 'L-peptide linking' y ASPARAGINE      ? 'C4 H8 N2 O3'    132.118 
ASP 'L-peptide linking' y 'ASPARTIC ACID' ? 'C4 H7 N O4'     133.103 
CYS 'L-peptide linking' y CYSTEINE        ? 'C3 H7 N O2 S'   121.158 
GLN 'L-peptide linking' y GLUTAMINE       ? 'C5 H10 N2 O3'   146.144 
GLU 'L-peptide linking' y 'GLUTAMIC ACID' ? 'C5 H9 N O4'     147.129 
GLY 'peptide linking'   y GLYCINE         ? 'C2 H5 N O2'     75.067  
HIS 'L-peptide linking' y HISTIDINE       ? 'C6 H10 N3 O2 1' 156.162 
HOH non-polymer         . WATER           ? 'H2 O'           18.015  
ILE 'L-peptide linking' y ISOLEUCINE      ? 'C6 H13 N O2'    131.173 
LEU 'L-peptide linking' y LEUCINE         ? 'C6 H13 N O2'    131.173 
LYS 'L-peptide linking' y LYSINE          ? 'C6 H15 N2 O2 1' 147.195 
MET 'L-peptide linking' y METHIONINE      ? 'C5 H11 N O2 S'  149.211 
PHE 'L-peptide linking' y PHENYLALANINE   ? 'C9 H11 N O2'    165.189 
PRO 'L-peptide linking' y PROLINE         ? 'C5 H9 N O2'     115.130 
SER 'L-peptide linking' y SERINE          ? 'C3 H7 N O3'     105.093 
THR 'L-peptide linking' y THREONINE       ? 'C4 H9 N O3'     119.119 
TRP 'L-peptide linking' y TRYPTOPHAN      ? 'C11 H12 N2 O2'  204.225 
TYR 'L-peptide linking' y TYROSINE        ? 'C9 H11 N O3'    181.189 
VAL 'L-peptide linking' y VALINE          ? 'C5 H11 N O2'    117.146 
# 
loop_
_pdbx_poly_seq_scheme.asym_id 
_pdbx_poly_seq_scheme.entity_id 
_pdbx_poly_seq_scheme.seq_id 
_pdbx_poly_seq_scheme.mon_id 
_pdbx_poly_seq_scheme.ndb_seq_num 
_pdbx_poly_seq_scheme.pdb_seq_num 
_pdbx_poly_seq_scheme.auth_seq_num 
_pdbx_poly_seq_scheme.pdb_mon_id 
_pdbx_poly_seq_scheme.auth_mon_id 
_pdbx_poly_seq_scheme.pdb_strand_id 
_pdbx_poly_seq_scheme.pdb_ins_code 
_pdbx_poly_seq_scheme.hetero 
A 1 1   MET 1   1   1   MET MET A . n 
A 1 2   THR 2   2   2   THR THR A . n 
A 1 3   ARG 3   3   3   ARG ARG A . n 
A 1 4   LEU 4   4   4   LEU LEU A . n 
A 1 5   PRO 5   5   5   PRO PRO A . n 
A 1 6   LYS 6   6   6   LYS LYS A . n 
A 1 7   LEU 7   7   7   LEU LEU A . n 
A 1 8   ALA 8   8   8   ALA ALA A . n 
A 1 9   VAL 9   9   9   VAL VAL A . n 
A 1 10  PHE 10  10  10  PHE PHE A . n 
A 1 11  ASP 11  11  11  ASP ASP A . n 
A 1 12  LEU 12  12  12  LEU LEU A . n 
A 1 13  ASP 13  13  13  ASP ASP A . n 
A 1 14  TYR 14  14  14  TYR TYR A . n 
A 1 15  THR 15  15  15  THR THR A . n 
A 1 16  LEU 16  16  16  LEU LEU A . n 
A 1 17  TRP 17  17  17  TRP TRP A . n 
A 1 18  PRO 18  18  18  PRO PRO A . n 
A 1 19  PHE 19  19  19  PHE PHE A . n 
A 1 20  TRP 20  20  20  TRP TRP A . n 
A 1 21  VAL 21  21  21  VAL VAL A . n 
A 1 22  ASP 22  22  22  ASP ASP A . n 
A 1 23  THR 23  23  23  THR THR A . n 
A 1 24  HIS 24  24  24  HIS HIS A . n 
A 1 25  VAL 25  25  25  VAL VAL A . n 
A 1 26  ASP 26  26  26  ASP ASP A . n 
A 1 27  PRO 27  27  27  PRO PRO A . n 
A 1 28  PRO 28  28  28  PRO PRO A . n 
A 1 29  PHE 29  29  29  PHE PHE A . n 
A 1 30  HIS 30  30  30  HIS HIS A . n 
A 1 31  LYS 31  31  31  LYS LYS A . n 
A 1 32  SER 32  32  32  SER SER A . n 
A 1 33  SER 33  33  33  SER SER A . n 
A 1 34  ASP 34  34  34  ASP ASP A . n 
A 1 35  GLY 35  35  35  GLY GLY A . n 
A 1 36  THR 36  36  36  THR THR A . n 
A 1 37  VAL 37  37  37  VAL VAL A . n 
A 1 38  ARG 38  38  38  ARG ARG A . n 
A 1 39  ASP 39  39  39  ASP ASP A . n 
A 1 40  ARG 40  40  40  ARG ARG A . n 
A 1 41  ARG 41  41  41  ARG ARG A . n 
A 1 42  GLY 42  42  42  GLY GLY A . n 
A 1 43  GLN 43  43  43  GLN GLN A . n 
A 1 44  ASN 44  44  44  ASN ASN A . n 
A 1 45  ILE 45  45  45  ILE ILE A . n 
A 1 46  GLN 46  46  46  GLN GLN A . n 
A 1 47  LEU 47  47  47  LEU LEU A . n 
A 1 48  TYR 48  48  48  TYR TYR A . n 
A 1 49  PRO 49  49  49  PRO PRO A . n 
A 1 50  GLU 50  50  50  GLU GLU A . n 
A 1 51  VAL 51  51  51  VAL VAL A . n 
A 1 52  PRO 52  52  52  PRO PRO A . n 
A 1 53  GLU 53  53  53  GLU GLU A . n 
A 1 54  VAL 54  54  54  VAL VAL A . n 
A 1 55  LEU 55  55  55  LEU LEU A . n 
A 1 56  GLY 56  56  56  GLY GLY A . n 
A 1 57  ARG 57  57  57  ARG ARG A . n 
A 1 58  LEU 58  58  58  LEU LEU A . n 
A 1 59  GLN 59  59  59  GLN GLN A . n 
A 1 60  SER 60  60  60  SER SER A . n 
A 1 61  LEU 61  61  61  LEU LEU A . n 
A 1 62  GLY 62  62  62  GLY GLY A . n 
A 1 63  VAL 63  63  63  VAL VAL A . n 
A 1 64  PRO 64  64  64  PRO PRO A . n 
A 1 65  VAL 65  65  65  VAL VAL A . n 
A 1 66  ALA 66  66  66  ALA ALA A . n 
A 1 67  ALA 67  67  67  ALA ALA A . n 
A 1 68  ALA 68  68  68  ALA ALA A . n 
A 1 69  SER 69  69  69  SER SER A . n 
A 1 70  ARG 70  70  70  ARG ARG A . n 
A 1 71  THR 71  71  71  THR THR A . n 
A 1 72  SER 72  72  72  SER SER A . n 
A 1 73  GLU 73  73  73  GLU GLU A . n 
A 1 74  ILE 74  74  74  ILE ILE A . n 
A 1 75  GLN 75  75  75  GLN GLN A . n 
A 1 76  GLY 76  76  76  GLY GLY A . n 
A 1 77  ALA 77  77  77  ALA ALA A . n 
A 1 78  ASN 78  78  78  ASN ASN A . n 
A 1 79  GLN 79  79  79  GLN GLN A . n 
A 1 80  LEU 80  80  80  LEU LEU A . n 
A 1 81  LEU 81  81  81  LEU LEU A . n 
A 1 82  GLU 82  82  82  GLU GLU A . n 
A 1 83  LEU 83  83  83  LEU LEU A . n 
A 1 84  PHE 84  84  84  PHE PHE A . n 
A 1 85  ASP 85  85  85  ASP ASP A . n 
A 1 86  LEU 86  86  86  LEU LEU A . n 
A 1 87  GLY 87  87  87  GLY GLY A . n 
A 1 88  LYS 88  88  88  LYS LYS A . n 
A 1 89  TYR 89  89  89  TYR TYR A . n 
A 1 90  PHE 90  90  90  PHE PHE A . n 
A 1 91  ILE 91  91  91  ILE ILE A . n 
A 1 92  GLN 92  92  92  GLN GLN A . n 
A 1 93  ARG 93  93  93  ARG ARG A . n 
A 1 94  GLU 94  94  94  GLU GLU A . n 
A 1 95  ILE 95  95  95  ILE ILE A . n 
A 1 96  TYR 96  96  96  TYR TYR A . n 
A 1 97  PRO 97  97  97  PRO PRO A . n 
A 1 98  GLY 98  98  98  GLY GLY A . n 
A 1 99  SER 99  99  99  SER SER A . n 
A 1 100 LYS 100 100 100 LYS LYS A . n 
A 1 101 VAL 101 101 101 VAL VAL A . n 
A 1 102 THR 102 102 102 THR THR A . n 
A 1 103 HIS 103 103 103 HIS HIS A . n 
A 1 104 PHE 104 104 104 PHE PHE A . n 
A 1 105 GLU 105 105 105 GLU GLU A . n 
A 1 106 ARG 106 106 106 ARG ARG A . n 
A 1 107 LEU 107 107 107 LEU LEU A . n 
A 1 108 HIS 108 108 108 HIS HIS A . n 
A 1 109 HIS 109 109 109 HIS HIS A . n 
A 1 110 LYS 110 110 110 LYS LYS A . n 
A 1 111 THR 111 111 111 THR THR A . n 
A 1 112 GLY 112 112 112 GLY GLY A . n 
A 1 113 VAL 113 113 113 VAL VAL A . n 
A 1 114 PRO 114 114 114 PRO PRO A . n 
A 1 115 PHE 115 115 115 PHE PHE A . n 
A 1 116 SER 116 116 116 SER SER A . n 
A 1 117 GLN 117 117 117 GLN GLN A . n 
A 1 118 MET 118 118 118 MET MET A . n 
A 1 119 VAL 119 119 119 VAL VAL A . n 
A 1 120 PHE 120 120 120 PHE PHE A . n 
A 1 121 PHE 121 121 121 PHE PHE A . n 
A 1 122 ASP 122 122 122 ASP ASP A . n 
A 1 123 ASP 123 123 123 ASP ASP A . n 
A 1 124 GLU 124 124 124 GLU GLU A . n 
A 1 125 ASN 125 125 125 ASN ASN A . n 
A 1 126 ARG 126 126 126 ARG ARG A . n 
A 1 127 ASN 127 127 127 ASN ASN A . n 
A 1 128 ILE 128 128 128 ILE ILE A . n 
A 1 129 ILE 129 129 129 ILE ILE A . n 
A 1 130 ASP 130 130 130 ASP ASP A . n 
A 1 131 VAL 131 131 131 VAL VAL A . n 
A 1 132 GLY 132 132 132 GLY GLY A . n 
A 1 133 ARG 133 133 133 ARG ARG A . n 
A 1 134 LEU 134 134 134 LEU LEU A . n 
A 1 135 GLY 135 135 135 GLY GLY A . n 
A 1 136 VAL 136 136 136 VAL VAL A . n 
A 1 137 THR 137 137 137 THR THR A . n 
A 1 138 CYS 138 138 138 CYS CYS A . n 
A 1 139 ILE 139 139 139 ILE ILE A . n 
A 1 140 HIS 140 140 140 HIS HIS A . n 
A 1 141 ILE 141 141 141 ILE ILE A . n 
A 1 142 ARG 142 142 142 ARG ARG A . n 
A 1 143 ASP 143 143 143 ASP ASP A . n 
A 1 144 GLY 144 144 144 GLY GLY A . n 
A 1 145 MET 145 145 145 MET MET A . n 
A 1 146 SER 146 146 146 SER SER A . n 
A 1 147 LEU 147 147 147 LEU LEU A . n 
A 1 148 GLN 148 148 148 GLN GLN A . n 
A 1 149 THR 149 149 149 THR THR A . n 
A 1 150 LEU 150 150 150 LEU LEU A . n 
A 1 151 THR 151 151 151 THR THR A . n 
A 1 152 GLN 152 152 152 GLN GLN A . n 
A 1 153 GLY 153 153 153 GLY GLY A . n 
A 1 154 LEU 154 154 154 LEU LEU A . n 
A 1 155 GLU 155 155 155 GLU GLU A . n 
A 1 156 THR 156 156 156 THR THR A . n 
A 1 157 PHE 157 157 157 PHE PHE A . n 
A 1 158 ALA 158 158 158 ALA ALA A . n 
A 1 159 LYS 159 159 159 LYS LYS A . n 
A 1 160 ALA 160 160 160 ALA ALA A . n 
A 1 161 GLN 161 161 161 GLN GLN A . n 
A 1 162 ALA 162 162 162 ALA ALA A . n 
A 1 163 GLY 163 163 163 GLY GLY A . n 
A 1 164 LEU 164 164 ?   ?   ?   A . n 
# 
loop_
_pdbx_nonpoly_scheme.asym_id 
_pdbx_nonpoly_scheme.entity_id 
_pdbx_nonpoly_scheme.mon_id 
_pdbx_nonpoly_scheme.ndb_seq_num 
_pdbx_nonpoly_scheme.pdb_seq_num 
_pdbx_nonpoly_scheme.auth_seq_num 
_pdbx_nonpoly_scheme.pdb_mon_id 
_pdbx_nonpoly_scheme.auth_mon_id 
_pdbx_nonpoly_scheme.pdb_strand_id 
_pdbx_nonpoly_scheme.pdb_ins_code 
B 2 ACT 1  165 101 ACT ACT A . 
C 2 ACT 1  166 102 ACT ACT A . 
D 3 HOH 1  167 1   HOH HOH A . 
D 3 HOH 2  168 2   HOH HOH A . 
D 3 HOH 3  169 3   HOH HOH A . 
D 3 HOH 4  170 4   HOH HOH A . 
D 3 HOH 5  171 5   HOH HOH A . 
D 3 HOH 6  172 6   HOH HOH A . 
D 3 HOH 7  173 7   HOH HOH A . 
D 3 HOH 8  174 8   HOH HOH A . 
D 3 HOH 9  175 9   HOH HOH A . 
D 3 HOH 10 176 10  HOH HOH A . 
D 3 HOH 11 177 11  HOH HOH A . 
D 3 HOH 12 178 12  HOH HOH A . 
D 3 HOH 13 179 13  HOH HOH A . 
D 3 HOH 14 180 14  HOH HOH A . 
D 3 HOH 15 181 15  HOH HOH A . 
D 3 HOH 16 182 16  HOH HOH A . 
D 3 HOH 17 183 17  HOH HOH A . 
D 3 HOH 18 184 18  HOH HOH A . 
D 3 HOH 19 185 19  HOH HOH A . 
D 3 HOH 20 186 20  HOH HOH A . 
D 3 HOH 21 187 21  HOH HOH A . 
D 3 HOH 22 188 22  HOH HOH A . 
D 3 HOH 23 189 23  HOH HOH A . 
D 3 HOH 24 190 24  HOH HOH A . 
D 3 HOH 25 191 25  HOH HOH A . 
D 3 HOH 26 192 26  HOH HOH A . 
D 3 HOH 27 193 27  HOH HOH A . 
D 3 HOH 28 194 28  HOH HOH A . 
D 3 HOH 29 195 29  HOH HOH A . 
D 3 HOH 30 196 30  HOH HOH A . 
D 3 HOH 31 197 31  HOH HOH A . 
D 3 HOH 32 198 32  HOH HOH A . 
D 3 HOH 33 199 33  HOH HOH A . 
D 3 HOH 34 200 34  HOH HOH A . 
D 3 HOH 35 201 35  HOH HOH A . 
D 3 HOH 36 202 36  HOH HOH A . 
D 3 HOH 37 203 37  HOH HOH A . 
D 3 HOH 38 204 38  HOH HOH A . 
D 3 HOH 39 205 39  HOH HOH A . 
D 3 HOH 40 206 40  HOH HOH A . 
D 3 HOH 41 207 41  HOH HOH A . 
D 3 HOH 42 208 42  HOH HOH A . 
D 3 HOH 43 209 43  HOH HOH A . 
D 3 HOH 44 210 44  HOH HOH A . 
D 3 HOH 45 211 45  HOH HOH A . 
D 3 HOH 46 212 46  HOH HOH A . 
D 3 HOH 47 213 47  HOH HOH A . 
D 3 HOH 48 214 48  HOH HOH A . 
D 3 HOH 49 215 49  HOH HOH A . 
D 3 HOH 50 216 50  HOH HOH A . 
D 3 HOH 51 217 51  HOH HOH A . 
D 3 HOH 52 218 52  HOH HOH A . 
D 3 HOH 53 219 53  HOH HOH A . 
D 3 HOH 54 220 54  HOH HOH A . 
D 3 HOH 55 221 55  HOH HOH A . 
D 3 HOH 56 222 56  HOH HOH A . 
D 3 HOH 57 223 57  HOH HOH A . 
D 3 HOH 58 224 58  HOH HOH A . 
D 3 HOH 59 225 59  HOH HOH A . 
D 3 HOH 60 226 60  HOH HOH A . 
D 3 HOH 61 227 61  HOH HOH A . 
D 3 HOH 62 228 62  HOH HOH A . 
D 3 HOH 63 229 63  HOH HOH A . 
D 3 HOH 64 230 64  HOH HOH A . 
D 3 HOH 65 231 65  HOH HOH A . 
D 3 HOH 66 232 66  HOH HOH A . 
D 3 HOH 67 233 67  HOH HOH A . 
D 3 HOH 68 234 68  HOH HOH A . 
D 3 HOH 69 235 69  HOH HOH A . 
D 3 HOH 70 236 70  HOH HOH A . 
D 3 HOH 71 237 71  HOH HOH A . 
D 3 HOH 72 238 72  HOH HOH A . 
D 3 HOH 73 239 73  HOH HOH A . 
D 3 HOH 74 240 74  HOH HOH A . 
D 3 HOH 75 241 75  HOH HOH A . 
D 3 HOH 76 242 76  HOH HOH A . 
D 3 HOH 77 243 77  HOH HOH A . 
D 3 HOH 78 244 78  HOH HOH A . 
D 3 HOH 79 245 79  HOH HOH A . 
D 3 HOH 80 246 80  HOH HOH A . 
D 3 HOH 81 247 81  HOH HOH A . 
D 3 HOH 82 248 82  HOH HOH A . 
D 3 HOH 83 249 83  HOH HOH A . 
D 3 HOH 84 250 84  HOH HOH A . 
D 3 HOH 85 251 85  HOH HOH A . 
D 3 HOH 86 252 86  HOH HOH A . 
D 3 HOH 87 253 87  HOH HOH A . 
D 3 HOH 88 254 88  HOH HOH A . 
D 3 HOH 89 255 89  HOH HOH A . 
D 3 HOH 90 256 90  HOH HOH A . 
D 3 HOH 91 257 91  HOH HOH A . 
D 3 HOH 92 258 92  HOH HOH A . 
D 3 HOH 93 259 93  HOH HOH A . 
D 3 HOH 94 260 94  HOH HOH A . 
D 3 HOH 95 261 95  HOH HOH A . 
D 3 HOH 96 262 96  HOH HOH A . 
D 3 HOH 97 263 97  HOH HOH A . 
D 3 HOH 98 264 98  HOH HOH A . 
D 3 HOH 99 265 99  HOH HOH A . 
# 
loop_
_pdbx_unobs_or_zero_occ_atoms.id 
_pdbx_unobs_or_zero_occ_atoms.PDB_model_num 
_pdbx_unobs_or_zero_occ_atoms.polymer_flag 
_pdbx_unobs_or_zero_occ_atoms.occupancy_flag 
_pdbx_unobs_or_zero_occ_atoms.auth_asym_id 
_pdbx_unobs_or_zero_occ_atoms.auth_comp_id 
_pdbx_unobs_or_zero_occ_atoms.auth_seq_id 
_pdbx_unobs_or_zero_occ_atoms.PDB_ins_code 
_pdbx_unobs_or_zero_occ_atoms.auth_atom_id 
_pdbx_unobs_or_zero_occ_atoms.label_alt_id 
_pdbx_unobs_or_zero_occ_atoms.label_asym_id 
_pdbx_unobs_or_zero_occ_atoms.label_comp_id 
_pdbx_unobs_or_zero_occ_atoms.label_seq_id 
_pdbx_unobs_or_zero_occ_atoms.label_atom_id 
1 1 Y 1 A GLY 163 ? CA ? A GLY 163 CA 
2 1 Y 1 A GLY 163 ? C  ? A GLY 163 C  
3 1 Y 1 A GLY 163 ? O  ? A GLY 163 O  
# 
loop_
_software.name 
_software.classification 
_software.version 
_software.citation_id 
_software.pdbx_ordinal 
DENZO     'data reduction' .   ? 1 
SCALEPACK 'data scaling'   .   ? 2 
MOLREP    phasing          .   ? 3 
CNS       refinement       1.1 ? 4 
# 
_cell.entry_id           1U7O 
_cell.length_a           59.405 
_cell.length_b           59.405 
_cell.length_c           99.557 
_cell.angle_alpha        90.00 
_cell.angle_beta         90.00 
_cell.angle_gamma        90.00 
_cell.Z_PDB              8 
_cell.pdbx_unique_axis   ? 
# 
_symmetry.entry_id                         1U7O 
_symmetry.space_group_name_H-M             'P 43 21 2' 
_symmetry.pdbx_full_space_group_name_H-M   ? 
_symmetry.cell_setting                     ? 
_symmetry.Int_Tables_number                96 
_symmetry.space_group_name_Hall            ? 
# 
_exptl.entry_id          1U7O 
_exptl.crystals_number   1 
_exptl.method            'X-RAY DIFFRACTION' 
# 
_exptl_crystal.id                    1 
_exptl_crystal.density_meas          ? 
_exptl_crystal.density_percent_sol   47.9 
_exptl_crystal.density_Matthews      2.4 
_exptl_crystal.description           ? 
_exptl_crystal.F_000                 ? 
_exptl_crystal.preparation           ? 
# 
_exptl_crystal_grow.crystal_id      1 
_exptl_crystal_grow.method          'VAPOR DIFFUSION, HANGING DROP' 
_exptl_crystal_grow.pH              8.0 
_exptl_crystal_grow.temp            291 
_exptl_crystal_grow.temp_details    ? 
_exptl_crystal_grow.pdbx_details    'PEG 4000, sodium acetate, pH 8.0, VAPOR DIFFUSION, HANGING DROP, temperature 291K' 
_exptl_crystal_grow.pdbx_pH_range   . 
# 
_diffrn.id                     1 
_diffrn.ambient_temp           100.0 
_diffrn.ambient_temp_details   ? 
_diffrn.crystal_id             1 
# 
_diffrn_detector.diffrn_id              1 
_diffrn_detector.detector               'IMAGE PLATE' 
_diffrn_detector.type                   'RIGAKU RAXIS IV' 
_diffrn_detector.pdbx_collection_date   2003-08-20 
_diffrn_detector.details                'osmic mirrors' 
# 
_diffrn_radiation.diffrn_id                        1 
_diffrn_radiation.wavelength_id                    1 
_diffrn_radiation.pdbx_diffrn_protocol             'SINGLE WAVELENGTH' 
_diffrn_radiation.monochromator                    'OSMIC MIRRORS' 
_diffrn_radiation.pdbx_monochromatic_or_laue_m_l   M 
_diffrn_radiation.pdbx_scattering_type             x-ray 
# 
_diffrn_radiation_wavelength.id           1 
_diffrn_radiation_wavelength.wavelength   1.5418 
_diffrn_radiation_wavelength.wt           1.0 
# 
_diffrn_source.diffrn_id                   1 
_diffrn_source.source                      'ROTATING ANODE' 
_diffrn_source.type                        'RIGAKU RU300' 
_diffrn_source.pdbx_wavelength             ? 
_diffrn_source.pdbx_wavelength_list        1.5418 
_diffrn_source.pdbx_synchrotron_site       ? 
_diffrn_source.pdbx_synchrotron_beamline   ? 
# 
_reflns.entry_id                     1U7O 
_reflns.d_resolution_high            1.90 
_reflns.d_resolution_low             19.42 
_reflns.limit_h_max                  31 
_reflns.limit_h_min                  0 
_reflns.limit_k_max                  22 
_reflns.limit_k_min                  0 
_reflns.limit_l_max                  52 
_reflns.limit_l_min                  0 
_reflns.number_all                   14718 
_reflns.observed_criterion_sigma_F   0.0 
_reflns.observed_criterion_F_max     445297.83 
_reflns.observed_criterion_F_min     0.770000 
_reflns.B_iso_Wilson_estimate        12.5 
_reflns.observed_criterion_sigma_I   0.0 
_reflns.number_obs                   14675 
_reflns.percent_possible_obs         99.7 
_reflns.pdbx_Rmerge_I_obs            ? 
_reflns.pdbx_Rsym_value              0.07 
_reflns.pdbx_netI_over_sigmaI        20.8 
_reflns.pdbx_redundancy              5.5 
_reflns.R_free_details               ? 
_reflns.pdbx_chi_squared             ? 
_reflns.pdbx_scaling_rejects         ? 
_reflns.pdbx_diffrn_id               1 
_reflns.pdbx_ordinal                 1 
# 
_reflns_shell.d_res_high             1.90 
_reflns_shell.d_res_low              1.97 
_reflns_shell.percent_possible_obs   ? 
_reflns_shell.percent_possible_all   99.7 
_reflns_shell.Rmerge_I_obs           ? 
_reflns_shell.meanI_over_sigI_obs    ? 
_reflns_shell.pdbx_Rsym_value        0.435 
_reflns_shell.pdbx_redundancy        5.4 
_reflns_shell.number_unique_all      1433 
_reflns_shell.number_measured_all    ? 
_reflns_shell.number_measured_obs    ? 
_reflns_shell.number_unique_obs      ? 
_reflns_shell.pdbx_chi_squared       ? 
_reflns_shell.pdbx_diffrn_id         ? 
_reflns_shell.pdbx_ordinal           1 
# 
_refine.entry_id                                 1U7O 
_refine.ls_number_reflns_all                     14661 
_refine.ls_number_reflns_obs                     14263 
_refine.ls_percent_reflns_obs                    97.3 
_refine.ls_d_res_high                            1.90 
_refine.ls_d_res_low                             19.42 
_refine.B_iso_min                                9.63 
_refine.B_iso_max                                62.08 
_refine.B_iso_mean                               22.40 
_refine.occupancy_min                            0.50 
_refine.occupancy_max                            1.00 
_refine.solvent_model_param_bsol                 53.5491 
_refine.solvent_model_param_ksol                 0.401103 
_refine.solvent_model_details                    'CNS bulk solvent model used' 
_refine.ls_R_factor_R_work                       0.2 
_refine.ls_R_factor_R_free                       0.225 
_refine.ls_R_factor_R_free_error                 0.006 
_refine.ls_number_reflns_R_free                  1451 
_refine.ls_percent_reflns_R_free                 10.2 
_refine.details                                  ? 
_refine.pdbx_ls_sigma_F                          0.0 
_refine.pdbx_ls_sigma_I                          ? 
_refine.ls_R_factor_all                          0.214 
_refine.ls_R_factor_obs                          0.214 
_refine.ls_redundancy_reflns_obs                 ? 
_refine.pdbx_data_cutoff_high_absF               ? 
_refine.pdbx_data_cutoff_low_absF                ? 
_refine.ls_number_parameters                     ? 
_refine.ls_number_restraints                     ? 
_refine.ls_R_factor_R_free_error_details         ? 
_refine.pdbx_method_to_determine_struct          'MOLECULAR REPLACEMENT' 
_refine.pdbx_starting_model                      'MAD phased structure at lower resolution' 
_refine.pdbx_ls_cross_valid_method               THROUGHOUT 
_refine.pdbx_R_Free_selection_details            random 
_refine.pdbx_stereochem_target_val_spec_case     ? 
_refine.pdbx_stereochemistry_target_values       'Engh & Huber' 
_refine.pdbx_isotropic_thermal_model             isotropic 
_refine.aniso_B[1][1]                            ? 
_refine.aniso_B[1][2]                            ? 
_refine.aniso_B[1][3]                            ? 
_refine.aniso_B[2][2]                            ? 
_refine.aniso_B[2][3]                            ? 
_refine.aniso_B[3][3]                            ? 
_refine.correlation_coeff_Fo_to_Fc               ? 
_refine.correlation_coeff_Fo_to_Fc_free          ? 
_refine.pdbx_solvent_vdw_probe_radii             ? 
_refine.pdbx_solvent_ion_probe_radii             ? 
_refine.pdbx_solvent_shrinkage_radii             ? 
_refine.overall_SU_R_Cruickshank_DPI             ? 
_refine.overall_SU_R_free                        ? 
_refine.overall_SU_B                             ? 
_refine.overall_SU_ML                            ? 
_refine.pdbx_overall_ESU_R                       ? 
_refine.pdbx_overall_ESU_R_Free                  ? 
_refine.pdbx_data_cutoff_high_rms_absF           ? 
_refine.ls_wR_factor_R_free                      ? 
_refine.ls_wR_factor_R_work                      ? 
_refine.overall_FOM_free_R_set                   ? 
_refine.overall_FOM_work_R_set                   ? 
_refine.pdbx_refine_id                           'X-RAY DIFFRACTION' 
_refine.pdbx_diffrn_id                           1 
_refine.pdbx_TLS_residual_ADP_flag               ? 
_refine.pdbx_overall_phase_error                 ? 
_refine.pdbx_overall_SU_R_free_Cruickshank_DPI   ? 
_refine.pdbx_overall_SU_R_Blow_DPI               ? 
_refine.pdbx_overall_SU_R_free_Blow_DPI          ? 
# 
_refine_analyze.entry_id                        1U7O 
_refine_analyze.Luzzati_d_res_low_obs           5.00 
_refine_analyze.pdbx_Luzzati_d_res_high_obs     1.90 
_refine_analyze.Luzzati_coordinate_error_obs    0.20 
_refine_analyze.Luzzati_sigma_a_obs             0.14 
_refine_analyze.Luzzati_coordinate_error_free   0.24 
_refine_analyze.Luzzati_sigma_a_free            0.20 
_refine_analyze.Luzzati_d_res_low_free          ? 
_refine_analyze.number_disordered_residues      ? 
_refine_analyze.occupancy_sum_non_hydrogen      ? 
_refine_analyze.occupancy_sum_hydrogen          ? 
_refine_analyze.pdbx_refine_id                  'X-RAY DIFFRACTION' 
# 
_refine_hist.pdbx_refine_id                   'X-RAY DIFFRACTION' 
_refine_hist.cycle_id                         LAST 
_refine_hist.pdbx_number_atoms_protein        1301 
_refine_hist.pdbx_number_atoms_nucleic_acid   0 
_refine_hist.pdbx_number_atoms_ligand         8 
_refine_hist.number_atoms_solvent             99 
_refine_hist.number_atoms_total               1408 
_refine_hist.d_res_high                       1.90 
_refine_hist.d_res_low                        19.42 
# 
loop_
_refine_ls_restr.type 
_refine_ls_restr.dev_ideal 
_refine_ls_restr.dev_ideal_target 
_refine_ls_restr.number 
_refine_ls_restr.weight 
_refine_ls_restr.pdbx_refine_id 
_refine_ls_restr.pdbx_restraint_function 
x_bond_d           0.005 .    ? ? 'X-RAY DIFFRACTION' ? 
x_angle_deg        1.3   .    ? ? 'X-RAY DIFFRACTION' ? 
x_torsion_deg      22.5  .    ? ? 'X-RAY DIFFRACTION' ? 
x_torsion_impr_deg 0.84  .    ? ? 'X-RAY DIFFRACTION' ? 
x_mcbond_it        1.32  1.50 ? ? 'X-RAY DIFFRACTION' ? 
x_mcangle_it       2.06  2.00 ? ? 'X-RAY DIFFRACTION' ? 
x_scbond_it        2.01  2.00 ? ? 'X-RAY DIFFRACTION' ? 
x_scangle_it       3.02  2.50 ? ? 'X-RAY DIFFRACTION' ? 
# 
loop_
_refine_ls_shell.d_res_high 
_refine_ls_shell.d_res_low 
_refine_ls_shell.number_reflns_all 
_refine_ls_shell.number_reflns_obs 
_refine_ls_shell.number_reflns_R_work 
_refine_ls_shell.percent_reflns_obs 
_refine_ls_shell.R_factor_R_work 
_refine_ls_shell.R_factor_R_free 
_refine_ls_shell.R_factor_R_free_error 
_refine_ls_shell.number_reflns_R_free 
_refine_ls_shell.percent_reflns_R_free 
_refine_ls_shell.pdbx_total_number_of_bins_used 
_refine_ls_shell.redundancy_reflns_obs 
_refine_ls_shell.pdbx_refine_id 
_refine_ls_shell.R_factor_all 
1.90 1.99  1785 1683 1503 94.3 0.237 0.287 0.021 180 10.7 . . 'X-RAY DIFFRACTION' . 
1.99 2.09  1780 1692 1540 95.1 0.213 0.256 0.021 152 9.0  . . 'X-RAY DIFFRACTION' . 
2.09 2.22  1808 1737 1560 96.0 0.206 0.26  0.020 177 10.2 . . 'X-RAY DIFFRACTION' . 
2.22 2.39  1797 1752 1562 97.4 0.2   0.25  0.018 190 10.8 . . 'X-RAY DIFFRACTION' . 
2.39 2.63  1834 1795 1606 97.8 0.204 0.254 0.018 189 10.5 . . 'X-RAY DIFFRACTION' . 
2.63 3.01  1827 1805 1618 98.7 0.213 0.242 0.018 187 10.4 . . 'X-RAY DIFFRACTION' . 
3.01 3.79  1852 1834 1657 99.0 0.192 0.196 0.015 177 9.7  . . 'X-RAY DIFFRACTION' . 
3.79 19.42 1984 1965 1766 99.0 0.187 0.192 0.014 199 10.1 . . 'X-RAY DIFFRACTION' . 
# 
loop_
_pdbx_xplor_file.serial_no 
_pdbx_xplor_file.param_file 
_pdbx_xplor_file.topol_file 
_pdbx_xplor_file.pdbx_refine_id 
1 protein_rep.param protein.top 'X-RAY DIFFRACTION' 
2 water_rep.param   water.top   'X-RAY DIFFRACTION' 
3 act.param         act.top     'X-RAY DIFFRACTION' 
# 
_struct.entry_id                  1U7O 
_struct.title                     'Magnesium Dependent Phosphatase 1 (MDP-1)' 
_struct.pdbx_model_details        ? 
_struct.pdbx_CASP_flag            ? 
_struct.pdbx_model_type_details   ? 
# 
_struct_keywords.entry_id        1U7O 
_struct_keywords.pdbx_keywords   HYDROLASE 
_struct_keywords.text            
;HAD superfamily, phosphoryl transfer, phosphotyrosine phosphatase, aspartate nucleophile, enzyme evolution, structural enzymology, class III, HYDROLASE
;
# 
loop_
_struct_asym.id 
_struct_asym.pdbx_blank_PDB_chainid_flag 
_struct_asym.pdbx_modified 
_struct_asym.entity_id 
_struct_asym.details 
A N N 1 ? 
B N N 2 ? 
C N N 2 ? 
D N N 3 ? 
# 
_struct_ref.id                         1 
_struct_ref.db_name                    UNP 
_struct_ref.db_code                    Q9D967_MOUSE 
_struct_ref.pdbx_db_accession          Q9D967 
_struct_ref.entity_id                  1 
_struct_ref.pdbx_seq_one_letter_code   
;MTRLPKLAVFDLDYTLWPFWVDTHVDPPFHKSSDGTVRDRRGQNIQLYPEVPEVLGRLQSLGVPVAAASRTSEIQGANQL
LELFDLGKYFIQREIYPGSKVTHFERLHHKTGVPFSQMVFFDDENRNIIDVGRLGVTCIHIRDGMSLQTLTQGLETFAKA
QAGL
;
_struct_ref.pdbx_align_begin           1 
_struct_ref.pdbx_db_isoform            ? 
# 
_struct_ref_seq.align_id                      1 
_struct_ref_seq.ref_id                        1 
_struct_ref_seq.pdbx_PDB_id_code              1U7O 
_struct_ref_seq.pdbx_strand_id                A 
_struct_ref_seq.seq_align_beg                 1 
_struct_ref_seq.pdbx_seq_align_beg_ins_code   ? 
_struct_ref_seq.seq_align_end                 164 
_struct_ref_seq.pdbx_seq_align_end_ins_code   ? 
_struct_ref_seq.pdbx_db_accession             Q9D967 
_struct_ref_seq.db_align_beg                  1 
_struct_ref_seq.pdbx_db_align_beg_ins_code    ? 
_struct_ref_seq.db_align_end                  164 
_struct_ref_seq.pdbx_db_align_end_ins_code    ? 
_struct_ref_seq.pdbx_auth_seq_align_beg       1 
_struct_ref_seq.pdbx_auth_seq_align_end       164 
# 
_pdbx_struct_assembly.id                   1 
_pdbx_struct_assembly.details              author_defined_assembly 
_pdbx_struct_assembly.method_details       ? 
_pdbx_struct_assembly.oligomeric_details   monomeric 
_pdbx_struct_assembly.oligomeric_count     1 
# 
_pdbx_struct_assembly_gen.assembly_id       1 
_pdbx_struct_assembly_gen.oper_expression   1 
_pdbx_struct_assembly_gen.asym_id_list      A,B,C,D 
# 
_pdbx_struct_oper_list.id                   1 
_pdbx_struct_oper_list.type                 'identity operation' 
_pdbx_struct_oper_list.name                 1_555 
_pdbx_struct_oper_list.symmetry_operation   x,y,z 
_pdbx_struct_oper_list.matrix[1][1]         1.0000000000 
_pdbx_struct_oper_list.matrix[1][2]         0.0000000000 
_pdbx_struct_oper_list.matrix[1][3]         0.0000000000 
_pdbx_struct_oper_list.vector[1]            0.0000000000 
_pdbx_struct_oper_list.matrix[2][1]         0.0000000000 
_pdbx_struct_oper_list.matrix[2][2]         1.0000000000 
_pdbx_struct_oper_list.matrix[2][3]         0.0000000000 
_pdbx_struct_oper_list.vector[2]            0.0000000000 
_pdbx_struct_oper_list.matrix[3][1]         0.0000000000 
_pdbx_struct_oper_list.matrix[3][2]         0.0000000000 
_pdbx_struct_oper_list.matrix[3][3]         1.0000000000 
_pdbx_struct_oper_list.vector[3]            0.0000000000 
# 
_struct_biol.id                    1 
_struct_biol.details               'The biological unit is a monomer' 
_struct_biol.pdbx_parent_biol_id   ? 
# 
loop_
_struct_conf.conf_type_id 
_struct_conf.id 
_struct_conf.pdbx_PDB_helix_id 
_struct_conf.beg_label_comp_id 
_struct_conf.beg_label_asym_id 
_struct_conf.beg_label_seq_id 
_struct_conf.pdbx_beg_PDB_ins_code 
_struct_conf.end_label_comp_id 
_struct_conf.end_label_asym_id 
_struct_conf.end_label_seq_id 
_struct_conf.pdbx_end_PDB_ins_code 
_struct_conf.beg_auth_comp_id 
_struct_conf.beg_auth_asym_id 
_struct_conf.beg_auth_seq_id 
_struct_conf.end_auth_comp_id 
_struct_conf.end_auth_asym_id 
_struct_conf.end_auth_seq_id 
_struct_conf.pdbx_PDB_helix_class 
_struct_conf.details 
_struct_conf.pdbx_PDB_helix_length 
HELX_P HELX_P1 1 GLU A 50  ? LEU A 61  ? GLU A 50  LEU A 61  1 ? 12 
HELX_P HELX_P2 2 GLU A 73  ? PHE A 84  ? GLU A 73  PHE A 84  1 ? 12 
HELX_P HELX_P3 3 LEU A 86  ? LYS A 88  ? LEU A 86  LYS A 88  5 ? 3  
HELX_P HELX_P4 4 SER A 99  ? GLY A 112 ? SER A 99  GLY A 112 1 ? 14 
HELX_P HELX_P5 5 PRO A 114 ? SER A 116 ? PRO A 114 SER A 116 5 ? 3  
HELX_P HELX_P6 6 GLU A 124 ? ARG A 133 ? GLU A 124 ARG A 133 1 ? 10 
HELX_P HELX_P7 7 SER A 146 ? GLN A 161 ? SER A 146 GLN A 161 1 ? 16 
# 
_struct_conf_type.id          HELX_P 
_struct_conf_type.criteria    ? 
_struct_conf_type.reference   ? 
# 
_struct_mon_prot_cis.pdbx_id                1 
_struct_mon_prot_cis.label_comp_id          PRO 
_struct_mon_prot_cis.label_seq_id           27 
_struct_mon_prot_cis.label_asym_id          A 
_struct_mon_prot_cis.label_alt_id           . 
_struct_mon_prot_cis.pdbx_PDB_ins_code      ? 
_struct_mon_prot_cis.auth_comp_id           PRO 
_struct_mon_prot_cis.auth_seq_id            27 
_struct_mon_prot_cis.auth_asym_id           A 
_struct_mon_prot_cis.pdbx_label_comp_id_2   PRO 
_struct_mon_prot_cis.pdbx_label_seq_id_2    28 
_struct_mon_prot_cis.pdbx_label_asym_id_2   A 
_struct_mon_prot_cis.pdbx_PDB_ins_code_2    ? 
_struct_mon_prot_cis.pdbx_auth_comp_id_2    PRO 
_struct_mon_prot_cis.pdbx_auth_seq_id_2     28 
_struct_mon_prot_cis.pdbx_auth_asym_id_2    A 
_struct_mon_prot_cis.pdbx_PDB_model_num     1 
_struct_mon_prot_cis.pdbx_omega_angle       -0.11 
# 
loop_
_struct_sheet.id 
_struct_sheet.type 
_struct_sheet.number_strands 
_struct_sheet.details 
A ? 5 ? 
B ? 3 ? 
# 
loop_
_struct_sheet_order.sheet_id 
_struct_sheet_order.range_id_1 
_struct_sheet_order.range_id_2 
_struct_sheet_order.offset 
_struct_sheet_order.sense 
A 1 2 ? parallel      
A 2 3 ? parallel      
A 3 4 ? parallel      
A 4 5 ? parallel      
B 1 2 ? anti-parallel 
B 2 3 ? anti-parallel 
# 
loop_
_struct_sheet_range.sheet_id 
_struct_sheet_range.id 
_struct_sheet_range.beg_label_comp_id 
_struct_sheet_range.beg_label_asym_id 
_struct_sheet_range.beg_label_seq_id 
_struct_sheet_range.pdbx_beg_PDB_ins_code 
_struct_sheet_range.end_label_comp_id 
_struct_sheet_range.end_label_asym_id 
_struct_sheet_range.end_label_seq_id 
_struct_sheet_range.pdbx_end_PDB_ins_code 
_struct_sheet_range.beg_auth_comp_id 
_struct_sheet_range.beg_auth_asym_id 
_struct_sheet_range.beg_auth_seq_id 
_struct_sheet_range.end_auth_comp_id 
_struct_sheet_range.end_auth_asym_id 
_struct_sheet_range.end_auth_seq_id 
A 1 PHE A 90  ? ILE A 95  ? PHE A 90  ILE A 95  
A 2 VAL A 65  ? SER A 69  ? VAL A 65  SER A 69  
A 3 LEU A 7   ? PHE A 10  ? LEU A 7   PHE A 10  
A 4 MET A 118 ? ASP A 122 ? MET A 118 ASP A 122 
A 5 THR A 137 ? HIS A 140 ? THR A 137 HIS A 140 
B 1 PHE A 29  ? LYS A 31  ? PHE A 29  LYS A 31  
B 2 VAL A 37  ? ASP A 39  ? VAL A 37  ASP A 39  
B 3 ASN A 44  ? ILE A 45  ? ASN A 44  ILE A 45  
# 
loop_
_pdbx_struct_sheet_hbond.sheet_id 
_pdbx_struct_sheet_hbond.range_id_1 
_pdbx_struct_sheet_hbond.range_id_2 
_pdbx_struct_sheet_hbond.range_1_label_atom_id 
_pdbx_struct_sheet_hbond.range_1_label_comp_id 
_pdbx_struct_sheet_hbond.range_1_label_asym_id 
_pdbx_struct_sheet_hbond.range_1_label_seq_id 
_pdbx_struct_sheet_hbond.range_1_PDB_ins_code 
_pdbx_struct_sheet_hbond.range_1_auth_atom_id 
_pdbx_struct_sheet_hbond.range_1_auth_comp_id 
_pdbx_struct_sheet_hbond.range_1_auth_asym_id 
_pdbx_struct_sheet_hbond.range_1_auth_seq_id 
_pdbx_struct_sheet_hbond.range_2_label_atom_id 
_pdbx_struct_sheet_hbond.range_2_label_comp_id 
_pdbx_struct_sheet_hbond.range_2_label_asym_id 
_pdbx_struct_sheet_hbond.range_2_label_seq_id 
_pdbx_struct_sheet_hbond.range_2_PDB_ins_code 
_pdbx_struct_sheet_hbond.range_2_auth_atom_id 
_pdbx_struct_sheet_hbond.range_2_auth_comp_id 
_pdbx_struct_sheet_hbond.range_2_auth_asym_id 
_pdbx_struct_sheet_hbond.range_2_auth_seq_id 
A 1 2 O ILE A 91  ? O ILE A 91  N VAL A 65  ? N VAL A 65  
A 2 3 O ALA A 66  ? O ALA A 66  N ALA A 8   ? N ALA A 8   
A 3 4 N VAL A 9   ? N VAL A 9   O VAL A 119 ? O VAL A 119 
A 4 5 N PHE A 120 ? N PHE A 120 O ILE A 139 ? O ILE A 139 
B 1 2 N HIS A 30  ? N HIS A 30  O ARG A 38  ? O ARG A 38  
B 2 3 N VAL A 37  ? N VAL A 37  O ILE A 45  ? O ILE A 45  
# 
loop_
_struct_site.id 
_struct_site.pdbx_evidence_code 
_struct_site.pdbx_auth_asym_id 
_struct_site.pdbx_auth_comp_id 
_struct_site.pdbx_auth_seq_id 
_struct_site.pdbx_auth_ins_code 
_struct_site.pdbx_num_residues 
_struct_site.details 
AC1 Software A ACT 165 ? 4 'BINDING SITE FOR RESIDUE ACT A 165' 
AC2 Software A ACT 166 ? 3 'BINDING SITE FOR RESIDUE ACT A 166' 
# 
loop_
_struct_site_gen.id 
_struct_site_gen.site_id 
_struct_site_gen.pdbx_num_res 
_struct_site_gen.label_comp_id 
_struct_site_gen.label_asym_id 
_struct_site_gen.label_seq_id 
_struct_site_gen.pdbx_auth_ins_code 
_struct_site_gen.auth_comp_id 
_struct_site_gen.auth_asym_id 
_struct_site_gen.auth_seq_id 
_struct_site_gen.label_atom_id 
_struct_site_gen.label_alt_id 
_struct_site_gen.symmetry 
_struct_site_gen.details 
1 AC1 4 HIS A 24 ? HIS A 24  . ? 1_555 ? 
2 AC1 4 ARG A 38 ? ARG A 38  . ? 8_665 ? 
3 AC1 4 GLN A 43 ? GLN A 43  . ? 1_555 ? 
4 AC1 4 HOH D .  ? HOH A 249 . ? 1_555 ? 
5 AC2 3 GLU A 50 ? GLU A 50  . ? 5_655 ? 
6 AC2 3 GLY A 98 ? GLY A 98  . ? 1_555 ? 
7 AC2 3 SER A 99 ? SER A 99  . ? 1_555 ? 
# 
_pdbx_validate_close_contact.id               1 
_pdbx_validate_close_contact.PDB_model_num    1 
_pdbx_validate_close_contact.auth_atom_id_1   OD1 
_pdbx_validate_close_contact.auth_asym_id_1   A 
_pdbx_validate_close_contact.auth_comp_id_1   ASP 
_pdbx_validate_close_contact.auth_seq_id_1    123 
_pdbx_validate_close_contact.PDB_ins_code_1   ? 
_pdbx_validate_close_contact.label_alt_id_1   ? 
_pdbx_validate_close_contact.auth_atom_id_2   O 
_pdbx_validate_close_contact.auth_asym_id_2   A 
_pdbx_validate_close_contact.auth_comp_id_2   HOH 
_pdbx_validate_close_contact.auth_seq_id_2    167 
_pdbx_validate_close_contact.PDB_ins_code_2   ? 
_pdbx_validate_close_contact.label_alt_id_2   ? 
_pdbx_validate_close_contact.dist             2.18 
# 
loop_
_pdbx_validate_torsion.id 
_pdbx_validate_torsion.PDB_model_num 
_pdbx_validate_torsion.auth_comp_id 
_pdbx_validate_torsion.auth_asym_id 
_pdbx_validate_torsion.auth_seq_id 
_pdbx_validate_torsion.PDB_ins_code 
_pdbx_validate_torsion.label_alt_id 
_pdbx_validate_torsion.phi 
_pdbx_validate_torsion.psi 
1 1 THR A 2  ? ? -49.22  152.01 
2 1 LEU A 12 ? ? -105.48 -61.77 
3 1 THR A 15 ? ? -133.26 -59.12 
4 1 THR A 23 ? ? -126.65 -54.43 
5 1 TYR A 96 ? ? 179.46  158.03 
# 
loop_
_refine_B_iso.class 
_refine_B_iso.treatment 
_refine_B_iso.pdbx_refine_id 
_refine_B_iso.details 
polymer    isotropic 'X-RAY DIFFRACTION' ? 
water      isotropic 'X-RAY DIFFRACTION' ? 
nonpolymer isotropic 'X-RAY DIFFRACTION' ? 
# 
_pdbx_unobs_or_zero_occ_residues.id               1 
_pdbx_unobs_or_zero_occ_residues.PDB_model_num    1 
_pdbx_unobs_or_zero_occ_residues.polymer_flag     Y 
_pdbx_unobs_or_zero_occ_residues.occupancy_flag   1 
_pdbx_unobs_or_zero_occ_residues.auth_asym_id     A 
_pdbx_unobs_or_zero_occ_residues.auth_comp_id     LEU 
_pdbx_unobs_or_zero_occ_residues.auth_seq_id      164 
_pdbx_unobs_or_zero_occ_residues.PDB_ins_code     ? 
_pdbx_unobs_or_zero_occ_residues.label_asym_id    A 
_pdbx_unobs_or_zero_occ_residues.label_comp_id    LEU 
_pdbx_unobs_or_zero_occ_residues.label_seq_id     164 
# 
loop_
_chem_comp_atom.comp_id 
_chem_comp_atom.atom_id 
_chem_comp_atom.type_symbol 
_chem_comp_atom.pdbx_aromatic_flag 
_chem_comp_atom.pdbx_stereo_config 
_chem_comp_atom.pdbx_ordinal 
ACT C    C N N 1   
ACT O    O N N 2   
ACT OXT  O N N 3   
ACT CH3  C N N 4   
ACT H1   H N N 5   
ACT H2   H N N 6   
ACT H3   H N N 7   
ALA N    N N N 8   
ALA CA   C N S 9   
ALA C    C N N 10  
ALA O    O N N 11  
ALA CB   C N N 12  
ALA OXT  O N N 13  
ALA H    H N N 14  
ALA H2   H N N 15  
ALA HA   H N N 16  
ALA HB1  H N N 17  
ALA HB2  H N N 18  
ALA HB3  H N N 19  
ALA HXT  H N N 20  
ARG N    N N N 21  
ARG CA   C N S 22  
ARG C    C N N 23  
ARG O    O N N 24  
ARG CB   C N N 25  
ARG CG   C N N 26  
ARG CD   C N N 27  
ARG NE   N N N 28  
ARG CZ   C N N 29  
ARG NH1  N N N 30  
ARG NH2  N N N 31  
ARG OXT  O N N 32  
ARG H    H N N 33  
ARG H2   H N N 34  
ARG HA   H N N 35  
ARG HB2  H N N 36  
ARG HB3  H N N 37  
ARG HG2  H N N 38  
ARG HG3  H N N 39  
ARG HD2  H N N 40  
ARG HD3  H N N 41  
ARG HE   H N N 42  
ARG HH11 H N N 43  
ARG HH12 H N N 44  
ARG HH21 H N N 45  
ARG HH22 H N N 46  
ARG HXT  H N N 47  
ASN N    N N N 48  
ASN CA   C N S 49  
ASN C    C N N 50  
ASN O    O N N 51  
ASN CB   C N N 52  
ASN CG   C N N 53  
ASN OD1  O N N 54  
ASN ND2  N N N 55  
ASN OXT  O N N 56  
ASN H    H N N 57  
ASN H2   H N N 58  
ASN HA   H N N 59  
ASN HB2  H N N 60  
ASN HB3  H N N 61  
ASN HD21 H N N 62  
ASN HD22 H N N 63  
ASN HXT  H N N 64  
ASP N    N N N 65  
ASP CA   C N S 66  
ASP C    C N N 67  
ASP O    O N N 68  
ASP CB   C N N 69  
ASP CG   C N N 70  
ASP OD1  O N N 71  
ASP OD2  O N N 72  
ASP OXT  O N N 73  
ASP H    H N N 74  
ASP H2   H N N 75  
ASP HA   H N N 76  
ASP HB2  H N N 77  
ASP HB3  H N N 78  
ASP HD2  H N N 79  
ASP HXT  H N N 80  
CYS N    N N N 81  
CYS CA   C N R 82  
CYS C    C N N 83  
CYS O    O N N 84  
CYS CB   C N N 85  
CYS SG   S N N 86  
CYS OXT  O N N 87  
CYS H    H N N 88  
CYS H2   H N N 89  
CYS HA   H N N 90  
CYS HB2  H N N 91  
CYS HB3  H N N 92  
CYS HG   H N N 93  
CYS HXT  H N N 94  
GLN N    N N N 95  
GLN CA   C N S 96  
GLN C    C N N 97  
GLN O    O N N 98  
GLN CB   C N N 99  
GLN CG   C N N 100 
GLN CD   C N N 101 
GLN OE1  O N N 102 
GLN NE2  N N N 103 
GLN OXT  O N N 104 
GLN H    H N N 105 
GLN H2   H N N 106 
GLN HA   H N N 107 
GLN HB2  H N N 108 
GLN HB3  H N N 109 
GLN HG2  H N N 110 
GLN HG3  H N N 111 
GLN HE21 H N N 112 
GLN HE22 H N N 113 
GLN HXT  H N N 114 
GLU N    N N N 115 
GLU CA   C N S 116 
GLU C    C N N 117 
GLU O    O N N 118 
GLU CB   C N N 119 
GLU CG   C N N 120 
GLU CD   C N N 121 
GLU OE1  O N N 122 
GLU OE2  O N N 123 
GLU OXT  O N N 124 
GLU H    H N N 125 
GLU H2   H N N 126 
GLU HA   H N N 127 
GLU HB2  H N N 128 
GLU HB3  H N N 129 
GLU HG2  H N N 130 
GLU HG3  H N N 131 
GLU HE2  H N N 132 
GLU HXT  H N N 133 
GLY N    N N N 134 
GLY CA   C N N 135 
GLY C    C N N 136 
GLY O    O N N 137 
GLY OXT  O N N 138 
GLY H    H N N 139 
GLY H2   H N N 140 
GLY HA2  H N N 141 
GLY HA3  H N N 142 
GLY HXT  H N N 143 
HIS N    N N N 144 
HIS CA   C N S 145 
HIS C    C N N 146 
HIS O    O N N 147 
HIS CB   C N N 148 
HIS CG   C Y N 149 
HIS ND1  N Y N 150 
HIS CD2  C Y N 151 
HIS CE1  C Y N 152 
HIS NE2  N Y N 153 
HIS OXT  O N N 154 
HIS H    H N N 155 
HIS H2   H N N 156 
HIS HA   H N N 157 
HIS HB2  H N N 158 
HIS HB3  H N N 159 
HIS HD1  H N N 160 
HIS HD2  H N N 161 
HIS HE1  H N N 162 
HIS HE2  H N N 163 
HIS HXT  H N N 164 
HOH O    O N N 165 
HOH H1   H N N 166 
HOH H2   H N N 167 
ILE N    N N N 168 
ILE CA   C N S 169 
ILE C    C N N 170 
ILE O    O N N 171 
ILE CB   C N S 172 
ILE CG1  C N N 173 
ILE CG2  C N N 174 
ILE CD1  C N N 175 
ILE OXT  O N N 176 
ILE H    H N N 177 
ILE H2   H N N 178 
ILE HA   H N N 179 
ILE HB   H N N 180 
ILE HG12 H N N 181 
ILE HG13 H N N 182 
ILE HG21 H N N 183 
ILE HG22 H N N 184 
ILE HG23 H N N 185 
ILE HD11 H N N 186 
ILE HD12 H N N 187 
ILE HD13 H N N 188 
ILE HXT  H N N 189 
LEU N    N N N 190 
LEU CA   C N S 191 
LEU C    C N N 192 
LEU O    O N N 193 
LEU CB   C N N 194 
LEU CG   C N N 195 
LEU CD1  C N N 196 
LEU CD2  C N N 197 
LEU OXT  O N N 198 
LEU H    H N N 199 
LEU H2   H N N 200 
LEU HA   H N N 201 
LEU HB2  H N N 202 
LEU HB3  H N N 203 
LEU HG   H N N 204 
LEU HD11 H N N 205 
LEU HD12 H N N 206 
LEU HD13 H N N 207 
LEU HD21 H N N 208 
LEU HD22 H N N 209 
LEU HD23 H N N 210 
LEU HXT  H N N 211 
LYS N    N N N 212 
LYS CA   C N S 213 
LYS C    C N N 214 
LYS O    O N N 215 
LYS CB   C N N 216 
LYS CG   C N N 217 
LYS CD   C N N 218 
LYS CE   C N N 219 
LYS NZ   N N N 220 
LYS OXT  O N N 221 
LYS H    H N N 222 
LYS H2   H N N 223 
LYS HA   H N N 224 
LYS HB2  H N N 225 
LYS HB3  H N N 226 
LYS HG2  H N N 227 
LYS HG3  H N N 228 
LYS HD2  H N N 229 
LYS HD3  H N N 230 
LYS HE2  H N N 231 
LYS HE3  H N N 232 
LYS HZ1  H N N 233 
LYS HZ2  H N N 234 
LYS HZ3  H N N 235 
LYS HXT  H N N 236 
MET N    N N N 237 
MET CA   C N S 238 
MET C    C N N 239 
MET O    O N N 240 
MET CB   C N N 241 
MET CG   C N N 242 
MET SD   S N N 243 
MET CE   C N N 244 
MET OXT  O N N 245 
MET H    H N N 246 
MET H2   H N N 247 
MET HA   H N N 248 
MET HB2  H N N 249 
MET HB3  H N N 250 
MET HG2  H N N 251 
MET HG3  H N N 252 
MET HE1  H N N 253 
MET HE2  H N N 254 
MET HE3  H N N 255 
MET HXT  H N N 256 
PHE N    N N N 257 
PHE CA   C N S 258 
PHE C    C N N 259 
PHE O    O N N 260 
PHE CB   C N N 261 
PHE CG   C Y N 262 
PHE CD1  C Y N 263 
PHE CD2  C Y N 264 
PHE CE1  C Y N 265 
PHE CE2  C Y N 266 
PHE CZ   C Y N 267 
PHE OXT  O N N 268 
PHE H    H N N 269 
PHE H2   H N N 270 
PHE HA   H N N 271 
PHE HB2  H N N 272 
PHE HB3  H N N 273 
PHE HD1  H N N 274 
PHE HD2  H N N 275 
PHE HE1  H N N 276 
PHE HE2  H N N 277 
PHE HZ   H N N 278 
PHE HXT  H N N 279 
PRO N    N N N 280 
PRO CA   C N S 281 
PRO C    C N N 282 
PRO O    O N N 283 
PRO CB   C N N 284 
PRO CG   C N N 285 
PRO CD   C N N 286 
PRO OXT  O N N 287 
PRO H    H N N 288 
PRO HA   H N N 289 
PRO HB2  H N N 290 
PRO HB3  H N N 291 
PRO HG2  H N N 292 
PRO HG3  H N N 293 
PRO HD2  H N N 294 
PRO HD3  H N N 295 
PRO HXT  H N N 296 
SER N    N N N 297 
SER CA   C N S 298 
SER C    C N N 299 
SER O    O N N 300 
SER CB   C N N 301 
SER OG   O N N 302 
SER OXT  O N N 303 
SER H    H N N 304 
SER H2   H N N 305 
SER HA   H N N 306 
SER HB2  H N N 307 
SER HB3  H N N 308 
SER HG   H N N 309 
SER HXT  H N N 310 
THR N    N N N 311 
THR CA   C N S 312 
THR C    C N N 313 
THR O    O N N 314 
THR CB   C N R 315 
THR OG1  O N N 316 
THR CG2  C N N 317 
THR OXT  O N N 318 
THR H    H N N 319 
THR H2   H N N 320 
THR HA   H N N 321 
THR HB   H N N 322 
THR HG1  H N N 323 
THR HG21 H N N 324 
THR HG22 H N N 325 
THR HG23 H N N 326 
THR HXT  H N N 327 
TRP N    N N N 328 
TRP CA   C N S 329 
TRP C    C N N 330 
TRP O    O N N 331 
TRP CB   C N N 332 
TRP CG   C Y N 333 
TRP CD1  C Y N 334 
TRP CD2  C Y N 335 
TRP NE1  N Y N 336 
TRP CE2  C Y N 337 
TRP CE3  C Y N 338 
TRP CZ2  C Y N 339 
TRP CZ3  C Y N 340 
TRP CH2  C Y N 341 
TRP OXT  O N N 342 
TRP H    H N N 343 
TRP H2   H N N 344 
TRP HA   H N N 345 
TRP HB2  H N N 346 
TRP HB3  H N N 347 
TRP HD1  H N N 348 
TRP HE1  H N N 349 
TRP HE3  H N N 350 
TRP HZ2  H N N 351 
TRP HZ3  H N N 352 
TRP HH2  H N N 353 
TRP HXT  H N N 354 
TYR N    N N N 355 
TYR CA   C N S 356 
TYR C    C N N 357 
TYR O    O N N 358 
TYR CB   C N N 359 
TYR CG   C Y N 360 
TYR CD1  C Y N 361 
TYR CD2  C Y N 362 
TYR CE1  C Y N 363 
TYR CE2  C Y N 364 
TYR CZ   C Y N 365 
TYR OH   O N N 366 
TYR OXT  O N N 367 
TYR H    H N N 368 
TYR H2   H N N 369 
TYR HA   H N N 370 
TYR HB2  H N N 371 
TYR HB3  H N N 372 
TYR HD1  H N N 373 
TYR HD2  H N N 374 
TYR HE1  H N N 375 
TYR HE2  H N N 376 
TYR HH   H N N 377 
TYR HXT  H N N 378 
VAL N    N N N 379 
VAL CA   C N S 380 
VAL C    C N N 381 
VAL O    O N N 382 
VAL CB   C N N 383 
VAL CG1  C N N 384 
VAL CG2  C N N 385 
VAL OXT  O N N 386 
VAL H    H N N 387 
VAL H2   H N N 388 
VAL HA   H N N 389 
VAL HB   H N N 390 
VAL HG11 H N N 391 
VAL HG12 H N N 392 
VAL HG13 H N N 393 
VAL HG21 H N N 394 
VAL HG22 H N N 395 
VAL HG23 H N N 396 
VAL HXT  H N N 397 
# 
loop_
_chem_comp_bond.comp_id 
_chem_comp_bond.atom_id_1 
_chem_comp_bond.atom_id_2 
_chem_comp_bond.value_order 
_chem_comp_bond.pdbx_aromatic_flag 
_chem_comp_bond.pdbx_stereo_config 
_chem_comp_bond.pdbx_ordinal 
ACT C   O    doub N N 1   
ACT C   OXT  sing N N 2   
ACT C   CH3  sing N N 3   
ACT CH3 H1   sing N N 4   
ACT CH3 H2   sing N N 5   
ACT CH3 H3   sing N N 6   
ALA N   CA   sing N N 7   
ALA N   H    sing N N 8   
ALA N   H2   sing N N 9   
ALA CA  C    sing N N 10  
ALA CA  CB   sing N N 11  
ALA CA  HA   sing N N 12  
ALA C   O    doub N N 13  
ALA C   OXT  sing N N 14  
ALA CB  HB1  sing N N 15  
ALA CB  HB2  sing N N 16  
ALA CB  HB3  sing N N 17  
ALA OXT HXT  sing N N 18  
ARG N   CA   sing N N 19  
ARG N   H    sing N N 20  
ARG N   H2   sing N N 21  
ARG CA  C    sing N N 22  
ARG CA  CB   sing N N 23  
ARG CA  HA   sing N N 24  
ARG C   O    doub N N 25  
ARG C   OXT  sing N N 26  
ARG CB  CG   sing N N 27  
ARG CB  HB2  sing N N 28  
ARG CB  HB3  sing N N 29  
ARG CG  CD   sing N N 30  
ARG CG  HG2  sing N N 31  
ARG CG  HG3  sing N N 32  
ARG CD  NE   sing N N 33  
ARG CD  HD2  sing N N 34  
ARG CD  HD3  sing N N 35  
ARG NE  CZ   sing N N 36  
ARG NE  HE   sing N N 37  
ARG CZ  NH1  sing N N 38  
ARG CZ  NH2  doub N N 39  
ARG NH1 HH11 sing N N 40  
ARG NH1 HH12 sing N N 41  
ARG NH2 HH21 sing N N 42  
ARG NH2 HH22 sing N N 43  
ARG OXT HXT  sing N N 44  
ASN N   CA   sing N N 45  
ASN N   H    sing N N 46  
ASN N   H2   sing N N 47  
ASN CA  C    sing N N 48  
ASN CA  CB   sing N N 49  
ASN CA  HA   sing N N 50  
ASN C   O    doub N N 51  
ASN C   OXT  sing N N 52  
ASN CB  CG   sing N N 53  
ASN CB  HB2  sing N N 54  
ASN CB  HB3  sing N N 55  
ASN CG  OD1  doub N N 56  
ASN CG  ND2  sing N N 57  
ASN ND2 HD21 sing N N 58  
ASN ND2 HD22 sing N N 59  
ASN OXT HXT  sing N N 60  
ASP N   CA   sing N N 61  
ASP N   H    sing N N 62  
ASP N   H2   sing N N 63  
ASP CA  C    sing N N 64  
ASP CA  CB   sing N N 65  
ASP CA  HA   sing N N 66  
ASP C   O    doub N N 67  
ASP C   OXT  sing N N 68  
ASP CB  CG   sing N N 69  
ASP CB  HB2  sing N N 70  
ASP CB  HB3  sing N N 71  
ASP CG  OD1  doub N N 72  
ASP CG  OD2  sing N N 73  
ASP OD2 HD2  sing N N 74  
ASP OXT HXT  sing N N 75  
CYS N   CA   sing N N 76  
CYS N   H    sing N N 77  
CYS N   H2   sing N N 78  
CYS CA  C    sing N N 79  
CYS CA  CB   sing N N 80  
CYS CA  HA   sing N N 81  
CYS C   O    doub N N 82  
CYS C   OXT  sing N N 83  
CYS CB  SG   sing N N 84  
CYS CB  HB2  sing N N 85  
CYS CB  HB3  sing N N 86  
CYS SG  HG   sing N N 87  
CYS OXT HXT  sing N N 88  
GLN N   CA   sing N N 89  
GLN N   H    sing N N 90  
GLN N   H2   sing N N 91  
GLN CA  C    sing N N 92  
GLN CA  CB   sing N N 93  
GLN CA  HA   sing N N 94  
GLN C   O    doub N N 95  
GLN C   OXT  sing N N 96  
GLN CB  CG   sing N N 97  
GLN CB  HB2  sing N N 98  
GLN CB  HB3  sing N N 99  
GLN CG  CD   sing N N 100 
GLN CG  HG2  sing N N 101 
GLN CG  HG3  sing N N 102 
GLN CD  OE1  doub N N 103 
GLN CD  NE2  sing N N 104 
GLN NE2 HE21 sing N N 105 
GLN NE2 HE22 sing N N 106 
GLN OXT HXT  sing N N 107 
GLU N   CA   sing N N 108 
GLU N   H    sing N N 109 
GLU N   H2   sing N N 110 
GLU CA  C    sing N N 111 
GLU CA  CB   sing N N 112 
GLU CA  HA   sing N N 113 
GLU C   O    doub N N 114 
GLU C   OXT  sing N N 115 
GLU CB  CG   sing N N 116 
GLU CB  HB2  sing N N 117 
GLU CB  HB3  sing N N 118 
GLU CG  CD   sing N N 119 
GLU CG  HG2  sing N N 120 
GLU CG  HG3  sing N N 121 
GLU CD  OE1  doub N N 122 
GLU CD  OE2  sing N N 123 
GLU OE2 HE2  sing N N 124 
GLU OXT HXT  sing N N 125 
GLY N   CA   sing N N 126 
GLY N   H    sing N N 127 
GLY N   H2   sing N N 128 
GLY CA  C    sing N N 129 
GLY CA  HA2  sing N N 130 
GLY CA  HA3  sing N N 131 
GLY C   O    doub N N 132 
GLY C   OXT  sing N N 133 
GLY OXT HXT  sing N N 134 
HIS N   CA   sing N N 135 
HIS N   H    sing N N 136 
HIS N   H2   sing N N 137 
HIS CA  C    sing N N 138 
HIS CA  CB   sing N N 139 
HIS CA  HA   sing N N 140 
HIS C   O    doub N N 141 
HIS C   OXT  sing N N 142 
HIS CB  CG   sing N N 143 
HIS CB  HB2  sing N N 144 
HIS CB  HB3  sing N N 145 
HIS CG  ND1  sing Y N 146 
HIS CG  CD2  doub Y N 147 
HIS ND1 CE1  doub Y N 148 
HIS ND1 HD1  sing N N 149 
HIS CD2 NE2  sing Y N 150 
HIS CD2 HD2  sing N N 151 
HIS CE1 NE2  sing Y N 152 
HIS CE1 HE1  sing N N 153 
HIS NE2 HE2  sing N N 154 
HIS OXT HXT  sing N N 155 
HOH O   H1   sing N N 156 
HOH O   H2   sing N N 157 
ILE N   CA   sing N N 158 
ILE N   H    sing N N 159 
ILE N   H2   sing N N 160 
ILE CA  C    sing N N 161 
ILE CA  CB   sing N N 162 
ILE CA  HA   sing N N 163 
ILE C   O    doub N N 164 
ILE C   OXT  sing N N 165 
ILE CB  CG1  sing N N 166 
ILE CB  CG2  sing N N 167 
ILE CB  HB   sing N N 168 
ILE CG1 CD1  sing N N 169 
ILE CG1 HG12 sing N N 170 
ILE CG1 HG13 sing N N 171 
ILE CG2 HG21 sing N N 172 
ILE CG2 HG22 sing N N 173 
ILE CG2 HG23 sing N N 174 
ILE CD1 HD11 sing N N 175 
ILE CD1 HD12 sing N N 176 
ILE CD1 HD13 sing N N 177 
ILE OXT HXT  sing N N 178 
LEU N   CA   sing N N 179 
LEU N   H    sing N N 180 
LEU N   H2   sing N N 181 
LEU CA  C    sing N N 182 
LEU CA  CB   sing N N 183 
LEU CA  HA   sing N N 184 
LEU C   O    doub N N 185 
LEU C   OXT  sing N N 186 
LEU CB  CG   sing N N 187 
LEU CB  HB2  sing N N 188 
LEU CB  HB3  sing N N 189 
LEU CG  CD1  sing N N 190 
LEU CG  CD2  sing N N 191 
LEU CG  HG   sing N N 192 
LEU CD1 HD11 sing N N 193 
LEU CD1 HD12 sing N N 194 
LEU CD1 HD13 sing N N 195 
LEU CD2 HD21 sing N N 196 
LEU CD2 HD22 sing N N 197 
LEU CD2 HD23 sing N N 198 
LEU OXT HXT  sing N N 199 
LYS N   CA   sing N N 200 
LYS N   H    sing N N 201 
LYS N   H2   sing N N 202 
LYS CA  C    sing N N 203 
LYS CA  CB   sing N N 204 
LYS CA  HA   sing N N 205 
LYS C   O    doub N N 206 
LYS C   OXT  sing N N 207 
LYS CB  CG   sing N N 208 
LYS CB  HB2  sing N N 209 
LYS CB  HB3  sing N N 210 
LYS CG  CD   sing N N 211 
LYS CG  HG2  sing N N 212 
LYS CG  HG3  sing N N 213 
LYS CD  CE   sing N N 214 
LYS CD  HD2  sing N N 215 
LYS CD  HD3  sing N N 216 
LYS CE  NZ   sing N N 217 
LYS CE  HE2  sing N N 218 
LYS CE  HE3  sing N N 219 
LYS NZ  HZ1  sing N N 220 
LYS NZ  HZ2  sing N N 221 
LYS NZ  HZ3  sing N N 222 
LYS OXT HXT  sing N N 223 
MET N   CA   sing N N 224 
MET N   H    sing N N 225 
MET N   H2   sing N N 226 
MET CA  C    sing N N 227 
MET CA  CB   sing N N 228 
MET CA  HA   sing N N 229 
MET C   O    doub N N 230 
MET C   OXT  sing N N 231 
MET CB  CG   sing N N 232 
MET CB  HB2  sing N N 233 
MET CB  HB3  sing N N 234 
MET CG  SD   sing N N 235 
MET CG  HG2  sing N N 236 
MET CG  HG3  sing N N 237 
MET SD  CE   sing N N 238 
MET CE  HE1  sing N N 239 
MET CE  HE2  sing N N 240 
MET CE  HE3  sing N N 241 
MET OXT HXT  sing N N 242 
PHE N   CA   sing N N 243 
PHE N   H    sing N N 244 
PHE N   H2   sing N N 245 
PHE CA  C    sing N N 246 
PHE CA  CB   sing N N 247 
PHE CA  HA   sing N N 248 
PHE C   O    doub N N 249 
PHE C   OXT  sing N N 250 
PHE CB  CG   sing N N 251 
PHE CB  HB2  sing N N 252 
PHE CB  HB3  sing N N 253 
PHE CG  CD1  doub Y N 254 
PHE CG  CD2  sing Y N 255 
PHE CD1 CE1  sing Y N 256 
PHE CD1 HD1  sing N N 257 
PHE CD2 CE2  doub Y N 258 
PHE CD2 HD2  sing N N 259 
PHE CE1 CZ   doub Y N 260 
PHE CE1 HE1  sing N N 261 
PHE CE2 CZ   sing Y N 262 
PHE CE2 HE2  sing N N 263 
PHE CZ  HZ   sing N N 264 
PHE OXT HXT  sing N N 265 
PRO N   CA   sing N N 266 
PRO N   CD   sing N N 267 
PRO N   H    sing N N 268 
PRO CA  C    sing N N 269 
PRO CA  CB   sing N N 270 
PRO CA  HA   sing N N 271 
PRO C   O    doub N N 272 
PRO C   OXT  sing N N 273 
PRO CB  CG   sing N N 274 
PRO CB  HB2  sing N N 275 
PRO CB  HB3  sing N N 276 
PRO CG  CD   sing N N 277 
PRO CG  HG2  sing N N 278 
PRO CG  HG3  sing N N 279 
PRO CD  HD2  sing N N 280 
PRO CD  HD3  sing N N 281 
PRO OXT HXT  sing N N 282 
SER N   CA   sing N N 283 
SER N   H    sing N N 284 
SER N   H2   sing N N 285 
SER CA  C    sing N N 286 
SER CA  CB   sing N N 287 
SER CA  HA   sing N N 288 
SER C   O    doub N N 289 
SER C   OXT  sing N N 290 
SER CB  OG   sing N N 291 
SER CB  HB2  sing N N 292 
SER CB  HB3  sing N N 293 
SER OG  HG   sing N N 294 
SER OXT HXT  sing N N 295 
THR N   CA   sing N N 296 
THR N   H    sing N N 297 
THR N   H2   sing N N 298 
THR CA  C    sing N N 299 
THR CA  CB   sing N N 300 
THR CA  HA   sing N N 301 
THR C   O    doub N N 302 
THR C   OXT  sing N N 303 
THR CB  OG1  sing N N 304 
THR CB  CG2  sing N N 305 
THR CB  HB   sing N N 306 
THR OG1 HG1  sing N N 307 
THR CG2 HG21 sing N N 308 
THR CG2 HG22 sing N N 309 
THR CG2 HG23 sing N N 310 
THR OXT HXT  sing N N 311 
TRP N   CA   sing N N 312 
TRP N   H    sing N N 313 
TRP N   H2   sing N N 314 
TRP CA  C    sing N N 315 
TRP CA  CB   sing N N 316 
TRP CA  HA   sing N N 317 
TRP C   O    doub N N 318 
TRP C   OXT  sing N N 319 
TRP CB  CG   sing N N 320 
TRP CB  HB2  sing N N 321 
TRP CB  HB3  sing N N 322 
TRP CG  CD1  doub Y N 323 
TRP CG  CD2  sing Y N 324 
TRP CD1 NE1  sing Y N 325 
TRP CD1 HD1  sing N N 326 
TRP CD2 CE2  doub Y N 327 
TRP CD2 CE3  sing Y N 328 
TRP NE1 CE2  sing Y N 329 
TRP NE1 HE1  sing N N 330 
TRP CE2 CZ2  sing Y N 331 
TRP CE3 CZ3  doub Y N 332 
TRP CE3 HE3  sing N N 333 
TRP CZ2 CH2  doub Y N 334 
TRP CZ2 HZ2  sing N N 335 
TRP CZ3 CH2  sing Y N 336 
TRP CZ3 HZ3  sing N N 337 
TRP CH2 HH2  sing N N 338 
TRP OXT HXT  sing N N 339 
TYR N   CA   sing N N 340 
TYR N   H    sing N N 341 
TYR N   H2   sing N N 342 
TYR CA  C    sing N N 343 
TYR CA  CB   sing N N 344 
TYR CA  HA   sing N N 345 
TYR C   O    doub N N 346 
TYR C   OXT  sing N N 347 
TYR CB  CG   sing N N 348 
TYR CB  HB2  sing N N 349 
TYR CB  HB3  sing N N 350 
TYR CG  CD1  doub Y N 351 
TYR CG  CD2  sing Y N 352 
TYR CD1 CE1  sing Y N 353 
TYR CD1 HD1  sing N N 354 
TYR CD2 CE2  doub Y N 355 
TYR CD2 HD2  sing N N 356 
TYR CE1 CZ   doub Y N 357 
TYR CE1 HE1  sing N N 358 
TYR CE2 CZ   sing Y N 359 
TYR CE2 HE2  sing N N 360 
TYR CZ  OH   sing N N 361 
TYR OH  HH   sing N N 362 
TYR OXT HXT  sing N N 363 
VAL N   CA   sing N N 364 
VAL N   H    sing N N 365 
VAL N   H2   sing N N 366 
VAL CA  C    sing N N 367 
VAL CA  CB   sing N N 368 
VAL CA  HA   sing N N 369 
VAL C   O    doub N N 370 
VAL C   OXT  sing N N 371 
VAL CB  CG1  sing N N 372 
VAL CB  CG2  sing N N 373 
VAL CB  HB   sing N N 374 
VAL CG1 HG11 sing N N 375 
VAL CG1 HG12 sing N N 376 
VAL CG1 HG13 sing N N 377 
VAL CG2 HG21 sing N N 378 
VAL CG2 HG22 sing N N 379 
VAL CG2 HG23 sing N N 380 
VAL OXT HXT  sing N N 381 
# 
_pdbx_initial_refinement_model.accession_code   ? 
_pdbx_initial_refinement_model.id               1 
_pdbx_initial_refinement_model.entity_id_list   ? 
_pdbx_initial_refinement_model.type             'experimental model' 
_pdbx_initial_refinement_model.source_name      Other 
_pdbx_initial_refinement_model.details          'MAD phased structure at lower resolution' 
# 
_atom_sites.entry_id                    1U7O 
_atom_sites.fract_transf_matrix[1][1]   0.00035662 
_atom_sites.fract_transf_matrix[1][2]   -0.01376661 
_atom_sites.fract_transf_matrix[1][3]   0.00968178 
_atom_sites.fract_transf_matrix[2][1]   -0.01677889 
_atom_sites.fract_transf_matrix[2][2]   -0.00104656 
_atom_sites.fract_transf_matrix[2][3]   -0.00087008 
_atom_sites.fract_transf_matrix[3][1]   0.00078367 
_atom_sites.fract_transf_matrix[3][2]   -0.00574672 
_atom_sites.fract_transf_matrix[3][3]   -0.00820018 
_atom_sites.fract_transf_vector[1]      0.725975 
_atom_sites.fract_transf_vector[2]      0.403883 
_atom_sites.fract_transf_vector[3]      0.432141 
# 
loop_
_atom_type.symbol 
C 
N 
O 
S 
# 
loop_
_atom_site.group_PDB 
_atom_site.id 
_atom_site.type_symbol 
_atom_site.label_atom_id 
_atom_site.label_alt_id 
_atom_site.label_comp_id 
_atom_site.label_asym_id 
_atom_site.label_entity_id 
_atom_site.label_seq_id 
_atom_site.pdbx_PDB_ins_code 
_atom_site.Cartn_x 
_atom_site.Cartn_y 
_atom_site.Cartn_z 
_atom_site.occupancy 
_atom_site.B_iso_or_equiv 
_atom_site.pdbx_formal_charge 
_atom_site.auth_seq_id 
_atom_site.auth_comp_id 
_atom_site.auth_asym_id 
_atom_site.auth_atom_id 
_atom_site.pdbx_PDB_model_num 
ATOM   1    N N   . MET A 1 1   ? 19.301  -11.320 3.737   1.00 49.98 ? 1   MET A N   1 
ATOM   2    C CA  . MET A 1 1   ? 19.416  -12.736 4.190   1.00 47.68 ? 1   MET A CA  1 
ATOM   3    C C   . MET A 1 1   ? 18.216  -13.551 3.726   1.00 46.70 ? 1   MET A C   1 
ATOM   4    O O   . MET A 1 1   ? 18.140  -13.955 2.566   1.00 47.60 ? 1   MET A O   1 
ATOM   5    C CB  . MET A 1 1   ? 19.512  -12.797 5.718   1.00 50.02 ? 1   MET A CB  1 
ATOM   6    C CG  . MET A 1 1   ? 19.610  -14.201 6.323   1.00 50.96 ? 1   MET A CG  1 
ATOM   7    S SD  . MET A 1 1   ? 21.270  -14.911 6.329   1.00 55.31 ? 1   MET A SD  1 
ATOM   8    C CE  . MET A 1 1   ? 20.963  -16.576 5.706   1.00 54.13 ? 1   MET A CE  1 
ATOM   9    N N   . THR A 1 2   ? 17.271  -13.772 4.636   1.00 45.46 ? 2   THR A N   1 
ATOM   10   C CA  . THR A 1 2   ? 16.082  -14.564 4.344   1.00 42.94 ? 2   THR A CA  1 
ATOM   11   C C   . THR A 1 2   ? 15.356  -14.172 3.059   1.00 41.31 ? 2   THR A C   1 
ATOM   12   O O   . THR A 1 2   ? 15.413  -13.021 2.617   1.00 40.74 ? 2   THR A O   1 
ATOM   13   C CB  . THR A 1 2   ? 15.091  -14.537 5.534   1.00 43.21 ? 2   THR A CB  1 
ATOM   14   O OG1 . THR A 1 2   ? 14.715  -13.186 5.827   1.00 44.56 ? 2   THR A OG1 1 
ATOM   15   C CG2 . THR A 1 2   ? 15.741  -15.157 6.769   1.00 44.05 ? 2   THR A CG2 1 
ATOM   16   N N   . ARG A 1 3   ? 14.684  -15.158 2.473   1.00 37.94 ? 3   ARG A N   1 
ATOM   17   C CA  . ARG A 1 3   ? 13.938  -15.012 1.227   1.00 35.83 ? 3   ARG A CA  1 
ATOM   18   C C   . ARG A 1 3   ? 13.034  -13.781 1.151   1.00 31.36 ? 3   ARG A C   1 
ATOM   19   O O   . ARG A 1 3   ? 12.277  -13.491 2.075   1.00 29.34 ? 3   ARG A O   1 
ATOM   20   C CB  . ARG A 1 3   ? 13.102  -16.271 0.996   1.00 39.87 ? 3   ARG A CB  1 
ATOM   21   C CG  . ARG A 1 3   ? 12.415  -16.343 -0.354  1.00 46.96 ? 3   ARG A CG  1 
ATOM   22   C CD  . ARG A 1 3   ? 11.552  -17.590 -0.428  1.00 51.53 ? 3   ARG A CD  1 
ATOM   23   N NE  . ARG A 1 3   ? 11.008  -17.826 -1.762  1.00 56.54 ? 3   ARG A NE  1 
ATOM   24   C CZ  . ARG A 1 3   ? 10.209  -18.843 -2.067  1.00 59.24 ? 3   ARG A CZ  1 
ATOM   25   N NH1 . ARG A 1 3   ? 9.859   -19.715 -1.129  1.00 59.79 ? 3   ARG A NH1 1 
ATOM   26   N NH2 . ARG A 1 3   ? 9.765   -18.993 -3.309  1.00 60.41 ? 3   ARG A NH2 1 
ATOM   27   N N   . LEU A 1 4   ? 13.118  -13.070 0.030   1.00 26.36 ? 4   LEU A N   1 
ATOM   28   C CA  . LEU A 1 4   ? 12.314  -11.876 -0.201  1.00 23.07 ? 4   LEU A CA  1 
ATOM   29   C C   . LEU A 1 4   ? 11.032  -12.232 -0.936  1.00 22.89 ? 4   LEU A C   1 
ATOM   30   O O   . LEU A 1 4   ? 10.996  -13.177 -1.724  1.00 20.82 ? 4   LEU A O   1 
ATOM   31   C CB  . LEU A 1 4   ? 13.089  -10.864 -1.050  1.00 20.88 ? 4   LEU A CB  1 
ATOM   32   C CG  . LEU A 1 4   ? 14.255  -10.115 -0.401  1.00 20.04 ? 4   LEU A CG  1 
ATOM   33   C CD1 . LEU A 1 4   ? 14.984  -9.284  -1.450  1.00 18.04 ? 4   LEU A CD1 1 
ATOM   34   C CD2 . LEU A 1 4   ? 13.726  -9.227  0.719   1.00 18.22 ? 4   LEU A CD2 1 
ATOM   35   N N   . PRO A 1 5   ? 9.952   -11.487 -0.674  1.00 21.85 ? 5   PRO A N   1 
ATOM   36   C CA  . PRO A 1 5   ? 8.704   -11.792 -1.374  1.00 19.50 ? 5   PRO A CA  1 
ATOM   37   C C   . PRO A 1 5   ? 8.854   -11.329 -2.823  1.00 18.56 ? 5   PRO A C   1 
ATOM   38   O O   . PRO A 1 5   ? 9.674   -10.452 -3.120  1.00 16.14 ? 5   PRO A O   1 
ATOM   39   C CB  . PRO A 1 5   ? 7.667   -10.983 -0.595  1.00 21.27 ? 5   PRO A CB  1 
ATOM   40   C CG  . PRO A 1 5   ? 8.453   -9.795  -0.124  1.00 22.68 ? 5   PRO A CG  1 
ATOM   41   C CD  . PRO A 1 5   ? 9.757   -10.422 0.327   1.00 20.88 ? 5   PRO A CD  1 
ATOM   42   N N   . LYS A 1 6   ? 8.082   -11.921 -3.725  1.00 17.00 ? 6   LYS A N   1 
ATOM   43   C CA  . LYS A 1 6   ? 8.163   -11.537 -5.128  1.00 17.88 ? 6   LYS A CA  1 
ATOM   44   C C   . LYS A 1 6   ? 7.215   -10.384 -5.432  1.00 17.11 ? 6   LYS A C   1 
ATOM   45   O O   . LYS A 1 6   ? 7.217   -9.840  -6.538  1.00 17.54 ? 6   LYS A O   1 
ATOM   46   C CB  . LYS A 1 6   ? 7.864   -12.745 -6.021  1.00 21.24 ? 6   LYS A CB  1 
ATOM   47   C CG  . LYS A 1 6   ? 8.893   -13.864 -5.859  1.00 24.95 ? 6   LYS A CG  1 
ATOM   48   C CD  . LYS A 1 6   ? 8.652   -15.026 -6.811  1.00 30.46 ? 6   LYS A CD  1 
ATOM   49   C CE  . LYS A 1 6   ? 9.744   -16.086 -6.657  1.00 33.62 ? 6   LYS A CE  1 
ATOM   50   N NZ  . LYS A 1 6   ? 9.588   -17.217 -7.619  1.00 36.77 ? 6   LYS A NZ  1 
ATOM   51   N N   . LEU A 1 7   ? 6.415   -10.005 -4.438  1.00 16.05 ? 7   LEU A N   1 
ATOM   52   C CA  . LEU A 1 7   ? 5.474   -8.897  -4.580  1.00 14.74 ? 7   LEU A CA  1 
ATOM   53   C C   . LEU A 1 7   ? 5.064   -8.369  -3.211  1.00 13.60 ? 7   LEU A C   1 
ATOM   54   O O   . LEU A 1 7   ? 4.625   -9.136  -2.353  1.00 15.72 ? 7   LEU A O   1 
ATOM   55   C CB  . LEU A 1 7   ? 4.214   -9.344  -5.336  1.00 15.80 ? 7   LEU A CB  1 
ATOM   56   C CG  . LEU A 1 7   ? 3.206   -8.238  -5.694  1.00 14.79 ? 7   LEU A CG  1 
ATOM   57   C CD1 . LEU A 1 7   ? 3.841   -7.269  -6.680  1.00 15.07 ? 7   LEU A CD1 1 
ATOM   58   C CD2 . LEU A 1 7   ? 1.955   -8.843  -6.303  1.00 15.69 ? 7   LEU A CD2 1 
ATOM   59   N N   . ALA A 1 8   ? 5.223   -7.066  -3.006  1.00 12.82 ? 8   ALA A N   1 
ATOM   60   C CA  . ALA A 1 8   ? 4.824   -6.440  -1.750  1.00 11.91 ? 8   ALA A CA  1 
ATOM   61   C C   . ALA A 1 8   ? 3.599   -5.590  -2.075  1.00 12.47 ? 8   ALA A C   1 
ATOM   62   O O   . ALA A 1 8   ? 3.660   -4.698  -2.921  1.00 14.39 ? 8   ALA A O   1 
ATOM   63   C CB  . ALA A 1 8   ? 5.950   -5.563  -1.207  1.00 10.68 ? 8   ALA A CB  1 
ATOM   64   N N   . VAL A 1 9   ? 2.484   -5.874  -1.414  1.00 12.71 ? 9   VAL A N   1 
ATOM   65   C CA  . VAL A 1 9   ? 1.251   -5.132  -1.665  1.00 12.65 ? 9   VAL A CA  1 
ATOM   66   C C   . VAL A 1 9   ? 0.852   -4.271  -0.473  1.00 12.09 ? 9   VAL A C   1 
ATOM   67   O O   . VAL A 1 9   ? 0.907   -4.717  0.672   1.00 11.78 ? 9   VAL A O   1 
ATOM   68   C CB  . VAL A 1 9   ? 0.094   -6.089  -1.982  1.00 12.45 ? 9   VAL A CB  1 
ATOM   69   C CG1 . VAL A 1 9   ? -1.130  -5.299  -2.424  1.00 12.19 ? 9   VAL A CG1 1 
ATOM   70   C CG2 . VAL A 1 9   ? 0.521   -7.083  -3.055  1.00 13.64 ? 9   VAL A CG2 1 
ATOM   71   N N   . PHE A 1 10  ? 0.455   -3.034  -0.753  1.00 10.77 ? 10  PHE A N   1 
ATOM   72   C CA  . PHE A 1 10  ? 0.029   -2.109  0.289   1.00 11.15 ? 10  PHE A CA  1 
ATOM   73   C C   . PHE A 1 10  ? -1.359  -1.566  0.043   1.00 11.95 ? 10  PHE A C   1 
ATOM   74   O O   . PHE A 1 10  ? -1.746  -1.313  -1.098  1.00 13.07 ? 10  PHE A O   1 
ATOM   75   C CB  . PHE A 1 10  ? 0.932   -0.881  0.356   1.00 11.31 ? 10  PHE A CB  1 
ATOM   76   C CG  . PHE A 1 10  ? 2.344   -1.178  0.688   1.00 13.45 ? 10  PHE A CG  1 
ATOM   77   C CD1 . PHE A 1 10  ? 3.264   -1.454  -0.316  1.00 15.20 ? 10  PHE A CD1 1 
ATOM   78   C CD2 . PHE A 1 10  ? 2.760   -1.201  2.015   1.00 14.01 ? 10  PHE A CD2 1 
ATOM   79   C CE1 . PHE A 1 10  ? 4.592   -1.749  0.002   1.00 15.85 ? 10  PHE A CE1 1 
ATOM   80   C CE2 . PHE A 1 10  ? 4.078   -1.496  2.342   1.00 15.11 ? 10  PHE A CE2 1 
ATOM   81   C CZ  . PHE A 1 10  ? 4.994   -1.770  1.337   1.00 15.47 ? 10  PHE A CZ  1 
ATOM   82   N N   . ASP A 1 11  ? -2.118  -1.380  1.110   1.00 13.03 ? 11  ASP A N   1 
ATOM   83   C CA  . ASP A 1 11  ? -3.402  -0.741  0.939   1.00 12.57 ? 11  ASP A CA  1 
ATOM   84   C C   . ASP A 1 11  ? -2.958  0.719   1.012   1.00 13.61 ? 11  ASP A C   1 
ATOM   85   O O   . ASP A 1 11  ? -1.769  0.988   1.222   1.00 10.75 ? 11  ASP A O   1 
ATOM   86   C CB  . ASP A 1 11  ? -4.357  -1.069  2.083   1.00 14.66 ? 11  ASP A CB  1 
ATOM   87   C CG  . ASP A 1 11  ? -5.703  -0.384  1.914   1.00 14.85 ? 11  ASP A CG  1 
ATOM   88   O OD1 . ASP A 1 11  ? -5.983  0.095   0.793   1.00 14.51 ? 11  ASP A OD1 1 
ATOM   89   O OD2 . ASP A 1 11  ? -6.471  -0.326  2.891   1.00 15.30 ? 11  ASP A OD2 1 
ATOM   90   N N   . LEU A 1 12  ? -3.877  1.660   0.840   1.00 12.85 ? 12  LEU A N   1 
ATOM   91   C CA  . LEU A 1 12  ? -3.510  3.066   0.887   1.00 13.54 ? 12  LEU A CA  1 
ATOM   92   C C   . LEU A 1 12  ? -3.969  3.717   2.194   1.00 14.29 ? 12  LEU A C   1 
ATOM   93   O O   . LEU A 1 12  ? -3.140  4.178   2.985   1.00 12.45 ? 12  LEU A O   1 
ATOM   94   C CB  . LEU A 1 12  ? -4.091  3.797   -0.338  1.00 12.98 ? 12  LEU A CB  1 
ATOM   95   C CG  . LEU A 1 12  ? -3.600  3.226   -1.680  1.00 12.71 ? 12  LEU A CG  1 
ATOM   96   C CD1 . LEU A 1 12  ? -4.360  3.844   -2.842  1.00 12.10 ? 12  LEU A CD1 1 
ATOM   97   C CD2 . LEU A 1 12  ? -2.105  3.482   -1.825  1.00 11.96 ? 12  LEU A CD2 1 
ATOM   98   N N   . ASP A 1 13  ? -5.279  3.737   2.432   1.00 13.92 ? 13  ASP A N   1 
ATOM   99   C CA  . ASP A 1 13  ? -5.814  4.335   3.655   1.00 14.75 ? 13  ASP A CA  1 
ATOM   100  C C   . ASP A 1 13  ? -5.239  3.688   4.907   1.00 15.13 ? 13  ASP A C   1 
ATOM   101  O O   . ASP A 1 13  ? -5.198  2.454   5.036   1.00 14.74 ? 13  ASP A O   1 
ATOM   102  C CB  . ASP A 1 13  ? -7.343  4.237   3.689   1.00 13.70 ? 13  ASP A CB  1 
ATOM   103  C CG  . ASP A 1 13  ? -8.005  5.060   2.598   1.00 12.85 ? 13  ASP A CG  1 
ATOM   104  O OD1 . ASP A 1 13  ? -7.402  6.049   2.133   1.00 13.59 ? 13  ASP A OD1 1 
ATOM   105  O OD2 . ASP A 1 13  ? -9.146  4.729   2.216   1.00 16.43 ? 13  ASP A OD2 1 
ATOM   106  N N   . TYR A 1 14  ? -4.793  4.539   5.826   1.00 14.16 ? 14  TYR A N   1 
ATOM   107  C CA  . TYR A 1 14  ? -4.199  4.112   7.089   1.00 15.04 ? 14  TYR A CA  1 
ATOM   108  C C   . TYR A 1 14  ? -3.056  3.123   6.933   1.00 15.18 ? 14  TYR A C   1 
ATOM   109  O O   . TYR A 1 14  ? -2.802  2.298   7.810   1.00 15.89 ? 14  TYR A O   1 
ATOM   110  C CB  . TYR A 1 14  ? -5.275  3.547   8.017   1.00 16.72 ? 14  TYR A CB  1 
ATOM   111  C CG  . TYR A 1 14  ? -6.120  4.636   8.619   1.00 18.16 ? 14  TYR A CG  1 
ATOM   112  C CD1 . TYR A 1 14  ? -7.346  4.985   8.060   1.00 17.06 ? 14  TYR A CD1 1 
ATOM   113  C CD2 . TYR A 1 14  ? -5.656  5.371   9.716   1.00 18.01 ? 14  TYR A CD2 1 
ATOM   114  C CE1 . TYR A 1 14  ? -8.091  6.040   8.571   1.00 19.56 ? 14  TYR A CE1 1 
ATOM   115  C CE2 . TYR A 1 14  ? -6.393  6.432   10.235  1.00 19.46 ? 14  TYR A CE2 1 
ATOM   116  C CZ  . TYR A 1 14  ? -7.604  6.760   9.658   1.00 19.87 ? 14  TYR A CZ  1 
ATOM   117  O OH  . TYR A 1 14  ? -8.324  7.819   10.151  1.00 21.56 ? 14  TYR A OH  1 
ATOM   118  N N   . THR A 1 15  ? -2.366  3.228   5.803   1.00 14.59 ? 15  THR A N   1 
ATOM   119  C CA  . THR A 1 15  ? -1.229  2.378   5.500   1.00 13.99 ? 15  THR A CA  1 
ATOM   120  C C   . THR A 1 15  ? -0.140  3.330   4.997   1.00 14.15 ? 15  THR A C   1 
ATOM   121  O O   . THR A 1 15  ? 0.934   3.417   5.587   1.00 14.28 ? 15  THR A O   1 
ATOM   122  C CB  . THR A 1 15  ? -1.604  1.316   4.442   1.00 15.10 ? 15  THR A CB  1 
ATOM   123  O OG1 . THR A 1 15  ? -2.722  0.554   4.924   1.00 15.27 ? 15  THR A OG1 1 
ATOM   124  C CG2 . THR A 1 15  ? -0.437  0.364   4.195   1.00 13.22 ? 15  THR A CG2 1 
ATOM   125  N N   . LEU A 1 16  ? -0.421  4.065   3.925   1.00 13.43 ? 16  LEU A N   1 
ATOM   126  C CA  . LEU A 1 16  ? 0.545   5.030   3.416   1.00 12.42 ? 16  LEU A CA  1 
ATOM   127  C C   . LEU A 1 16  ? 0.208   6.405   3.975   1.00 12.02 ? 16  LEU A C   1 
ATOM   128  O O   . LEU A 1 16  ? 1.082   7.259   4.110   1.00 12.36 ? 16  LEU A O   1 
ATOM   129  C CB  . LEU A 1 16  ? 0.533   5.073   1.883   1.00 11.60 ? 16  LEU A CB  1 
ATOM   130  C CG  . LEU A 1 16  ? 0.876   3.745   1.199   1.00 12.91 ? 16  LEU A CG  1 
ATOM   131  C CD1 . LEU A 1 16  ? 1.071   3.983   -0.286  1.00 12.24 ? 16  LEU A CD1 1 
ATOM   132  C CD2 . LEU A 1 16  ? 2.143   3.153   1.796   1.00 12.44 ? 16  LEU A CD2 1 
ATOM   133  N N   . TRP A 1 17  ? -1.065  6.622   4.295   1.00 14.08 ? 17  TRP A N   1 
ATOM   134  C CA  . TRP A 1 17  ? -1.488  7.899   4.858   1.00 13.31 ? 17  TRP A CA  1 
ATOM   135  C C   . TRP A 1 17  ? -2.527  7.684   5.955   1.00 14.87 ? 17  TRP A C   1 
ATOM   136  O O   . TRP A 1 17  ? -3.369  6.793   5.866   1.00 14.52 ? 17  TRP A O   1 
ATOM   137  C CB  . TRP A 1 17  ? -2.006  8.850   3.766   1.00 13.42 ? 17  TRP A CB  1 
ATOM   138  C CG  . TRP A 1 17  ? -3.035  8.287   2.819   1.00 14.61 ? 17  TRP A CG  1 
ATOM   139  C CD1 . TRP A 1 17  ? -4.307  7.887   3.122   1.00 14.16 ? 17  TRP A CD1 1 
ATOM   140  C CD2 . TRP A 1 17  ? -2.889  8.118   1.404   1.00 13.85 ? 17  TRP A CD2 1 
ATOM   141  N NE1 . TRP A 1 17  ? -4.963  7.483   1.979   1.00 11.13 ? 17  TRP A NE1 1 
ATOM   142  C CE2 . TRP A 1 17  ? -4.114  7.615   0.911   1.00 14.21 ? 17  TRP A CE2 1 
ATOM   143  C CE3 . TRP A 1 17  ? -1.839  8.344   0.501   1.00 15.13 ? 17  TRP A CE3 1 
ATOM   144  C CZ2 . TRP A 1 17  ? -4.319  7.335   -0.444  1.00 12.64 ? 17  TRP A CZ2 1 
ATOM   145  C CZ3 . TRP A 1 17  ? -2.044  8.066   -0.846  1.00 13.80 ? 17  TRP A CZ3 1 
ATOM   146  C CH2 . TRP A 1 17  ? -3.275  7.567   -1.304  1.00 14.44 ? 17  TRP A CH2 1 
ATOM   147  N N   . PRO A 1 18  ? -2.459  8.501   7.017   1.00 15.81 ? 18  PRO A N   1 
ATOM   148  C CA  . PRO A 1 18  ? -3.339  8.463   8.188   1.00 17.17 ? 18  PRO A CA  1 
ATOM   149  C C   . PRO A 1 18  ? -4.769  8.975   8.036   1.00 17.94 ? 18  PRO A C   1 
ATOM   150  O O   . PRO A 1 18  ? -5.197  9.862   8.777   1.00 16.03 ? 18  PRO A O   1 
ATOM   151  C CB  . PRO A 1 18  ? -2.552  9.262   9.219   1.00 16.49 ? 18  PRO A CB  1 
ATOM   152  C CG  . PRO A 1 18  ? -1.951  10.346  8.375   1.00 17.11 ? 18  PRO A CG  1 
ATOM   153  C CD  . PRO A 1 18  ? -1.465  9.587   7.145   1.00 16.56 ? 18  PRO A CD  1 
ATOM   154  N N   . PHE A 1 19  ? -5.512  8.401   7.095   1.00 15.41 ? 19  PHE A N   1 
ATOM   155  C CA  . PHE A 1 19  ? -6.898  8.794   6.879   1.00 17.03 ? 19  PHE A CA  1 
ATOM   156  C C   . PHE A 1 19  ? -7.538  7.982   5.762   1.00 16.67 ? 19  PHE A C   1 
ATOM   157  O O   . PHE A 1 19  ? -6.874  7.169   5.118   1.00 16.02 ? 19  PHE A O   1 
ATOM   158  C CB  . PHE A 1 19  ? -6.985  10.296  6.552   1.00 17.47 ? 19  PHE A CB  1 
ATOM   159  C CG  . PHE A 1 19  ? -6.217  10.711  5.314   1.00 17.51 ? 19  PHE A CG  1 
ATOM   160  C CD1 . PHE A 1 19  ? -6.719  10.456  4.042   1.00 16.25 ? 19  PHE A CD1 1 
ATOM   161  C CD2 . PHE A 1 19  ? -4.984  11.360  5.427   1.00 17.58 ? 19  PHE A CD2 1 
ATOM   162  C CE1 . PHE A 1 19  ? -6.004  10.846  2.892   1.00 16.04 ? 19  PHE A CE1 1 
ATOM   163  C CE2 . PHE A 1 19  ? -4.267  11.750  4.293   1.00 16.77 ? 19  PHE A CE2 1 
ATOM   164  C CZ  . PHE A 1 19  ? -4.780  11.492  3.019   1.00 16.38 ? 19  PHE A CZ  1 
ATOM   165  N N   . TRP A 1 20  ? -8.837  8.190   5.563   1.00 15.26 ? 20  TRP A N   1 
ATOM   166  C CA  . TRP A 1 20  ? -9.577  7.535   4.492   1.00 16.55 ? 20  TRP A CA  1 
ATOM   167  C C   . TRP A 1 20  ? -9.719  8.618   3.427   1.00 15.23 ? 20  TRP A C   1 
ATOM   168  O O   . TRP A 1 20  ? -10.309 9.666   3.676   1.00 15.31 ? 20  TRP A O   1 
ATOM   169  C CB  . TRP A 1 20  ? -10.964 7.081   4.973   1.00 16.54 ? 20  TRP A CB  1 
ATOM   170  C CG  . TRP A 1 20  ? -10.931 5.921   5.917   1.00 19.15 ? 20  TRP A CG  1 
ATOM   171  C CD1 . TRP A 1 20  ? -10.359 4.703   5.698   1.00 19.52 ? 20  TRP A CD1 1 
ATOM   172  C CD2 . TRP A 1 20  ? -11.499 5.865   7.232   1.00 20.91 ? 20  TRP A CD2 1 
ATOM   173  N NE1 . TRP A 1 20  ? -10.531 3.892   6.789   1.00 20.64 ? 20  TRP A NE1 1 
ATOM   174  C CE2 . TRP A 1 20  ? -11.228 4.579   7.748   1.00 21.90 ? 20  TRP A CE2 1 
ATOM   175  C CE3 . TRP A 1 20  ? -12.210 6.776   8.025   1.00 21.96 ? 20  TRP A CE3 1 
ATOM   176  C CZ2 . TRP A 1 20  ? -11.641 4.178   9.021   1.00 22.35 ? 20  TRP A CZ2 1 
ATOM   177  C CZ3 . TRP A 1 20  ? -12.622 6.378   9.294   1.00 22.89 ? 20  TRP A CZ3 1 
ATOM   178  C CH2 . TRP A 1 20  ? -12.335 5.089   9.779   1.00 23.64 ? 20  TRP A CH2 1 
ATOM   179  N N   . VAL A 1 21  ? -9.163  8.375   2.247   1.00 15.87 ? 21  VAL A N   1 
ATOM   180  C CA  . VAL A 1 21  ? -9.216  9.366   1.186   1.00 16.30 ? 21  VAL A CA  1 
ATOM   181  C C   . VAL A 1 21  ? -10.640 9.671   0.731   1.00 17.86 ? 21  VAL A C   1 
ATOM   182  O O   . VAL A 1 21  ? -10.884 10.718  0.135   1.00 18.82 ? 21  VAL A O   1 
ATOM   183  C CB  . VAL A 1 21  ? -8.341  8.933   -0.023  1.00 17.21 ? 21  VAL A CB  1 
ATOM   184  C CG1 . VAL A 1 21  ? -8.945  7.719   -0.700  1.00 13.03 ? 21  VAL A CG1 1 
ATOM   185  C CG2 . VAL A 1 21  ? -8.166  10.095  -0.993  1.00 15.89 ? 21  VAL A CG2 1 
ATOM   186  N N   . ASP A 1 22  ? -11.584 8.776   1.022   1.00 16.59 ? 22  ASP A N   1 
ATOM   187  C CA  . ASP A 1 22  ? -12.971 9.020   0.637   1.00 18.05 ? 22  ASP A CA  1 
ATOM   188  C C   . ASP A 1 22  ? -13.777 9.686   1.758   1.00 18.67 ? 22  ASP A C   1 
ATOM   189  O O   . ASP A 1 22  ? -14.964 9.976   1.589   1.00 18.12 ? 22  ASP A O   1 
ATOM   190  C CB  . ASP A 1 22  ? -13.663 7.710   0.214   1.00 19.45 ? 22  ASP A CB  1 
ATOM   191  C CG  . ASP A 1 22  ? -13.893 6.748   1.376   1.00 19.67 ? 22  ASP A CG  1 
ATOM   192  O OD1 . ASP A 1 22  ? -13.624 7.101   2.543   1.00 20.63 ? 22  ASP A OD1 1 
ATOM   193  O OD2 . ASP A 1 22  ? -14.356 5.618   1.113   1.00 24.34 ? 22  ASP A OD2 1 
ATOM   194  N N   . THR A 1 23  ? -13.128 9.953   2.889   1.00 18.33 ? 23  THR A N   1 
ATOM   195  C CA  . THR A 1 23  ? -13.820 10.548  4.033   1.00 20.45 ? 23  THR A CA  1 
ATOM   196  C C   . THR A 1 23  ? -13.222 11.828  4.639   1.00 21.90 ? 23  THR A C   1 
ATOM   197  O O   . THR A 1 23  ? -13.916 12.844  4.770   1.00 21.53 ? 23  THR A O   1 
ATOM   198  C CB  . THR A 1 23  ? -13.943 9.511   5.175   1.00 20.01 ? 23  THR A CB  1 
ATOM   199  O OG1 . THR A 1 23  ? -14.563 8.317   4.675   1.00 19.60 ? 23  THR A OG1 1 
ATOM   200  C CG2 . THR A 1 23  ? -14.770 10.071  6.329   1.00 21.21 ? 23  THR A CG2 1 
ATOM   201  N N   . HIS A 1 24  ? -11.945 11.769  5.010   1.00 21.28 ? 24  HIS A N   1 
ATOM   202  C CA  . HIS A 1 24  ? -11.263 12.892  5.659   1.00 22.02 ? 24  HIS A CA  1 
ATOM   203  C C   . HIS A 1 24  ? -10.792 14.064  4.820   1.00 22.25 ? 24  HIS A C   1 
ATOM   204  O O   . HIS A 1 24  ? -10.517 15.131  5.368   1.00 23.02 ? 24  HIS A O   1 
ATOM   205  C CB  . HIS A 1 24  ? -10.046 12.399  6.442   1.00 21.62 ? 24  HIS A CB  1 
ATOM   206  C CG  . HIS A 1 24  ? -10.371 11.450  7.546   1.00 21.73 ? 24  HIS A CG  1 
ATOM   207  N ND1 . HIS A 1 24  ? -10.247 10.085  7.410   1.00 21.46 ? 24  HIS A ND1 1 
ATOM   208  C CD2 . HIS A 1 24  ? -10.792 11.668  8.814   1.00 23.71 ? 24  HIS A CD2 1 
ATOM   209  C CE1 . HIS A 1 24  ? -10.576 9.503   8.549   1.00 23.85 ? 24  HIS A CE1 1 
ATOM   210  N NE2 . HIS A 1 24  ? -10.910 10.440  9.418   1.00 23.70 ? 24  HIS A NE2 1 
ATOM   211  N N   . VAL A 1 25  ? -10.682 13.884  3.511   1.00 21.85 ? 25  VAL A N   1 
ATOM   212  C CA  . VAL A 1 25  ? -10.186 14.962  2.666   1.00 23.18 ? 25  VAL A CA  1 
ATOM   213  C C   . VAL A 1 25  ? -11.108 15.267  1.492   1.00 23.87 ? 25  VAL A C   1 
ATOM   214  O O   . VAL A 1 25  ? -11.995 14.478  1.170   1.00 22.73 ? 25  VAL A O   1 
ATOM   215  C CB  . VAL A 1 25  ? -8.779  14.619  2.142   1.00 23.13 ? 25  VAL A CB  1 
ATOM   216  C CG1 . VAL A 1 25  ? -7.821  14.457  3.318   1.00 23.21 ? 25  VAL A CG1 1 
ATOM   217  C CG2 . VAL A 1 25  ? -8.830  13.326  1.336   1.00 23.70 ? 25  VAL A CG2 1 
ATOM   218  N N   . ASP A 1 26  ? -10.885 16.413  0.855   1.00 23.49 ? 26  ASP A N   1 
ATOM   219  C CA  . ASP A 1 26  ? -11.709 16.833  -0.271  1.00 25.47 ? 26  ASP A CA  1 
ATOM   220  C C   . ASP A 1 26  ? -10.907 17.067  -1.551  1.00 26.75 ? 26  ASP A C   1 
ATOM   221  O O   . ASP A 1 26  ? -10.359 18.149  -1.758  1.00 23.67 ? 26  ASP A O   1 
ATOM   222  C CB  . ASP A 1 26  ? -12.467 18.119  0.086   1.00 28.38 ? 26  ASP A CB  1 
ATOM   223  C CG  . ASP A 1 26  ? -13.143 18.046  1.447   1.00 31.85 ? 26  ASP A CG  1 
ATOM   224  O OD1 . ASP A 1 26  ? -13.868 17.062  1.702   1.00 34.33 ? 26  ASP A OD1 1 
ATOM   225  O OD2 . ASP A 1 26  ? -12.956 18.980  2.259   1.00 34.22 ? 26  ASP A OD2 1 
ATOM   226  N N   . PRO A 1 27  ? -10.831 16.051  -2.431  1.00 27.58 ? 27  PRO A N   1 
ATOM   227  C CA  . PRO A 1 27  ? -10.088 16.186  -3.691  1.00 26.29 ? 27  PRO A CA  1 
ATOM   228  C C   . PRO A 1 27  ? -10.750 17.263  -4.549  1.00 27.99 ? 27  PRO A C   1 
ATOM   229  O O   . PRO A 1 27  ? -11.895 17.639  -4.305  1.00 26.95 ? 27  PRO A O   1 
ATOM   230  C CB  . PRO A 1 27  ? -10.214 14.799  -4.324  1.00 26.28 ? 27  PRO A CB  1 
ATOM   231  C CG  . PRO A 1 27  ? -10.397 13.886  -3.140  1.00 26.70 ? 27  PRO A CG  1 
ATOM   232  C CD  . PRO A 1 27  ? -11.340 14.677  -2.268  1.00 26.90 ? 27  PRO A CD  1 
ATOM   233  N N   . PRO A 1 28  ? -10.048 17.754  -5.582  1.00 28.03 ? 28  PRO A N   1 
ATOM   234  C CA  . PRO A 1 28  ? -8.694  17.345  -5.956  1.00 27.03 ? 28  PRO A CA  1 
ATOM   235  C C   . PRO A 1 28  ? -7.624  17.969  -5.069  1.00 25.62 ? 28  PRO A C   1 
ATOM   236  O O   . PRO A 1 28  ? -7.895  18.893  -4.296  1.00 24.16 ? 28  PRO A O   1 
ATOM   237  C CB  . PRO A 1 28  ? -8.592  17.804  -7.407  1.00 28.20 ? 28  PRO A CB  1 
ATOM   238  C CG  . PRO A 1 28  ? -9.380  19.072  -7.390  1.00 28.10 ? 28  PRO A CG  1 
ATOM   239  C CD  . PRO A 1 28  ? -10.604 18.687  -6.581  1.00 28.75 ? 28  PRO A CD  1 
ATOM   240  N N   . PHE A 1 29  ? -6.405  17.455  -5.181  1.00 23.17 ? 29  PHE A N   1 
ATOM   241  C CA  . PHE A 1 29  ? -5.298  17.963  -4.391  1.00 21.70 ? 29  PHE A CA  1 
ATOM   242  C C   . PHE A 1 29  ? -4.334  18.735  -5.280  1.00 22.19 ? 29  PHE A C   1 
ATOM   243  O O   . PHE A 1 29  ? -4.452  18.720  -6.503  1.00 21.81 ? 29  PHE A O   1 
ATOM   244  C CB  . PHE A 1 29  ? -4.538  16.814  -3.726  1.00 19.67 ? 29  PHE A CB  1 
ATOM   245  C CG  . PHE A 1 29  ? -5.415  15.848  -2.983  1.00 17.83 ? 29  PHE A CG  1 
ATOM   246  C CD1 . PHE A 1 29  ? -5.918  14.718  -3.620  1.00 17.11 ? 29  PHE A CD1 1 
ATOM   247  C CD2 . PHE A 1 29  ? -5.723  16.060  -1.643  1.00 17.77 ? 29  PHE A CD2 1 
ATOM   248  C CE1 . PHE A 1 29  ? -6.715  13.800  -2.931  1.00 16.52 ? 29  PHE A CE1 1 
ATOM   249  C CE2 . PHE A 1 29  ? -6.523  15.151  -0.941  1.00 19.52 ? 29  PHE A CE2 1 
ATOM   250  C CZ  . PHE A 1 29  ? -7.018  14.015  -1.590  1.00 18.56 ? 29  PHE A CZ  1 
ATOM   251  N N   . HIS A 1 30  ? -3.383  19.412  -4.652  1.00 21.96 ? 30  HIS A N   1 
ATOM   252  C CA  . HIS A 1 30  ? -2.377  20.163  -5.384  1.00 22.33 ? 30  HIS A CA  1 
ATOM   253  C C   . HIS A 1 30  ? -1.165  20.357  -4.488  1.00 21.35 ? 30  HIS A C   1 
ATOM   254  O O   . HIS A 1 30  ? -1.254  20.205  -3.267  1.00 20.76 ? 30  HIS A O   1 
ATOM   255  C CB  . HIS A 1 30  ? -2.919  21.527  -5.832  1.00 22.32 ? 30  HIS A CB  1 
ATOM   256  C CG  . HIS A 1 30  ? -3.245  22.454  -4.704  1.00 23.39 ? 30  HIS A CG  1 
ATOM   257  N ND1 . HIS A 1 30  ? -4.478  22.472  -4.086  1.00 23.46 ? 30  HIS A ND1 1 
ATOM   258  C CD2 . HIS A 1 30  ? -2.499  23.398  -4.083  1.00 23.66 ? 30  HIS A CD2 1 
ATOM   259  C CE1 . HIS A 1 30  ? -4.478  23.391  -3.137  1.00 24.72 ? 30  HIS A CE1 1 
ATOM   260  N NE2 . HIS A 1 30  ? -3.289  23.966  -3.114  1.00 24.24 ? 30  HIS A NE2 1 
ATOM   261  N N   . LYS A 1 31  ? -0.030  20.672  -5.103  1.00 21.74 ? 31  LYS A N   1 
ATOM   262  C CA  . LYS A 1 31  ? 1.198   20.899  -4.362  1.00 22.05 ? 31  LYS A CA  1 
ATOM   263  C C   . LYS A 1 31  ? 1.306   22.387  -4.054  1.00 21.34 ? 31  LYS A C   1 
ATOM   264  O O   . LYS A 1 31  ? 1.118   23.226  -4.935  1.00 22.28 ? 31  LYS A O   1 
ATOM   265  C CB  . LYS A 1 31  ? 2.409   20.446  -5.183  1.00 24.38 ? 31  LYS A CB  1 
ATOM   266  C CG  . LYS A 1 31  ? 2.478   18.944  -5.425  1.00 28.08 ? 31  LYS A CG  1 
ATOM   267  C CD  . LYS A 1 31  ? 3.675   18.565  -6.304  1.00 30.56 ? 31  LYS A CD  1 
ATOM   268  C CE  . LYS A 1 31  ? 3.549   19.156  -7.704  1.00 33.09 ? 31  LYS A CE  1 
ATOM   269  N NZ  . LYS A 1 31  ? 4.658   18.743  -8.616  1.00 35.28 ? 31  LYS A NZ  1 
ATOM   270  N N   . SER A 1 32  ? 1.600   22.706  -2.799  1.00 20.22 ? 32  SER A N   1 
ATOM   271  C CA  . SER A 1 32  ? 1.735   24.093  -2.367  1.00 20.39 ? 32  SER A CA  1 
ATOM   272  C C   . SER A 1 32  ? 3.216   24.465  -2.282  1.00 20.50 ? 32  SER A C   1 
ATOM   273  O O   . SER A 1 32  ? 4.074   23.602  -2.075  1.00 19.45 ? 32  SER A O   1 
ATOM   274  C CB  . SER A 1 32  ? 1.059   24.282  -1.004  1.00 21.67 ? 32  SER A CB  1 
ATOM   275  O OG  . SER A 1 32  ? 1.221   25.605  -0.518  1.00 22.13 ? 32  SER A OG  1 
ATOM   276  N N   . SER A 1 33  ? 3.509   25.752  -2.444  1.00 19.08 ? 33  SER A N   1 
ATOM   277  C CA  . SER A 1 33  ? 4.888   26.230  -2.404  1.00 18.77 ? 33  SER A CA  1 
ATOM   278  C C   . SER A 1 33  ? 5.583   25.964  -1.074  1.00 17.00 ? 33  SER A C   1 
ATOM   279  O O   . SER A 1 33  ? 6.810   25.909  -1.015  1.00 17.43 ? 33  SER A O   1 
ATOM   280  C CB  . SER A 1 33  ? 4.935   27.733  -2.717  1.00 19.30 ? 33  SER A CB  1 
ATOM   281  O OG  . SER A 1 33  ? 4.242   28.491  -1.740  1.00 19.88 ? 33  SER A OG  1 
ATOM   282  N N   . ASP A 1 34  ? 4.809   25.787  -0.007  1.00 18.50 ? 34  ASP A N   1 
ATOM   283  C CA  . ASP A 1 34  ? 5.397   25.541  1.304   1.00 18.15 ? 34  ASP A CA  1 
ATOM   284  C C   . ASP A 1 34  ? 5.891   24.101  1.456   1.00 18.80 ? 34  ASP A C   1 
ATOM   285  O O   . ASP A 1 34  ? 6.300   23.689  2.538   1.00 18.84 ? 34  ASP A O   1 
ATOM   286  C CB  . ASP A 1 34  ? 4.392   25.888  2.415   1.00 18.42 ? 34  ASP A CB  1 
ATOM   287  C CG  . ASP A 1 34  ? 3.216   24.931  2.466   1.00 19.29 ? 34  ASP A CG  1 
ATOM   288  O OD1 . ASP A 1 34  ? 3.017   24.166  1.495   1.00 16.68 ? 34  ASP A OD1 1 
ATOM   289  O OD2 . ASP A 1 34  ? 2.488   24.955  3.483   1.00 18.60 ? 34  ASP A OD2 1 
ATOM   290  N N   . GLY A 1 35  ? 5.854   23.345  0.362   1.00 18.91 ? 35  GLY A N   1 
ATOM   291  C CA  . GLY A 1 35  ? 6.324   21.967  0.389   1.00 21.27 ? 35  GLY A CA  1 
ATOM   292  C C   . GLY A 1 35  ? 5.318   20.909  0.809   1.00 21.14 ? 35  GLY A C   1 
ATOM   293  O O   . GLY A 1 35  ? 5.688   19.759  1.063   1.00 22.06 ? 35  GLY A O   1 
ATOM   294  N N   . THR A 1 36  ? 4.044   21.277  0.871   1.00 20.05 ? 36  THR A N   1 
ATOM   295  C CA  . THR A 1 36  ? 3.008   20.335  1.281   1.00 19.20 ? 36  THR A CA  1 
ATOM   296  C C   . THR A 1 36  ? 2.027   20.030  0.161   1.00 18.59 ? 36  THR A C   1 
ATOM   297  O O   . THR A 1 36  ? 2.047   20.658  -0.895  1.00 20.04 ? 36  THR A O   1 
ATOM   298  C CB  . THR A 1 36  ? 2.179   20.888  2.461   1.00 18.73 ? 36  THR A CB  1 
ATOM   299  O OG1 . THR A 1 36  ? 1.517   22.090  2.048   1.00 19.07 ? 36  THR A OG1 1 
ATOM   300  C CG2 . THR A 1 36  ? 3.064   21.183  3.653   1.00 19.71 ? 36  THR A CG2 1 
ATOM   301  N N   . VAL A 1 37  ? 1.181   19.038  0.403   1.00 17.64 ? 37  VAL A N   1 
ATOM   302  C CA  . VAL A 1 37  ? 0.138   18.669  -0.538  1.00 16.76 ? 37  VAL A CA  1 
ATOM   303  C C   . VAL A 1 37  ? -1.140  19.125  0.162   1.00 17.66 ? 37  VAL A C   1 
ATOM   304  O O   . VAL A 1 37  ? -1.312  18.890  1.360   1.00 17.74 ? 37  VAL A O   1 
ATOM   305  C CB  . VAL A 1 37  ? 0.080   17.144  -0.773  1.00 17.19 ? 37  VAL A CB  1 
ATOM   306  C CG1 . VAL A 1 37  ? -1.177  16.790  -1.559  1.00 15.74 ? 37  VAL A CG1 1 
ATOM   307  C CG2 . VAL A 1 37  ? 1.327   16.682  -1.535  1.00 15.87 ? 37  VAL A CG2 1 
ATOM   308  N N   . ARG A 1 38  ? -2.029  19.774  -0.581  1.00 20.21 ? 38  ARG A N   1 
ATOM   309  C CA  . ARG A 1 38  ? -3.272  20.293  -0.017  1.00 21.63 ? 38  ARG A CA  1 
ATOM   310  C C   . ARG A 1 38  ? -4.494  19.786  -0.760  1.00 23.85 ? 38  ARG A C   1 
ATOM   311  O O   . ARG A 1 38  ? -4.426  19.509  -1.955  1.00 23.37 ? 38  ARG A O   1 
ATOM   312  C CB  . ARG A 1 38  ? -3.273  21.823  -0.089  1.00 19.91 ? 38  ARG A CB  1 
ATOM   313  C CG  . ARG A 1 38  ? -2.071  22.481  0.548   1.00 18.36 ? 38  ARG A CG  1 
ATOM   314  C CD  . ARG A 1 38  ? -2.225  22.534  2.047   1.00 19.55 ? 38  ARG A CD  1 
ATOM   315  N NE  . ARG A 1 38  ? -1.029  23.045  2.705   1.00 18.93 ? 38  ARG A NE  1 
ATOM   316  C CZ  . ARG A 1 38  ? -1.009  23.494  3.954   1.00 22.46 ? 38  ARG A CZ  1 
ATOM   317  N NH1 . ARG A 1 38  ? -2.126  23.495  4.669   1.00 24.74 ? 38  ARG A NH1 1 
ATOM   318  N NH2 . ARG A 1 38  ? 0.117   23.937  4.486   1.00 22.32 ? 38  ARG A NH2 1 
ATOM   319  N N   . ASP A 1 39  ? -5.616  19.668  -0.057  1.00 26.50 ? 39  ASP A N   1 
ATOM   320  C CA  . ASP A 1 39  ? -6.836  19.236  -0.719  1.00 31.38 ? 39  ASP A CA  1 
ATOM   321  C C   . ASP A 1 39  ? -7.604  20.491  -1.124  1.00 35.08 ? 39  ASP A C   1 
ATOM   322  O O   . ASP A 1 39  ? -7.227  21.606  -0.746  1.00 33.42 ? 39  ASP A O   1 
ATOM   323  C CB  . ASP A 1 39  ? -7.696  18.355  0.193   1.00 32.92 ? 39  ASP A CB  1 
ATOM   324  C CG  . ASP A 1 39  ? -8.167  19.075  1.437   1.00 36.90 ? 39  ASP A CG  1 
ATOM   325  O OD1 . ASP A 1 39  ? -8.360  20.310  1.384   1.00 35.98 ? 39  ASP A OD1 1 
ATOM   326  O OD2 . ASP A 1 39  ? -8.362  18.389  2.464   1.00 36.73 ? 39  ASP A OD2 1 
ATOM   327  N N   . ARG A 1 40  ? -8.670  20.297  -1.893  1.00 39.02 ? 40  ARG A N   1 
ATOM   328  C CA  . ARG A 1 40  ? -9.503  21.388  -2.395  1.00 43.15 ? 40  ARG A CA  1 
ATOM   329  C C   . ARG A 1 40  ? -9.827  22.490  -1.391  1.00 44.34 ? 40  ARG A C   1 
ATOM   330  O O   . ARG A 1 40  ? -9.933  23.660  -1.764  1.00 44.69 ? 40  ARG A O   1 
ATOM   331  C CB  . ARG A 1 40  ? -10.811 20.824  -2.955  1.00 45.12 ? 40  ARG A CB  1 
ATOM   332  C CG  . ARG A 1 40  ? -11.809 21.887  -3.370  1.00 50.03 ? 40  ARG A CG  1 
ATOM   333  C CD  . ARG A 1 40  ? -11.263 22.741  -4.502  1.00 53.93 ? 40  ARG A CD  1 
ATOM   334  N NE  . ARG A 1 40  ? -12.037 23.965  -4.696  1.00 56.85 ? 40  ARG A NE  1 
ATOM   335  C CZ  . ARG A 1 40  ? -13.348 24.002  -4.919  1.00 58.16 ? 40  ARG A CZ  1 
ATOM   336  N NH1 . ARG A 1 40  ? -14.049 22.876  -4.978  1.00 58.71 ? 40  ARG A NH1 1 
ATOM   337  N NH2 . ARG A 1 40  ? -13.958 25.167  -5.087  1.00 58.27 ? 40  ARG A NH2 1 
ATOM   338  N N   . ARG A 1 41  ? -9.992  22.124  -0.127  1.00 44.91 ? 41  ARG A N   1 
ATOM   339  C CA  . ARG A 1 41  ? -10.323 23.101  0.900   1.00 46.30 ? 41  ARG A CA  1 
ATOM   340  C C   . ARG A 1 41  ? -9.100  23.766  1.531   1.00 45.46 ? 41  ARG A C   1 
ATOM   341  O O   . ARG A 1 41  ? -9.211  24.843  2.113   1.00 46.04 ? 41  ARG A O   1 
ATOM   342  C CB  . ARG A 1 41  ? -11.181 22.443  1.986   1.00 49.30 ? 41  ARG A CB  1 
ATOM   343  C CG  . ARG A 1 41  ? -12.578 22.014  1.523   1.00 53.30 ? 41  ARG A CG  1 
ATOM   344  C CD  . ARG A 1 41  ? -13.460 23.215  1.191   1.00 57.00 ? 41  ARG A CD  1 
ATOM   345  N NE  . ARG A 1 41  ? -13.596 23.449  -0.247  1.00 59.64 ? 41  ARG A NE  1 
ATOM   346  C CZ  . ARG A 1 41  ? -14.044 24.584  -0.779  1.00 61.07 ? 41  ARG A CZ  1 
ATOM   347  N NH1 . ARG A 1 41  ? -14.396 25.593  0.008   1.00 62.08 ? 41  ARG A NH1 1 
ATOM   348  N NH2 . ARG A 1 41  ? -14.150 24.708  -2.097  1.00 61.38 ? 41  ARG A NH2 1 
ATOM   349  N N   . GLY A 1 42  ? -7.939  23.124  1.419   1.00 44.38 ? 42  GLY A N   1 
ATOM   350  C CA  . GLY A 1 42  ? -6.723  23.695  1.978   1.00 40.30 ? 42  GLY A CA  1 
ATOM   351  C C   . GLY A 1 42  ? -6.105  22.908  3.117   1.00 37.74 ? 42  GLY A C   1 
ATOM   352  O O   . GLY A 1 42  ? -5.241  23.411  3.835   1.00 36.88 ? 42  GLY A O   1 
ATOM   353  N N   . GLN A 1 43  ? -6.534  21.663  3.282   1.00 35.45 ? 43  GLN A N   1 
ATOM   354  C CA  . GLN A 1 43  ? -6.015  20.818  4.350   1.00 32.11 ? 43  GLN A CA  1 
ATOM   355  C C   . GLN A 1 43  ? -4.625  20.266  4.005   1.00 31.52 ? 43  GLN A C   1 
ATOM   356  O O   . GLN A 1 43  ? -4.367  19.891  2.862   1.00 30.27 ? 43  GLN A O   1 
ATOM   357  C CB  . GLN A 1 43  ? -6.992  19.668  4.596   1.00 34.46 ? 43  GLN A CB  1 
ATOM   358  C CG  . GLN A 1 43  ? -7.064  19.195  6.028   1.00 32.94 ? 43  GLN A CG  1 
ATOM   359  C CD  . GLN A 1 43  ? -8.151  18.155  6.237   1.00 32.59 ? 43  GLN A CD  1 
ATOM   360  O OE1 . GLN A 1 43  ? -8.472  17.800  7.369   1.00 32.85 ? 43  GLN A OE1 1 
ATOM   361  N NE2 . GLN A 1 43  ? -8.719  17.662  5.142   1.00 30.67 ? 43  GLN A NE2 1 
ATOM   362  N N   . ASN A 1 44  ? -3.741  20.215  5.002   1.00 29.08 ? 44  ASN A N   1 
ATOM   363  C CA  . ASN A 1 44  ? -2.377  19.715  4.828   1.00 29.56 ? 44  ASN A CA  1 
ATOM   364  C C   . ASN A 1 44  ? -2.301  18.184  4.844   1.00 28.54 ? 44  ASN A C   1 
ATOM   365  O O   . ASN A 1 44  ? -2.298  17.553  5.904   1.00 30.33 ? 44  ASN A O   1 
ATOM   366  C CB  . ASN A 1 44  ? -1.470  20.302  5.916   1.00 29.81 ? 44  ASN A CB  1 
ATOM   367  C CG  . ASN A 1 44  ? -0.074  19.705  5.909   1.00 29.49 ? 44  ASN A CG  1 
ATOM   368  O OD1 . ASN A 1 44  ? 0.475   19.368  4.862   1.00 29.94 ? 44  ASN A OD1 1 
ATOM   369  N ND2 . ASN A 1 44  ? 0.517   19.592  7.089   1.00 33.03 ? 44  ASN A ND2 1 
ATOM   370  N N   . ILE A 1 45  ? -2.217  17.600  3.655   1.00 25.15 ? 45  ILE A N   1 
ATOM   371  C CA  . ILE A 1 45  ? -2.170  16.150  3.492   1.00 22.80 ? 45  ILE A CA  1 
ATOM   372  C C   . ILE A 1 45  ? -0.763  15.589  3.671   1.00 22.00 ? 45  ILE A C   1 
ATOM   373  O O   . ILE A 1 45  ? 0.157   15.969  2.948   1.00 22.51 ? 45  ILE A O   1 
ATOM   374  C CB  . ILE A 1 45  ? -2.681  15.751  2.087   1.00 20.90 ? 45  ILE A CB  1 
ATOM   375  C CG1 . ILE A 1 45  ? -3.955  16.533  1.755   1.00 21.38 ? 45  ILE A CG1 1 
ATOM   376  C CG2 . ILE A 1 45  ? -2.924  14.246  2.021   1.00 19.20 ? 45  ILE A CG2 1 
ATOM   377  C CD1 . ILE A 1 45  ? -5.065  16.390  2.779   1.00 20.02 ? 45  ILE A CD1 1 
ATOM   378  N N   . GLN A 1 46  ? -0.602  14.669  4.617   1.00 20.83 ? 46  GLN A N   1 
ATOM   379  C CA  . GLN A 1 46  ? 0.706   14.073  4.869   1.00 21.93 ? 46  GLN A CA  1 
ATOM   380  C C   . GLN A 1 46  ? 0.681   12.550  4.880   1.00 20.88 ? 46  GLN A C   1 
ATOM   381  O O   . GLN A 1 46  ? -0.346  11.930  5.165   1.00 22.20 ? 46  GLN A O   1 
ATOM   382  C CB  . GLN A 1 46  ? 1.261   14.561  6.210   1.00 24.87 ? 46  GLN A CB  1 
ATOM   383  C CG  . GLN A 1 46  ? 1.285   16.069  6.364   1.00 28.74 ? 46  GLN A CG  1 
ATOM   384  C CD  . GLN A 1 46  ? 1.662   16.492  7.771   1.00 33.22 ? 46  GLN A CD  1 
ATOM   385  O OE1 . GLN A 1 46  ? 2.824   16.411  8.169   1.00 33.88 ? 46  GLN A OE1 1 
ATOM   386  N NE2 . GLN A 1 46  ? 0.669   16.932  8.539   1.00 34.95 ? 46  GLN A NE2 1 
ATOM   387  N N   . LEU A 1 47  ? 1.824   11.956  4.562   1.00 18.56 ? 47  LEU A N   1 
ATOM   388  C CA  . LEU A 1 47  ? 1.977   10.508  4.559   1.00 17.71 ? 47  LEU A CA  1 
ATOM   389  C C   . LEU A 1 47  ? 2.537   10.152  5.920   1.00 18.41 ? 47  LEU A C   1 
ATOM   390  O O   . LEU A 1 47  ? 2.980   11.038  6.656   1.00 18.11 ? 47  LEU A O   1 
ATOM   391  C CB  . LEU A 1 47  ? 3.009   10.079  3.518   1.00 16.99 ? 47  LEU A CB  1 
ATOM   392  C CG  . LEU A 1 47  ? 2.825   10.465  2.056   1.00 19.57 ? 47  LEU A CG  1 
ATOM   393  C CD1 . LEU A 1 47  ? 4.124   10.182  1.297   1.00 18.99 ? 47  LEU A CD1 1 
ATOM   394  C CD2 . LEU A 1 47  ? 1.663   9.693   1.462   1.00 17.36 ? 47  LEU A CD2 1 
ATOM   395  N N   . TYR A 1 48  ? 2.511   8.873   6.275   1.00 17.16 ? 48  TYR A N   1 
ATOM   396  C CA  . TYR A 1 48  ? 3.138   8.498   7.528   1.00 16.37 ? 48  TYR A CA  1 
ATOM   397  C C   . TYR A 1 48  ? 4.594   8.828   7.185   1.00 16.63 ? 48  TYR A C   1 
ATOM   398  O O   . TYR A 1 48  ? 5.071   8.494   6.099   1.00 16.72 ? 48  TYR A O   1 
ATOM   399  C CB  . TYR A 1 48  ? 2.954   7.011   7.820   1.00 16.48 ? 48  TYR A CB  1 
ATOM   400  C CG  . TYR A 1 48  ? 1.563   6.668   8.312   1.00 17.13 ? 48  TYR A CG  1 
ATOM   401  C CD1 . TYR A 1 48  ? 0.589   6.196   7.435   1.00 15.90 ? 48  TYR A CD1 1 
ATOM   402  C CD2 . TYR A 1 48  ? 1.228   6.812   9.659   1.00 16.65 ? 48  TYR A CD2 1 
ATOM   403  C CE1 . TYR A 1 48  ? -0.686  5.866   7.888   1.00 17.89 ? 48  TYR A CE1 1 
ATOM   404  C CE2 . TYR A 1 48  ? -0.046  6.488   10.125  1.00 18.90 ? 48  TYR A CE2 1 
ATOM   405  C CZ  . TYR A 1 48  ? -0.995  6.009   9.231   1.00 18.08 ? 48  TYR A CZ  1 
ATOM   406  O OH  . TYR A 1 48  ? -2.237  5.646   9.686   1.00 17.97 ? 48  TYR A OH  1 
ATOM   407  N N   . PRO A 1 49  ? 5.315   9.485   8.105   1.00 16.91 ? 49  PRO A N   1 
ATOM   408  C CA  . PRO A 1 49  ? 6.715   9.887   7.907   1.00 17.37 ? 49  PRO A CA  1 
ATOM   409  C C   . PRO A 1 49  ? 7.716   8.972   7.188   1.00 17.02 ? 49  PRO A C   1 
ATOM   410  O O   . PRO A 1 49  ? 8.503   9.454   6.372   1.00 14.99 ? 49  PRO A O   1 
ATOM   411  C CB  . PRO A 1 49  ? 7.173   10.255  9.325   1.00 17.75 ? 49  PRO A CB  1 
ATOM   412  C CG  . PRO A 1 49  ? 6.294   9.414   10.203  1.00 19.00 ? 49  PRO A CG  1 
ATOM   413  C CD  . PRO A 1 49  ? 4.953   9.561   9.533   1.00 15.78 ? 49  PRO A CD  1 
ATOM   414  N N   . GLU A 1 50  ? 7.700   7.670   7.462   1.00 14.97 ? 50  GLU A N   1 
ATOM   415  C CA  . GLU A 1 50  ? 8.679   6.788   6.824   1.00 15.43 ? 50  GLU A CA  1 
ATOM   416  C C   . GLU A 1 50  ? 8.246   6.082   5.543   1.00 15.36 ? 50  GLU A C   1 
ATOM   417  O O   . GLU A 1 50  ? 8.984   5.254   5.011   1.00 13.57 ? 50  GLU A O   1 
ATOM   418  C CB  . GLU A 1 50  ? 9.188   5.762   7.839   1.00 15.56 ? 50  GLU A CB  1 
ATOM   419  C CG  . GLU A 1 50  ? 9.850   6.424   9.042   1.00 19.44 ? 50  GLU A CG  1 
ATOM   420  C CD  . GLU A 1 50  ? 10.263  5.444   10.122  1.00 21.33 ? 50  GLU A CD  1 
ATOM   421  O OE1 . GLU A 1 50  ? 10.732  5.918   11.180  1.00 22.32 ? 50  GLU A OE1 1 
ATOM   422  O OE2 . GLU A 1 50  ? 10.122  4.217   9.925   1.00 19.29 ? 50  GLU A OE2 1 
ATOM   423  N N   . VAL A 1 51  ? 7.069   6.427   5.031   1.00 14.71 ? 51  VAL A N   1 
ATOM   424  C CA  . VAL A 1 51  ? 6.564   5.815   3.803   1.00 13.79 ? 51  VAL A CA  1 
ATOM   425  C C   . VAL A 1 51  ? 7.521   5.958   2.606   1.00 13.53 ? 51  VAL A C   1 
ATOM   426  O O   . VAL A 1 51  ? 7.775   4.989   1.890   1.00 13.60 ? 51  VAL A O   1 
ATOM   427  C CB  . VAL A 1 51  ? 5.159   6.381   3.452   1.00 11.72 ? 51  VAL A CB  1 
ATOM   428  C CG1 . VAL A 1 51  ? 4.781   6.044   2.018   1.00 12.75 ? 51  VAL A CG1 1 
ATOM   429  C CG2 . VAL A 1 51  ? 4.131   5.770   4.390   1.00 13.64 ? 51  VAL A CG2 1 
ATOM   430  N N   . PRO A 1 52  ? 8.071   7.161   2.374   1.00 12.98 ? 52  PRO A N   1 
ATOM   431  C CA  . PRO A 1 52  ? 8.983   7.270   1.229   1.00 14.04 ? 52  PRO A CA  1 
ATOM   432  C C   . PRO A 1 52  ? 10.162  6.289   1.326   1.00 13.70 ? 52  PRO A C   1 
ATOM   433  O O   . PRO A 1 52  ? 10.521  5.638   0.340   1.00 13.16 ? 52  PRO A O   1 
ATOM   434  C CB  . PRO A 1 52  ? 9.430   8.730   1.280   1.00 15.07 ? 52  PRO A CB  1 
ATOM   435  C CG  . PRO A 1 52  ? 8.226   9.424   1.848   1.00 15.29 ? 52  PRO A CG  1 
ATOM   436  C CD  . PRO A 1 52  ? 7.811   8.483   2.971   1.00 13.19 ? 52  PRO A CD  1 
ATOM   437  N N   . GLU A 1 53  ? 10.746  6.173   2.516   1.00 13.17 ? 53  GLU A N   1 
ATOM   438  C CA  . GLU A 1 53  ? 11.880  5.270   2.731   1.00 14.98 ? 53  GLU A CA  1 
ATOM   439  C C   . GLU A 1 53  ? 11.454  3.804   2.677   1.00 13.65 ? 53  GLU A C   1 
ATOM   440  O O   . GLU A 1 53  ? 12.234  2.933   2.292   1.00 11.23 ? 53  GLU A O   1 
ATOM   441  C CB  . GLU A 1 53  ? 12.551  5.574   4.072   1.00 16.78 ? 53  GLU A CB  1 
ATOM   442  C CG  . GLU A 1 53  ? 13.133  6.980   4.141   1.00 18.28 ? 53  GLU A CG  1 
ATOM   443  C CD  . GLU A 1 53  ? 13.624  7.348   5.525   1.00 20.28 ? 53  GLU A CD  1 
ATOM   444  O OE1 . GLU A 1 53  ? 14.813  7.103   5.826   1.00 22.92 ? 53  GLU A OE1 1 
ATOM   445  O OE2 . GLU A 1 53  ? 12.815  7.871   6.320   1.00 19.34 ? 53  GLU A OE2 1 
ATOM   446  N N   . VAL A 1 54  ? 10.218  3.530   3.082   1.00 12.41 ? 54  VAL A N   1 
ATOM   447  C CA  . VAL A 1 54  ? 9.707   2.164   3.029   1.00 13.69 ? 54  VAL A CA  1 
ATOM   448  C C   . VAL A 1 54  ? 9.698   1.696   1.565   1.00 14.31 ? 54  VAL A C   1 
ATOM   449  O O   . VAL A 1 54  ? 10.217  0.630   1.239   1.00 12.97 ? 54  VAL A O   1 
ATOM   450  C CB  . VAL A 1 54  ? 8.265   2.081   3.603   1.00 13.26 ? 54  VAL A CB  1 
ATOM   451  C CG1 . VAL A 1 54  ? 7.619   0.738   3.226   1.00 14.05 ? 54  VAL A CG1 1 
ATOM   452  C CG2 . VAL A 1 54  ? 8.303   2.226   5.128   1.00 13.49 ? 54  VAL A CG2 1 
ATOM   453  N N   . LEU A 1 55  ? 9.112   2.501   0.683   1.00 14.67 ? 55  LEU A N   1 
ATOM   454  C CA  . LEU A 1 55  ? 9.050   2.145   -0.732  1.00 14.03 ? 55  LEU A CA  1 
ATOM   455  C C   . LEU A 1 55  ? 10.450  2.162   -1.351  1.00 16.01 ? 55  LEU A C   1 
ATOM   456  O O   . LEU A 1 55  ? 10.778  1.330   -2.204  1.00 14.47 ? 55  LEU A O   1 
ATOM   457  C CB  . LEU A 1 55  ? 8.115   3.111   -1.475  1.00 15.13 ? 55  LEU A CB  1 
ATOM   458  C CG  . LEU A 1 55  ? 6.675   3.148   -0.941  1.00 15.67 ? 55  LEU A CG  1 
ATOM   459  C CD1 . LEU A 1 55  ? 5.887   4.264   -1.624  1.00 17.47 ? 55  LEU A CD1 1 
ATOM   460  C CD2 . LEU A 1 55  ? 6.002   1.807   -1.182  1.00 16.60 ? 55  LEU A CD2 1 
ATOM   461  N N   . GLY A 1 56  ? 11.276  3.108   -0.914  1.00 15.36 ? 56  GLY A N   1 
ATOM   462  C CA  . GLY A 1 56  ? 12.631  3.192   -1.431  1.00 15.40 ? 56  GLY A CA  1 
ATOM   463  C C   . GLY A 1 56  ? 13.430  1.955   -1.062  1.00 16.49 ? 56  GLY A C   1 
ATOM   464  O O   . GLY A 1 56  ? 14.284  1.507   -1.826  1.00 17.16 ? 56  GLY A O   1 
ATOM   465  N N   . ARG A 1 57  ? 13.163  1.391   0.114   1.00 17.09 ? 57  ARG A N   1 
ATOM   466  C CA  . ARG A 1 57  ? 13.882  0.196   0.533   1.00 16.34 ? 57  ARG A CA  1 
ATOM   467  C C   . ARG A 1 57  ? 13.459  -0.995  -0.317  1.00 15.40 ? 57  ARG A C   1 
ATOM   468  O O   . ARG A 1 57  ? 14.292  -1.804  -0.726  1.00 13.95 ? 57  ARG A O   1 
ATOM   469  C CB  . ARG A 1 57  ? 13.631  -0.112  2.013   1.00 19.14 ? 57  ARG A CB  1 
ATOM   470  C CG  . ARG A 1 57  ? 14.371  -1.358  2.474   1.00 22.80 ? 57  ARG A CG  1 
ATOM   471  C CD  . ARG A 1 57  ? 14.684  -1.327  3.952   1.00 26.60 ? 57  ARG A CD  1 
ATOM   472  N NE  . ARG A 1 57  ? 15.435  -0.136  4.343   1.00 23.54 ? 57  ARG A NE  1 
ATOM   473  C CZ  . ARG A 1 57  ? 15.869  0.080   5.579   1.00 26.22 ? 57  ARG A CZ  1 
ATOM   474  N NH1 . ARG A 1 57  ? 15.634  -0.820  6.528   1.00 28.00 ? 57  ARG A NH1 1 
ATOM   475  N NH2 . ARG A 1 57  ? 16.508  1.200   5.879   1.00 23.83 ? 57  ARG A NH2 1 
ATOM   476  N N   . LEU A 1 58  ? 12.165  -1.102  -0.591  1.00 13.07 ? 58  LEU A N   1 
ATOM   477  C CA  . LEU A 1 58  ? 11.676  -2.203  -1.412  1.00 13.77 ? 58  LEU A CA  1 
ATOM   478  C C   . LEU A 1 58  ? 12.248  -2.056  -2.826  1.00 14.43 ? 58  LEU A C   1 
ATOM   479  O O   . LEU A 1 58  ? 12.616  -3.049  -3.466  1.00 13.95 ? 58  LEU A O   1 
ATOM   480  C CB  . LEU A 1 58  ? 10.137  -2.213  -1.422  1.00 13.26 ? 58  LEU A CB  1 
ATOM   481  C CG  . LEU A 1 58  ? 9.489   -2.708  -0.115  1.00 12.10 ? 58  LEU A CG  1 
ATOM   482  C CD1 . LEU A 1 58  ? 7.970   -2.484  -0.115  1.00 11.92 ? 58  LEU A CD1 1 
ATOM   483  C CD2 . LEU A 1 58  ? 9.798   -4.185  0.057   1.00 12.33 ? 58  LEU A CD2 1 
ATOM   484  N N   . GLN A 1 59  ? 12.348  -0.821  -3.305  1.00 15.21 ? 59  GLN A N   1 
ATOM   485  C CA  . GLN A 1 59  ? 12.905  -0.580  -4.636  1.00 18.63 ? 59  GLN A CA  1 
ATOM   486  C C   . GLN A 1 59  ? 14.359  -1.064  -4.665  1.00 19.94 ? 59  GLN A C   1 
ATOM   487  O O   . GLN A 1 59  ? 14.774  -1.766  -5.590  1.00 20.69 ? 59  GLN A O   1 
ATOM   488  C CB  . GLN A 1 59  ? 12.852  0.908   -4.980  1.00 22.30 ? 59  GLN A CB  1 
ATOM   489  C CG  . GLN A 1 59  ? 13.462  1.251   -6.335  1.00 28.41 ? 59  GLN A CG  1 
ATOM   490  C CD  . GLN A 1 59  ? 13.432  2.742   -6.623  1.00 33.51 ? 59  GLN A CD  1 
ATOM   491  O OE1 . GLN A 1 59  ? 13.931  3.545   -5.835  1.00 36.26 ? 59  GLN A OE1 1 
ATOM   492  N NE2 . GLN A 1 59  ? 12.848  3.118   -7.756  1.00 35.49 ? 59  GLN A NE2 1 
ATOM   493  N N   . SER A 1 60  ? 15.121  -0.689  -3.641  1.00 19.00 ? 60  SER A N   1 
ATOM   494  C CA  . SER A 1 60  ? 16.524  -1.084  -3.532  1.00 19.46 ? 60  SER A CA  1 
ATOM   495  C C   . SER A 1 60  ? 16.672  -2.595  -3.502  1.00 18.80 ? 60  SER A C   1 
ATOM   496  O O   . SER A 1 60  ? 17.649  -3.138  -4.020  1.00 20.04 ? 60  SER A O   1 
ATOM   497  C CB  . SER A 1 60  ? 17.156  -0.497  -2.263  1.00 20.55 ? 60  SER A CB  1 
ATOM   498  O OG  . SER A 1 60  ? 17.217  0.917   -2.316  1.00 24.79 ? 60  SER A OG  1 
ATOM   499  N N   . LEU A 1 61  ? 15.704  -3.275  -2.893  1.00 18.79 ? 61  LEU A N   1 
ATOM   500  C CA  . LEU A 1 61  ? 15.737  -4.728  -2.798  1.00 17.12 ? 61  LEU A CA  1 
ATOM   501  C C   . LEU A 1 61  ? 15.181  -5.408  -4.050  1.00 17.38 ? 61  LEU A C   1 
ATOM   502  O O   . LEU A 1 61  ? 15.170  -6.633  -4.135  1.00 16.76 ? 61  LEU A O   1 
ATOM   503  C CB  . LEU A 1 61  ? 14.957  -5.194  -1.560  1.00 16.88 ? 61  LEU A CB  1 
ATOM   504  C CG  . LEU A 1 61  ? 15.548  -4.770  -0.209  1.00 16.87 ? 61  LEU A CG  1 
ATOM   505  C CD1 . LEU A 1 61  ? 14.584  -5.115  0.912   1.00 17.56 ? 61  LEU A CD1 1 
ATOM   506  C CD2 . LEU A 1 61  ? 16.896  -5.459  -0.002  1.00 17.97 ? 61  LEU A CD2 1 
ATOM   507  N N   . GLY A 1 62  ? 14.731  -4.612  -5.017  1.00 18.15 ? 62  GLY A N   1 
ATOM   508  C CA  . GLY A 1 62  ? 14.192  -5.169  -6.248  1.00 17.40 ? 62  GLY A CA  1 
ATOM   509  C C   . GLY A 1 62  ? 12.838  -5.837  -6.078  1.00 18.48 ? 62  GLY A C   1 
ATOM   510  O O   . GLY A 1 62  ? 12.389  -6.592  -6.941  1.00 18.32 ? 62  GLY A O   1 
ATOM   511  N N   . VAL A 1 63  ? 12.176  -5.562  -4.961  1.00 15.69 ? 63  VAL A N   1 
ATOM   512  C CA  . VAL A 1 63  ? 10.877  -6.160  -4.704  1.00 16.71 ? 63  VAL A CA  1 
ATOM   513  C C   . VAL A 1 63  ? 9.761   -5.380  -5.399  1.00 16.10 ? 63  VAL A C   1 
ATOM   514  O O   . VAL A 1 63  ? 9.572   -4.193  -5.136  1.00 16.79 ? 63  VAL A O   1 
ATOM   515  C CB  . VAL A 1 63  ? 10.589  -6.205  -3.189  1.00 16.93 ? 63  VAL A CB  1 
ATOM   516  C CG1 . VAL A 1 63  ? 9.206   -6.779  -2.931  1.00 14.92 ? 63  VAL A CG1 1 
ATOM   517  C CG2 . VAL A 1 63  ? 11.654  -7.039  -2.492  1.00 17.38 ? 63  VAL A CG2 1 
ATOM   518  N N   . PRO A 1 64  ? 9.023   -6.034  -6.315  1.00 15.65 ? 64  PRO A N   1 
ATOM   519  C CA  . PRO A 1 64  ? 7.929   -5.349  -7.017  1.00 16.07 ? 64  PRO A CA  1 
ATOM   520  C C   . PRO A 1 64  ? 6.888   -4.857  -6.009  1.00 15.16 ? 64  PRO A C   1 
ATOM   521  O O   . PRO A 1 64  ? 6.520   -5.586  -5.086  1.00 14.20 ? 64  PRO A O   1 
ATOM   522  C CB  . PRO A 1 64  ? 7.372   -6.438  -7.929  1.00 17.84 ? 64  PRO A CB  1 
ATOM   523  C CG  . PRO A 1 64  ? 8.593   -7.258  -8.253  1.00 18.56 ? 64  PRO A CG  1 
ATOM   524  C CD  . PRO A 1 64  ? 9.255   -7.372  -6.889  1.00 16.32 ? 64  PRO A CD  1 
ATOM   525  N N   . VAL A 1 65  ? 6.416   -3.626  -6.190  1.00 15.16 ? 65  VAL A N   1 
ATOM   526  C CA  . VAL A 1 65  ? 5.436   -3.041  -5.280  1.00 14.40 ? 65  VAL A CA  1 
ATOM   527  C C   . VAL A 1 65  ? 4.108   -2.756  -5.976  1.00 14.60 ? 65  VAL A C   1 
ATOM   528  O O   . VAL A 1 65  ? 4.078   -2.232  -7.091  1.00 14.04 ? 65  VAL A O   1 
ATOM   529  C CB  . VAL A 1 65  ? 5.969   -1.715  -4.676  1.00 13.79 ? 65  VAL A CB  1 
ATOM   530  C CG1 . VAL A 1 65  ? 4.917   -1.084  -3.767  1.00 13.47 ? 65  VAL A CG1 1 
ATOM   531  C CG2 . VAL A 1 65  ? 7.261   -1.976  -3.910  1.00 15.06 ? 65  VAL A CG2 1 
ATOM   532  N N   . ALA A 1 66  ? 3.011   -3.097  -5.309  1.00 13.25 ? 66  ALA A N   1 
ATOM   533  C CA  . ALA A 1 66  ? 1.681   -2.862  -5.861  1.00 12.36 ? 66  ALA A CA  1 
ATOM   534  C C   . ALA A 1 66  ? 0.751   -2.314  -4.786  1.00 13.17 ? 66  ALA A C   1 
ATOM   535  O O   . ALA A 1 66  ? 1.041   -2.394  -3.589  1.00 12.01 ? 66  ALA A O   1 
ATOM   536  C CB  . ALA A 1 66  ? 1.113   -4.163  -6.427  1.00 12.53 ? 66  ALA A CB  1 
ATOM   537  N N   . ALA A 1 67  ? -0.368  -1.751  -5.231  1.00 12.81 ? 67  ALA A N   1 
ATOM   538  C CA  . ALA A 1 67  ? -1.377  -1.202  -4.340  1.00 12.49 ? 67  ALA A CA  1 
ATOM   539  C C   . ALA A 1 67  ? -2.648  -2.028  -4.510  1.00 14.37 ? 67  ALA A C   1 
ATOM   540  O O   . ALA A 1 67  ? -2.937  -2.513  -5.606  1.00 12.75 ? 67  ALA A O   1 
ATOM   541  C CB  . ALA A 1 67  ? -1.662  0.255   -4.699  1.00 13.22 ? 67  ALA A CB  1 
ATOM   542  N N   . ALA A 1 68  ? -3.385  -2.202  -3.416  1.00 12.06 ? 68  ALA A N   1 
ATOM   543  C CA  . ALA A 1 68  ? -4.657  -2.925  -3.420  1.00 12.57 ? 68  ALA A CA  1 
ATOM   544  C C   . ALA A 1 68  ? -5.513  -2.163  -2.411  1.00 13.16 ? 68  ALA A C   1 
ATOM   545  O O   . ALA A 1 68  ? -5.394  -2.379  -1.206  1.00 12.51 ? 68  ALA A O   1 
ATOM   546  C CB  . ALA A 1 68  ? -4.458  -4.365  -2.976  1.00 10.92 ? 68  ALA A CB  1 
ATOM   547  N N   . SER A 1 69  ? -6.353  -1.266  -2.925  1.00 13.08 ? 69  SER A N   1 
ATOM   548  C CA  . SER A 1 69  ? -7.218  -0.406  -2.117  1.00 13.90 ? 69  SER A CA  1 
ATOM   549  C C   . SER A 1 69  ? -8.701  -0.542  -2.477  1.00 14.15 ? 69  SER A C   1 
ATOM   550  O O   . SER A 1 69  ? -9.043  -0.704  -3.644  1.00 14.30 ? 69  SER A O   1 
ATOM   551  C CB  . SER A 1 69  ? -6.789  1.051   -2.314  1.00 12.98 ? 69  SER A CB  1 
ATOM   552  O OG  . SER A 1 69  ? -7.736  1.958   -1.771  1.00 15.52 ? 69  SER A OG  1 
ATOM   553  N N   . ARG A 1 70  ? -9.574  -0.452  -1.477  1.00 15.35 ? 70  ARG A N   1 
ATOM   554  C CA  . ARG A 1 70  ? -11.016 -0.571  -1.713  1.00 18.67 ? 70  ARG A CA  1 
ATOM   555  C C   . ARG A 1 70  ? -11.799 0.741   -1.734  1.00 20.34 ? 70  ARG A C   1 
ATOM   556  O O   . ARG A 1 70  ? -13.023 0.734   -1.590  1.00 23.85 ? 70  ARG A O   1 
ATOM   557  C CB  . ARG A 1 70  ? -11.640 -1.494  -0.668  1.00 16.58 ? 70  ARG A CB  1 
ATOM   558  C CG  . ARG A 1 70  ? -11.426 -2.970  -0.931  1.00 17.37 ? 70  ARG A CG  1 
ATOM   559  C CD  . ARG A 1 70  ? -11.939 -3.780  0.242   1.00 17.03 ? 70  ARG A CD  1 
ATOM   560  N NE  . ARG A 1 70  ? -13.310 -3.407  0.565   1.00 17.50 ? 70  ARG A NE  1 
ATOM   561  C CZ  . ARG A 1 70  ? -13.822 -3.449  1.789   1.00 17.58 ? 70  ARG A CZ  1 
ATOM   562  N NH1 . ARG A 1 70  ? -13.075 -3.848  2.809   1.00 15.19 ? 70  ARG A NH1 1 
ATOM   563  N NH2 . ARG A 1 70  ? -15.080 -3.076  1.993   1.00 16.84 ? 70  ARG A NH2 1 
ATOM   564  N N   . THR A 1 71  ? -11.121 1.857   -1.949  1.00 20.27 ? 71  THR A N   1 
ATOM   565  C CA  . THR A 1 71  ? -11.785 3.160   -1.951  1.00 19.59 ? 71  THR A CA  1 
ATOM   566  C C   . THR A 1 71  ? -12.584 3.507   -3.200  1.00 21.17 ? 71  THR A C   1 
ATOM   567  O O   . THR A 1 71  ? -12.320 3.002   -4.293  1.00 21.13 ? 71  THR A O   1 
ATOM   568  C CB  . THR A 1 71  ? -10.764 4.294   -1.723  1.00 19.56 ? 71  THR A CB  1 
ATOM   569  O OG1 . THR A 1 71  ? -11.459 5.521   -1.475  1.00 16.78 ? 71  THR A OG1 1 
ATOM   570  C CG2 . THR A 1 71  ? -9.868  4.463   -2.957  1.00 17.48 ? 71  THR A CG2 1 
ATOM   571  N N   . SER A 1 72  ? -13.570 4.384   -3.024  1.00 20.83 ? 72  SER A N   1 
ATOM   572  C CA  . SER A 1 72  ? -14.387 4.848   -4.131  1.00 21.33 ? 72  SER A CA  1 
ATOM   573  C C   . SER A 1 72  ? -13.753 6.134   -4.663  1.00 20.90 ? 72  SER A C   1 
ATOM   574  O O   . SER A 1 72  ? -14.010 6.547   -5.793  1.00 21.29 ? 72  SER A O   1 
ATOM   575  C CB  . SER A 1 72  ? -15.825 5.108   -3.662  1.00 24.58 ? 72  SER A CB  1 
ATOM   576  O OG  . SER A 1 72  ? -15.850 5.843   -2.446  1.00 25.86 ? 72  SER A OG  1 
ATOM   577  N N   . GLU A 1 73  ? -12.907 6.760   -3.848  1.00 19.70 ? 73  GLU A N   1 
ATOM   578  C CA  . GLU A 1 73  ? -12.233 7.987   -4.268  1.00 18.95 ? 73  GLU A CA  1 
ATOM   579  C C   . GLU A 1 73  ? -10.954 7.605   -5.006  1.00 18.65 ? 73  GLU A C   1 
ATOM   580  O O   . GLU A 1 73  ? -9.839  7.916   -4.571  1.00 16.10 ? 73  GLU A O   1 
ATOM   581  C CB  . GLU A 1 73  ? -11.908 8.872   -3.059  1.00 20.28 ? 73  GLU A CB  1 
ATOM   582  C CG  . GLU A 1 73  ? -11.264 10.190  -3.452  1.00 20.72 ? 73  GLU A CG  1 
ATOM   583  C CD  . GLU A 1 73  ? -12.001 10.861  -4.600  1.00 21.90 ? 73  GLU A CD  1 
ATOM   584  O OE1 . GLU A 1 73  ? -13.141 11.332  -4.390  1.00 22.07 ? 73  GLU A OE1 1 
ATOM   585  O OE2 . GLU A 1 73  ? -11.441 10.900  -5.716  1.00 20.35 ? 73  GLU A OE2 1 
ATOM   586  N N   . ILE A 1 74  ? -11.143 6.921   -6.131  1.00 18.00 ? 74  ILE A N   1 
ATOM   587  C CA  . ILE A 1 74  ? -10.057 6.427   -6.973  1.00 17.98 ? 74  ILE A CA  1 
ATOM   588  C C   . ILE A 1 74  ? -9.189  7.536   -7.548  1.00 18.97 ? 74  ILE A C   1 
ATOM   589  O O   . ILE A 1 74  ? -7.964  7.471   -7.486  1.00 19.13 ? 74  ILE A O   1 
ATOM   590  C CB  . ILE A 1 74  ? -10.633 5.582   -8.136  1.00 17.59 ? 74  ILE A CB  1 
ATOM   591  C CG1 . ILE A 1 74  ? -11.466 4.433   -7.560  1.00 16.06 ? 74  ILE A CG1 1 
ATOM   592  C CG2 . ILE A 1 74  ? -9.509  5.052   -9.024  1.00 17.64 ? 74  ILE A CG2 1 
ATOM   593  C CD1 . ILE A 1 74  ? -12.136 3.559   -8.616  1.00 15.07 ? 74  ILE A CD1 1 
ATOM   594  N N   . GLN A 1 75  ? -9.834  8.549   -8.113  1.00 19.90 ? 75  GLN A N   1 
ATOM   595  C CA  . GLN A 1 75  ? -9.138  9.684   -8.701  1.00 21.19 ? 75  GLN A CA  1 
ATOM   596  C C   . GLN A 1 75  ? -8.235  10.349  -7.669  1.00 19.67 ? 75  GLN A C   1 
ATOM   597  O O   . GLN A 1 75  ? -7.073  10.649  -7.944  1.00 20.46 ? 75  GLN A O   1 
ATOM   598  C CB  . GLN A 1 75  ? -10.153 10.707  -9.223  1.00 23.26 ? 75  GLN A CB  1 
ATOM   599  C CG  . GLN A 1 75  ? -11.145 10.158  -10.242 1.00 30.27 ? 75  GLN A CG  1 
ATOM   600  C CD  . GLN A 1 75  ? -11.943 8.967   -9.724  1.00 29.80 ? 75  GLN A CD  1 
ATOM   601  O OE1 . GLN A 1 75  ? -12.488 8.997   -8.622  1.00 30.23 ? 75  GLN A OE1 1 
ATOM   602  N NE2 . GLN A 1 75  ? -12.016 7.914   -10.528 1.00 34.97 ? 75  GLN A NE2 1 
ATOM   603  N N   . GLY A 1 76  ? -8.781  10.577  -6.480  1.00 17.51 ? 76  GLY A N   1 
ATOM   604  C CA  . GLY A 1 76  ? -8.015  11.201  -5.416  1.00 18.51 ? 76  GLY A CA  1 
ATOM   605  C C   . GLY A 1 76  ? -6.850  10.344  -4.942  1.00 17.71 ? 76  GLY A C   1 
ATOM   606  O O   . GLY A 1 76  ? -5.756  10.853  -4.712  1.00 17.09 ? 76  GLY A O   1 
ATOM   607  N N   . ALA A 1 77  ? -7.078  9.042   -4.798  1.00 15.50 ? 77  ALA A N   1 
ATOM   608  C CA  . ALA A 1 77  ? -6.021  8.140   -4.352  1.00 16.05 ? 77  ALA A CA  1 
ATOM   609  C C   . ALA A 1 77  ? -4.848  8.167   -5.334  1.00 16.79 ? 77  ALA A C   1 
ATOM   610  O O   . ALA A 1 77  ? -3.687  8.235   -4.924  1.00 16.07 ? 77  ALA A O   1 
ATOM   611  C CB  . ALA A 1 77  ? -6.561  6.717   -4.210  1.00 14.58 ? 77  ALA A CB  1 
ATOM   612  N N   . ASN A 1 78  ? -5.146  8.112   -6.630  1.00 17.35 ? 78  ASN A N   1 
ATOM   613  C CA  . ASN A 1 78  ? -4.092  8.144   -7.638  1.00 17.88 ? 78  ASN A CA  1 
ATOM   614  C C   . ASN A 1 78  ? -3.392  9.489   -7.685  1.00 18.45 ? 78  ASN A C   1 
ATOM   615  O O   . ASN A 1 78  ? -2.179  9.553   -7.872  1.00 17.58 ? 78  ASN A O   1 
ATOM   616  C CB  . ASN A 1 78  ? -4.649  7.825   -9.021  1.00 19.52 ? 78  ASN A CB  1 
ATOM   617  C CG  . ASN A 1 78  ? -4.774  6.342   -9.260  1.00 20.28 ? 78  ASN A CG  1 
ATOM   618  O OD1 . ASN A 1 78  ? -3.803  5.597   -9.111  1.00 21.01 ? 78  ASN A OD1 1 
ATOM   619  N ND2 . ASN A 1 78  ? -5.968  5.901   -9.637  1.00 23.58 ? 78  ASN A ND2 1 
ATOM   620  N N   . GLN A 1 79  ? -4.149  10.569  -7.529  1.00 17.44 ? 79  GLN A N   1 
ATOM   621  C CA  . GLN A 1 79  ? -3.535  11.885  -7.555  1.00 18.35 ? 79  GLN A CA  1 
ATOM   622  C C   . GLN A 1 79  ? -2.537  12.035  -6.408  1.00 17.64 ? 79  GLN A C   1 
ATOM   623  O O   . GLN A 1 79  ? -1.467  12.624  -6.583  1.00 16.79 ? 79  GLN A O   1 
ATOM   624  C CB  . GLN A 1 79  ? -4.596  12.983  -7.479  1.00 20.40 ? 79  GLN A CB  1 
ATOM   625  C CG  . GLN A 1 79  ? -4.002  14.383  -7.520  1.00 25.14 ? 79  GLN A CG  1 
ATOM   626  C CD  . GLN A 1 79  ? -5.033  15.446  -7.820  1.00 26.60 ? 79  GLN A CD  1 
ATOM   627  O OE1 . GLN A 1 79  ? -6.094  15.497  -7.192  1.00 26.44 ? 79  GLN A OE1 1 
ATOM   628  N NE2 . GLN A 1 79  ? -4.726  16.310  -8.782  1.00 27.48 ? 79  GLN A NE2 1 
ATOM   629  N N   . LEU A 1 80  ? -2.881  11.499  -5.240  1.00 16.09 ? 80  LEU A N   1 
ATOM   630  C CA  . LEU A 1 80  ? -1.987  11.577  -4.088  1.00 16.43 ? 80  LEU A CA  1 
ATOM   631  C C   . LEU A 1 80  ? -0.701  10.802  -4.352  1.00 16.08 ? 80  LEU A C   1 
ATOM   632  O O   . LEU A 1 80  ? 0.389   11.262  -4.012  1.00 16.63 ? 80  LEU A O   1 
ATOM   633  C CB  . LEU A 1 80  ? -2.669  11.035  -2.828  1.00 16.70 ? 80  LEU A CB  1 
ATOM   634  C CG  . LEU A 1 80  ? -3.693  11.957  -2.156  1.00 17.11 ? 80  LEU A CG  1 
ATOM   635  C CD1 . LEU A 1 80  ? -4.221  11.293  -0.895  1.00 16.57 ? 80  LEU A CD1 1 
ATOM   636  C CD2 . LEU A 1 80  ? -3.040  13.294  -1.814  1.00 16.15 ? 80  LEU A CD2 1 
ATOM   637  N N   . LEU A 1 81  ? -0.826  9.630   -4.965  1.00 14.39 ? 81  LEU A N   1 
ATOM   638  C CA  . LEU A 1 81  ? 0.346   8.819   -5.274  1.00 15.76 ? 81  LEU A CA  1 
ATOM   639  C C   . LEU A 1 81  ? 1.266   9.591   -6.214  1.00 17.91 ? 81  LEU A C   1 
ATOM   640  O O   . LEU A 1 81  ? 2.491   9.536   -6.080  1.00 17.57 ? 81  LEU A O   1 
ATOM   641  C CB  . LEU A 1 81  ? -0.070  7.488   -5.917  1.00 15.59 ? 81  LEU A CB  1 
ATOM   642  C CG  . LEU A 1 81  ? -0.791  6.508   -4.979  1.00 17.07 ? 81  LEU A CG  1 
ATOM   643  C CD1 . LEU A 1 81  ? -1.139  5.219   -5.724  1.00 16.56 ? 81  LEU A CD1 1 
ATOM   644  C CD2 . LEU A 1 81  ? 0.106   6.192   -3.784  1.00 16.37 ? 81  LEU A CD2 1 
ATOM   645  N N   . GLU A 1 82  ? 0.676   10.331  -7.149  1.00 16.69 ? 82  GLU A N   1 
ATOM   646  C CA  . GLU A 1 82  ? 1.468   11.102  -8.089  1.00 19.60 ? 82  GLU A CA  1 
ATOM   647  C C   . GLU A 1 82  ? 2.092   12.346  -7.459  1.00 18.67 ? 82  GLU A C   1 
ATOM   648  O O   . GLU A 1 82  ? 3.284   12.583  -7.619  1.00 18.39 ? 82  GLU A O   1 
ATOM   649  C CB  . GLU A 1 82  ? 0.618   11.494  -9.298  1.00 23.14 ? 82  GLU A CB  1 
ATOM   650  C CG  . GLU A 1 82  ? 0.108   10.295  -10.089 1.00 28.47 ? 82  GLU A CG  1 
ATOM   651  C CD  . GLU A 1 82  ? 1.222   9.335   -10.476 1.00 31.72 ? 82  GLU A CD  1 
ATOM   652  O OE1 . GLU A 1 82  ? 2.206   9.779   -11.105 1.00 34.35 ? 82  GLU A OE1 1 
ATOM   653  O OE2 . GLU A 1 82  ? 1.116   8.136   -10.153 1.00 31.95 ? 82  GLU A OE2 1 
ATOM   654  N N   . LEU A 1 83  ? 1.296   13.128  -6.733  1.00 17.97 ? 83  LEU A N   1 
ATOM   655  C CA  . LEU A 1 83  ? 1.800   14.347  -6.098  1.00 17.78 ? 83  LEU A CA  1 
ATOM   656  C C   . LEU A 1 83  ? 2.902   14.092  -5.070  1.00 18.32 ? 83  LEU A C   1 
ATOM   657  O O   . LEU A 1 83  ? 3.828   14.895  -4.939  1.00 17.68 ? 83  LEU A O   1 
ATOM   658  C CB  . LEU A 1 83  ? 0.649   15.129  -5.455  1.00 16.55 ? 83  LEU A CB  1 
ATOM   659  C CG  . LEU A 1 83  ? -0.410  15.640  -6.442  1.00 16.80 ? 83  LEU A CG  1 
ATOM   660  C CD1 . LEU A 1 83  ? -1.468  16.434  -5.698  1.00 17.70 ? 83  LEU A CD1 1 
ATOM   661  C CD2 . LEU A 1 83  ? 0.249   16.504  -7.514  1.00 19.21 ? 83  LEU A CD2 1 
ATOM   662  N N   . PHE A 1 84  ? 2.806   12.985  -4.336  1.00 18.48 ? 84  PHE A N   1 
ATOM   663  C CA  . PHE A 1 84  ? 3.831   12.644  -3.348  1.00 20.87 ? 84  PHE A CA  1 
ATOM   664  C C   . PHE A 1 84  ? 5.006   11.939  -4.022  1.00 22.00 ? 84  PHE A C   1 
ATOM   665  O O   . PHE A 1 84  ? 5.953   11.521  -3.356  1.00 22.56 ? 84  PHE A O   1 
ATOM   666  C CB  . PHE A 1 84  ? 3.261   11.729  -2.259  1.00 21.74 ? 84  PHE A CB  1 
ATOM   667  C CG  . PHE A 1 84  ? 2.457   12.450  -1.219  1.00 22.55 ? 84  PHE A CG  1 
ATOM   668  C CD1 . PHE A 1 84  ? 1.092   12.224  -1.096  1.00 21.96 ? 84  PHE A CD1 1 
ATOM   669  C CD2 . PHE A 1 84  ? 3.068   13.350  -0.354  1.00 22.37 ? 84  PHE A CD2 1 
ATOM   670  C CE1 . PHE A 1 84  ? 0.348   12.884  -0.123  1.00 24.77 ? 84  PHE A CE1 1 
ATOM   671  C CE2 . PHE A 1 84  ? 2.331   14.013  0.621   1.00 22.66 ? 84  PHE A CE2 1 
ATOM   672  C CZ  . PHE A 1 84  ? 0.971   13.780  0.737   1.00 23.05 ? 84  PHE A CZ  1 
ATOM   673  N N   . ASP A 1 85  ? 4.934   11.813  -5.344  1.00 22.80 ? 85  ASP A N   1 
ATOM   674  C CA  . ASP A 1 85  ? 5.974   11.154  -6.129  1.00 22.67 ? 85  ASP A CA  1 
ATOM   675  C C   . ASP A 1 85  ? 6.218   9.724   -5.646  1.00 21.30 ? 85  ASP A C   1 
ATOM   676  O O   . ASP A 1 85  ? 7.363   9.285   -5.495  1.00 20.26 ? 85  ASP A O   1 
ATOM   677  C CB  . ASP A 1 85  ? 7.277   11.967  -6.075  1.00 25.37 ? 85  ASP A CB  1 
ATOM   678  C CG  . ASP A 1 85  ? 8.327   11.456  -7.046  1.00 28.93 ? 85  ASP A CG  1 
ATOM   679  O OD1 . ASP A 1 85  ? 7.960   11.075  -8.181  1.00 29.06 ? 85  ASP A OD1 1 
ATOM   680  O OD2 . ASP A 1 85  ? 9.522   11.449  -6.680  1.00 32.64 ? 85  ASP A OD2 1 
ATOM   681  N N   . LEU A 1 86  ? 5.129   8.998   -5.407  1.00 17.67 ? 86  LEU A N   1 
ATOM   682  C CA  . LEU A 1 86  ? 5.220   7.616   -4.959  1.00 17.27 ? 86  LEU A CA  1 
ATOM   683  C C   . LEU A 1 86  ? 4.821   6.680   -6.087  1.00 16.97 ? 86  LEU A C   1 
ATOM   684  O O   . LEU A 1 86  ? 5.174   5.497   -6.081  1.00 15.87 ? 86  LEU A O   1 
ATOM   685  C CB  . LEU A 1 86  ? 4.298   7.383   -3.758  1.00 17.19 ? 86  LEU A CB  1 
ATOM   686  C CG  . LEU A 1 86  ? 4.577   8.236   -2.520  1.00 18.56 ? 86  LEU A CG  1 
ATOM   687  C CD1 . LEU A 1 86  ? 3.595   7.859   -1.406  1.00 18.42 ? 86  LEU A CD1 1 
ATOM   688  C CD2 . LEU A 1 86  ? 6.010   8.022   -2.065  1.00 18.06 ? 86  LEU A CD2 1 
ATOM   689  N N   . GLY A 1 87  ? 4.090   7.220   -7.059  1.00 16.43 ? 87  GLY A N   1 
ATOM   690  C CA  . GLY A 1 87  ? 3.632   6.419   -8.180  1.00 18.24 ? 87  GLY A CA  1 
ATOM   691  C C   . GLY A 1 87  ? 4.718   5.641   -8.903  1.00 17.57 ? 87  GLY A C   1 
ATOM   692  O O   . GLY A 1 87  ? 4.478   4.529   -9.368  1.00 18.43 ? 87  GLY A O   1 
ATOM   693  N N   . LYS A 1 88  ? 5.909   6.224   -8.998  1.00 17.81 ? 88  LYS A N   1 
ATOM   694  C CA  . LYS A 1 88  ? 7.036   5.587   -9.674  1.00 19.24 ? 88  LYS A CA  1 
ATOM   695  C C   . LYS A 1 88  ? 7.449   4.250   -9.061  1.00 19.88 ? 88  LYS A C   1 
ATOM   696  O O   . LYS A 1 88  ? 8.128   3.457   -9.705  1.00 20.70 ? 88  LYS A O   1 
ATOM   697  C CB  . LYS A 1 88  ? 8.246   6.530   -9.670  1.00 21.97 ? 88  LYS A CB  1 
ATOM   698  C CG  . LYS A 1 88  ? 8.782   6.837   -8.275  1.00 21.85 ? 88  LYS A CG  1 
ATOM   699  C CD  . LYS A 1 88  ? 9.851   7.923   -8.299  1.00 25.40 ? 88  LYS A CD  1 
ATOM   700  C CE  . LYS A 1 88  ? 10.314  8.261   -6.889  1.00 26.20 ? 88  LYS A CE  1 
ATOM   701  N NZ  . LYS A 1 88  ? 11.318  9.367   -6.870  1.00 29.88 ? 88  LYS A NZ  1 
ATOM   702  N N   . TYR A 1 89  ? 7.054   3.997   -7.820  1.00 18.86 ? 89  TYR A N   1 
ATOM   703  C CA  . TYR A 1 89  ? 7.428   2.747   -7.163  1.00 19.05 ? 89  TYR A CA  1 
ATOM   704  C C   . TYR A 1 89  ? 6.469   1.586   -7.421  1.00 18.28 ? 89  TYR A C   1 
ATOM   705  O O   . TYR A 1 89  ? 6.804   0.426   -7.153  1.00 17.66 ? 89  TYR A O   1 
ATOM   706  C CB  . TYR A 1 89  ? 7.524   2.951   -5.647  1.00 18.99 ? 89  TYR A CB  1 
ATOM   707  C CG  . TYR A 1 89  ? 8.631   3.869   -5.180  1.00 22.29 ? 89  TYR A CG  1 
ATOM   708  C CD1 . TYR A 1 89  ? 8.349   5.155   -4.724  1.00 23.74 ? 89  TYR A CD1 1 
ATOM   709  C CD2 . TYR A 1 89  ? 9.956   3.435   -5.151  1.00 21.75 ? 89  TYR A CD2 1 
ATOM   710  C CE1 . TYR A 1 89  ? 9.359   5.986   -4.242  1.00 25.72 ? 89  TYR A CE1 1 
ATOM   711  C CE2 . TYR A 1 89  ? 10.974  4.257   -4.672  1.00 23.63 ? 89  TYR A CE2 1 
ATOM   712  C CZ  . TYR A 1 89  ? 10.666  5.528   -4.217  1.00 25.28 ? 89  TYR A CZ  1 
ATOM   713  O OH  . TYR A 1 89  ? 11.660  6.333   -3.720  1.00 26.51 ? 89  TYR A OH  1 
ATOM   714  N N   . PHE A 1 90  ? 5.281   1.892   -7.933  1.00 16.68 ? 90  PHE A N   1 
ATOM   715  C CA  . PHE A 1 90  ? 4.267   0.872   -8.163  1.00 16.97 ? 90  PHE A CA  1 
ATOM   716  C C   . PHE A 1 90  ? 4.215   0.275   -9.558  1.00 18.74 ? 90  PHE A C   1 
ATOM   717  O O   . PHE A 1 90  ? 4.122   0.999   -10.549 1.00 20.81 ? 90  PHE A O   1 
ATOM   718  C CB  . PHE A 1 90  ? 2.880   1.433   -7.827  1.00 16.08 ? 90  PHE A CB  1 
ATOM   719  C CG  . PHE A 1 90  ? 2.700   1.781   -6.380  1.00 16.35 ? 90  PHE A CG  1 
ATOM   720  C CD1 . PHE A 1 90  ? 3.277   2.928   -5.848  1.00 15.73 ? 90  PHE A CD1 1 
ATOM   721  C CD2 . PHE A 1 90  ? 1.977   0.942   -5.538  1.00 16.77 ? 90  PHE A CD2 1 
ATOM   722  C CE1 . PHE A 1 90  ? 3.140   3.234   -4.495  1.00 16.61 ? 90  PHE A CE1 1 
ATOM   723  C CE2 . PHE A 1 90  ? 1.833   1.238   -4.185  1.00 19.23 ? 90  PHE A CE2 1 
ATOM   724  C CZ  . PHE A 1 90  ? 2.418   2.387   -3.663  1.00 16.03 ? 90  PHE A CZ  1 
ATOM   725  N N   . ILE A 1 91  ? 4.253   -1.052  -9.633  1.00 18.69 ? 91  ILE A N   1 
ATOM   726  C CA  . ILE A 1 91  ? 4.173   -1.732  -10.920 1.00 18.71 ? 91  ILE A CA  1 
ATOM   727  C C   . ILE A 1 91  ? 2.713   -1.966  -11.275 1.00 17.94 ? 91  ILE A C   1 
ATOM   728  O O   . ILE A 1 91  ? 2.375   -2.143  -12.445 1.00 18.11 ? 91  ILE A O   1 
ATOM   729  C CB  . ILE A 1 91  ? 4.888   -3.100  -10.905 1.00 20.53 ? 91  ILE A CB  1 
ATOM   730  C CG1 . ILE A 1 91  ? 4.332   -3.967  -9.774  1.00 21.78 ? 91  ILE A CG1 1 
ATOM   731  C CG2 . ILE A 1 91  ? 6.383   -2.896  -10.774 1.00 22.56 ? 91  ILE A CG2 1 
ATOM   732  C CD1 . ILE A 1 91  ? 4.753   -5.412  -9.847  1.00 26.45 ? 91  ILE A CD1 1 
ATOM   733  N N   . GLN A 1 92  ? 1.844   -1.963  -10.266 1.00 15.06 ? 92  GLN A N   1 
ATOM   734  C CA  . GLN A 1 92  ? 0.426   -2.186  -10.502 1.00 15.57 ? 92  GLN A CA  1 
ATOM   735  C C   . GLN A 1 92  ? -0.401  -1.567  -9.381  1.00 16.01 ? 92  GLN A C   1 
ATOM   736  O O   . GLN A 1 92  ? 0.027   -1.539  -8.228  1.00 14.64 ? 92  GLN A O   1 
ATOM   737  C CB  . GLN A 1 92  ? 0.137   -3.689  -10.580 1.00 14.10 ? 92  GLN A CB  1 
ATOM   738  C CG  . GLN A 1 92  ? -1.174  -4.034  -11.275 1.00 16.97 ? 92  GLN A CG  1 
ATOM   739  C CD  . GLN A 1 92  ? -1.369  -5.531  -11.430 1.00 19.62 ? 92  GLN A CD  1 
ATOM   740  O OE1 . GLN A 1 92  ? -0.405  -6.272  -11.625 1.00 20.38 ? 92  GLN A OE1 1 
ATOM   741  N NE2 . GLN A 1 92  ? -2.615  -5.983  -11.361 1.00 19.60 ? 92  GLN A NE2 1 
ATOM   742  N N   . ARG A 1 93  ? -1.583  -1.068  -9.727  1.00 14.89 ? 93  ARG A N   1 
ATOM   743  C CA  . ARG A 1 93  ? -2.469  -0.462  -8.739  1.00 15.46 ? 93  ARG A CA  1 
ATOM   744  C C   . ARG A 1 93  ? -3.897  -0.948  -8.928  1.00 14.06 ? 93  ARG A C   1 
ATOM   745  O O   . ARG A 1 93  ? -4.495  -0.718  -9.979  1.00 15.37 ? 93  ARG A O   1 
ATOM   746  C CB  . ARG A 1 93  ? -2.471  1.065   -8.873  1.00 16.62 ? 93  ARG A CB  1 
ATOM   747  C CG  . ARG A 1 93  ? -1.109  1.716   -8.931  1.00 19.79 ? 93  ARG A CG  1 
ATOM   748  C CD  . ARG A 1 93  ? -1.262  3.209   -9.164  1.00 21.23 ? 93  ARG A CD  1 
ATOM   749  N NE  . ARG A 1 93  ? -0.019  3.820   -9.615  1.00 21.82 ? 93  ARG A NE  1 
ATOM   750  C CZ  . ARG A 1 93  ? 0.137   5.120   -9.839  1.00 21.97 ? 93  ARG A CZ  1 
ATOM   751  N NH1 . ARG A 1 93  ? -0.873  5.958   -9.650  1.00 22.66 ? 93  ARG A NH1 1 
ATOM   752  N NH2 . ARG A 1 93  ? 1.304   5.578   -10.259 1.00 24.36 ? 93  ARG A NH2 1 
ATOM   753  N N   . GLU A 1 94  ? -4.436  -1.616  -7.915  1.00 12.50 ? 94  GLU A N   1 
ATOM   754  C CA  . GLU A 1 94  ? -5.817  -2.093  -7.945  1.00 13.01 ? 94  GLU A CA  1 
ATOM   755  C C   . GLU A 1 94  ? -6.538  -1.226  -6.909  1.00 12.68 ? 94  GLU A C   1 
ATOM   756  O O   . GLU A 1 94  ? -6.407  -1.436  -5.703  1.00 13.10 ? 94  GLU A O   1 
ATOM   757  C CB  . GLU A 1 94  ? -5.888  -3.574  -7.559  1.00 13.35 ? 94  GLU A CB  1 
ATOM   758  C CG  . GLU A 1 94  ? -5.118  -4.497  -8.512  1.00 15.72 ? 94  GLU A CG  1 
ATOM   759  C CD  . GLU A 1 94  ? -5.573  -4.354  -9.958  1.00 19.60 ? 94  GLU A CD  1 
ATOM   760  O OE1 . GLU A 1 94  ? -6.799  -4.333  -10.193 1.00 17.89 ? 94  GLU A OE1 1 
ATOM   761  O OE2 . GLU A 1 94  ? -4.710  -4.273  -10.860 1.00 20.88 ? 94  GLU A OE2 1 
ATOM   762  N N   . ILE A 1 95  ? -7.276  -0.233  -7.395  1.00 12.03 ? 95  ILE A N   1 
ATOM   763  C CA  . ILE A 1 95  ? -7.973  0.712   -6.530  1.00 11.87 ? 95  ILE A CA  1 
ATOM   764  C C   . ILE A 1 95  ? -9.438  0.840   -6.947  1.00 11.97 ? 95  ILE A C   1 
ATOM   765  O O   . ILE A 1 95  ? -9.748  1.484   -7.956  1.00 11.89 ? 95  ILE A O   1 
ATOM   766  C CB  . ILE A 1 95  ? -7.315  2.109   -6.625  1.00 10.93 ? 95  ILE A CB  1 
ATOM   767  C CG1 . ILE A 1 95  ? -5.804  1.994   -6.395  1.00 11.43 ? 95  ILE A CG1 1 
ATOM   768  C CG2 . ILE A 1 95  ? -7.946  3.060   -5.597  1.00 9.63  ? 95  ILE A CG2 1 
ATOM   769  C CD1 . ILE A 1 95  ? -5.047  3.269   -6.692  1.00 11.57 ? 95  ILE A CD1 1 
ATOM   770  N N   . TYR A 1 96  ? -10.322 0.237   -6.161  1.00 11.75 ? 96  TYR A N   1 
ATOM   771  C CA  . TYR A 1 96  ? -11.762 0.252   -6.425  1.00 14.47 ? 96  TYR A CA  1 
ATOM   772  C C   . TYR A 1 96  ? -12.494 -0.539  -5.349  1.00 15.00 ? 96  TYR A C   1 
ATOM   773  O O   . TYR A 1 96  ? -11.901 -1.378  -4.676  1.00 16.32 ? 96  TYR A O   1 
ATOM   774  C CB  . TYR A 1 96  ? -12.068 -0.362  -7.805  1.00 13.18 ? 96  TYR A CB  1 
ATOM   775  C CG  . TYR A 1 96  ? -11.307 -1.638  -8.107  1.00 13.18 ? 96  TYR A CG  1 
ATOM   776  C CD1 . TYR A 1 96  ? -11.669 -2.859  -7.529  1.00 14.46 ? 96  TYR A CD1 1 
ATOM   777  C CD2 . TYR A 1 96  ? -10.200 -1.618  -8.955  1.00 13.72 ? 96  TYR A CD2 1 
ATOM   778  C CE1 . TYR A 1 96  ? -10.936 -4.026  -7.794  1.00 14.27 ? 96  TYR A CE1 1 
ATOM   779  C CE2 . TYR A 1 96  ? -9.467  -2.770  -9.222  1.00 13.17 ? 96  TYR A CE2 1 
ATOM   780  C CZ  . TYR A 1 96  ? -9.835  -3.966  -8.641  1.00 13.55 ? 96  TYR A CZ  1 
ATOM   781  O OH  . TYR A 1 96  ? -9.080  -5.085  -8.906  1.00 16.47 ? 96  TYR A OH  1 
ATOM   782  N N   . PRO A 1 97  ? -13.795 -0.267  -5.165  1.00 17.39 ? 97  PRO A N   1 
ATOM   783  C CA  . PRO A 1 97  ? -14.610 -0.963  -4.162  1.00 17.52 ? 97  PRO A CA  1 
ATOM   784  C C   . PRO A 1 97  ? -14.774 -2.447  -4.487  1.00 17.59 ? 97  PRO A C   1 
ATOM   785  O O   . PRO A 1 97  ? -14.613 -2.862  -5.636  1.00 18.72 ? 97  PRO A O   1 
ATOM   786  C CB  . PRO A 1 97  ? -15.946 -0.221  -4.223  1.00 19.80 ? 97  PRO A CB  1 
ATOM   787  C CG  . PRO A 1 97  ? -15.549 1.172   -4.647  1.00 21.03 ? 97  PRO A CG  1 
ATOM   788  C CD  . PRO A 1 97  ? -14.525 0.882   -5.730  1.00 19.16 ? 97  PRO A CD  1 
ATOM   789  N N   . GLY A 1 98  ? -15.099 -3.238  -3.471  1.00 18.54 ? 98  GLY A N   1 
ATOM   790  C CA  . GLY A 1 98  ? -15.302 -4.662  -3.674  1.00 19.54 ? 98  GLY A CA  1 
ATOM   791  C C   . GLY A 1 98  ? -14.424 -5.484  -2.758  1.00 20.36 ? 98  GLY A C   1 
ATOM   792  O O   . GLY A 1 98  ? -13.611 -4.930  -2.022  1.00 20.05 ? 98  GLY A O   1 
ATOM   793  N N   . SER A 1 99  ? -14.592 -6.803  -2.790  1.00 19.42 ? 99  SER A N   1 
ATOM   794  C CA  . SER A 1 99  ? -13.776 -7.685  -1.966  1.00 19.43 ? 99  SER A CA  1 
ATOM   795  C C   . SER A 1 99  ? -12.335 -7.592  -2.451  1.00 17.78 ? 99  SER A C   1 
ATOM   796  O O   . SER A 1 99  ? -12.076 -7.701  -3.648  1.00 15.81 ? 99  SER A O   1 
ATOM   797  C CB  . SER A 1 99  ? -14.255 -9.132  -2.089  1.00 20.67 ? 99  SER A CB  1 
ATOM   798  O OG  . SER A 1 99  ? -13.356 -10.010 -1.431  1.00 23.31 ? 99  SER A OG  1 
ATOM   799  N N   . LYS A 1 100 ? -11.393 -7.410  -1.528  1.00 18.64 ? 100 LYS A N   1 
ATOM   800  C CA  . LYS A 1 100 ? -9.996  -7.289  -1.928  1.00 18.34 ? 100 LYS A CA  1 
ATOM   801  C C   . LYS A 1 100 ? -9.466  -8.575  -2.550  1.00 18.27 ? 100 LYS A C   1 
ATOM   802  O O   . LYS A 1 100 ? -8.356  -8.610  -3.083  1.00 18.41 ? 100 LYS A O   1 
ATOM   803  C CB  . LYS A 1 100 ? -9.131  -6.850  -0.740  1.00 17.26 ? 100 LYS A CB  1 
ATOM   804  C CG  . LYS A 1 100 ? -7.826  -6.197  -1.170  1.00 15.66 ? 100 LYS A CG  1 
ATOM   805  C CD  . LYS A 1 100 ? -7.211  -5.320  -0.074  1.00 14.55 ? 100 LYS A CD  1 
ATOM   806  C CE  . LYS A 1 100 ? -7.921  -3.982  0.068   1.00 14.01 ? 100 LYS A CE  1 
ATOM   807  N NZ  . LYS A 1 100 ? -7.143  -3.010  0.907   1.00 12.42 ? 100 LYS A NZ  1 
ATOM   808  N N   . VAL A 1 101 ? -10.265 -9.638  -2.492  1.00 18.87 ? 101 VAL A N   1 
ATOM   809  C CA  . VAL A 1 101 ? -9.870  -10.896 -3.105  1.00 17.94 ? 101 VAL A CA  1 
ATOM   810  C C   . VAL A 1 101 ? -9.764  -10.661 -4.611  1.00 17.77 ? 101 VAL A C   1 
ATOM   811  O O   . VAL A 1 101 ? -8.895  -11.226 -5.269  1.00 17.67 ? 101 VAL A O   1 
ATOM   812  C CB  . VAL A 1 101 ? -10.911 -12.019 -2.850  1.00 18.36 ? 101 VAL A CB  1 
ATOM   813  C CG1 . VAL A 1 101 ? -10.766 -13.116 -3.902  1.00 19.23 ? 101 VAL A CG1 1 
ATOM   814  C CG2 . VAL A 1 101 ? -10.706 -12.613 -1.460  1.00 18.09 ? 101 VAL A CG2 1 
ATOM   815  N N   . THR A 1 102 ? -10.644 -9.818  -5.155  1.00 17.75 ? 102 THR A N   1 
ATOM   816  C CA  . THR A 1 102 ? -10.615 -9.539  -6.589  1.00 17.24 ? 102 THR A CA  1 
ATOM   817  C C   . THR A 1 102 ? -9.365  -8.748  -6.975  1.00 15.24 ? 102 THR A C   1 
ATOM   818  O O   . THR A 1 102 ? -8.795  -8.966  -8.048  1.00 14.17 ? 102 THR A O   1 
ATOM   819  C CB  . THR A 1 102 ? -11.889 -8.775  -7.066  1.00 17.82 ? 102 THR A CB  1 
ATOM   820  O OG1 . THR A 1 102 ? -11.838 -7.414  -6.633  1.00 22.18 ? 102 THR A OG1 1 
ATOM   821  C CG2 . THR A 1 102 ? -13.145 -9.421  -6.492  1.00 15.14 ? 102 THR A CG2 1 
ATOM   822  N N   . HIS A 1 103 ? -8.935  -7.836  -6.105  1.00 14.86 ? 103 HIS A N   1 
ATOM   823  C CA  . HIS A 1 103 ? -7.728  -7.053  -6.373  1.00 13.57 ? 103 HIS A CA  1 
ATOM   824  C C   . HIS A 1 103 ? -6.536  -8.000  -6.472  1.00 13.11 ? 103 HIS A C   1 
ATOM   825  O O   . HIS A 1 103 ? -5.716  -7.893  -7.385  1.00 11.73 ? 103 HIS A O   1 
ATOM   826  C CB  . HIS A 1 103 ? -7.448  -6.052  -5.242  1.00 13.46 ? 103 HIS A CB  1 
ATOM   827  C CG  . HIS A 1 103 ? -8.568  -5.093  -4.981  1.00 15.72 ? 103 HIS A CG  1 
ATOM   828  N ND1 . HIS A 1 103 ? -9.818  -5.505  -4.579  1.00 14.76 ? 103 HIS A ND1 1 
ATOM   829  C CD2 . HIS A 1 103 ? -8.615  -3.740  -5.035  1.00 14.60 ? 103 HIS A CD2 1 
ATOM   830  C CE1 . HIS A 1 103 ? -10.588 -4.448  -4.392  1.00 16.20 ? 103 HIS A CE1 1 
ATOM   831  N NE2 . HIS A 1 103 ? -9.882  -3.364  -4.661  1.00 15.12 ? 103 HIS A NE2 1 
ATOM   832  N N   . PHE A 1 104 ? -6.447  -8.928  -5.522  1.00 15.00 ? 104 PHE A N   1 
ATOM   833  C CA  . PHE A 1 104 ? -5.341  -9.874  -5.498  1.00 15.83 ? 104 PHE A CA  1 
ATOM   834  C C   . PHE A 1 104 ? -5.355  -10.882 -6.630  1.00 17.02 ? 104 PHE A C   1 
ATOM   835  O O   . PHE A 1 104 ? -4.297  -11.293 -7.097  1.00 17.79 ? 104 PHE A O   1 
ATOM   836  C CB  . PHE A 1 104 ? -5.266  -10.591 -4.147  1.00 15.31 ? 104 PHE A CB  1 
ATOM   837  C CG  . PHE A 1 104 ? -4.455  -9.840  -3.129  1.00 18.19 ? 104 PHE A CG  1 
ATOM   838  C CD1 . PHE A 1 104 ? -4.977  -8.718  -2.492  1.00 16.59 ? 104 PHE A CD1 1 
ATOM   839  C CD2 . PHE A 1 104 ? -3.133  -10.207 -2.871  1.00 16.75 ? 104 PHE A CD2 1 
ATOM   840  C CE1 . PHE A 1 104 ? -4.193  -7.962  -1.615  1.00 16.88 ? 104 PHE A CE1 1 
ATOM   841  C CE2 . PHE A 1 104 ? -2.344  -9.461  -1.999  1.00 16.56 ? 104 PHE A CE2 1 
ATOM   842  C CZ  . PHE A 1 104 ? -2.876  -8.335  -1.370  1.00 16.86 ? 104 PHE A CZ  1 
ATOM   843  N N   . GLU A 1 105 ? -6.538  -11.289 -7.078  1.00 18.21 ? 105 GLU A N   1 
ATOM   844  C CA  . GLU A 1 105 ? -6.583  -12.233 -8.184  1.00 19.42 ? 105 GLU A CA  1 
ATOM   845  C C   . GLU A 1 105 ? -6.000  -11.559 -9.418  1.00 18.22 ? 105 GLU A C   1 
ATOM   846  O O   . GLU A 1 105 ? -5.318  -12.197 -10.207 1.00 18.52 ? 105 GLU A O   1 
ATOM   847  C CB  . GLU A 1 105 ? -8.012  -12.696 -8.462  1.00 21.22 ? 105 GLU A CB  1 
ATOM   848  C CG  . GLU A 1 105 ? -8.598  -13.533 -7.348  1.00 27.41 ? 105 GLU A CG  1 
ATOM   849  C CD  . GLU A 1 105 ? -9.945  -14.110 -7.711  1.00 32.13 ? 105 GLU A CD  1 
ATOM   850  O OE1 . GLU A 1 105 ? -10.820 -13.340 -8.165  1.00 35.42 ? 105 GLU A OE1 1 
ATOM   851  O OE2 . GLU A 1 105 ? -10.129 -15.335 -7.541  1.00 34.79 ? 105 GLU A OE2 1 
ATOM   852  N N   . ARG A 1 106 ? -6.253  -10.262 -9.573  1.00 19.05 ? 106 ARG A N   1 
ATOM   853  C CA  . ARG A 1 106 ? -5.722  -9.538  -10.725 1.00 19.11 ? 106 ARG A CA  1 
ATOM   854  C C   . ARG A 1 106 ? -4.221  -9.288  -10.570 1.00 18.32 ? 106 ARG A C   1 
ATOM   855  O O   . ARG A 1 106 ? -3.484  -9.287  -11.561 1.00 16.51 ? 106 ARG A O   1 
ATOM   856  C CB  . ARG A 1 106 ? -6.471  -8.217  -10.926 1.00 20.48 ? 106 ARG A CB  1 
ATOM   857  C CG  . ARG A 1 106 ? -6.104  -7.506  -12.218 1.00 22.95 ? 106 ARG A CG  1 
ATOM   858  C CD  . ARG A 1 106 ? -7.125  -6.434  -12.579 1.00 23.55 ? 106 ARG A CD  1 
ATOM   859  N NE  . ARG A 1 106 ? -6.597  -5.497  -13.569 1.00 25.50 ? 106 ARG A NE  1 
ATOM   860  C CZ  . ARG A 1 106 ? -6.395  -5.784  -14.850 1.00 26.83 ? 106 ARG A CZ  1 
ATOM   861  N NH1 . ARG A 1 106 ? -6.681  -6.990  -15.315 1.00 30.67 ? 106 ARG A NH1 1 
ATOM   862  N NH2 . ARG A 1 106 ? -5.897  -4.864  -15.663 1.00 29.12 ? 106 ARG A NH2 1 
ATOM   863  N N   . LEU A 1 107 ? -3.767  -9.077  -9.334  1.00 16.37 ? 107 LEU A N   1 
ATOM   864  C CA  . LEU A 1 107 ? -2.339  -8.867  -9.085  1.00 16.91 ? 107 LEU A CA  1 
ATOM   865  C C   . LEU A 1 107 ? -1.616  -10.170 -9.407  1.00 17.36 ? 107 LEU A C   1 
ATOM   866  O O   . LEU A 1 107 ? -0.567  -10.175 -10.047 1.00 17.98 ? 107 LEU A O   1 
ATOM   867  C CB  . LEU A 1 107 ? -2.089  -8.499  -7.619  1.00 14.17 ? 107 LEU A CB  1 
ATOM   868  C CG  . LEU A 1 107 ? -2.447  -7.072  -7.192  1.00 13.89 ? 107 LEU A CG  1 
ATOM   869  C CD1 . LEU A 1 107 ? -2.284  -6.942  -5.685  1.00 13.91 ? 107 LEU A CD1 1 
ATOM   870  C CD2 . LEU A 1 107 ? -1.549  -6.079  -7.913  1.00 14.58 ? 107 LEU A CD2 1 
ATOM   871  N N   . HIS A 1 108 ? -2.196  -11.273 -8.947  1.00 18.28 ? 108 HIS A N   1 
ATOM   872  C CA  . HIS A 1 108 ? -1.645  -12.599 -9.184  1.00 21.72 ? 108 HIS A CA  1 
ATOM   873  C C   . HIS A 1 108 ? -1.564  -12.858 -10.685 1.00 22.21 ? 108 HIS A C   1 
ATOM   874  O O   . HIS A 1 108 ? -0.525  -13.259 -11.207 1.00 21.70 ? 108 HIS A O   1 
ATOM   875  C CB  . HIS A 1 108 ? -2.546  -13.649 -8.529  1.00 24.74 ? 108 HIS A CB  1 
ATOM   876  C CG  . HIS A 1 108 ? -2.227  -15.058 -8.922  1.00 28.92 ? 108 HIS A CG  1 
ATOM   877  N ND1 . HIS A 1 108 ? -1.021  -15.659 -8.630  1.00 29.86 ? 108 HIS A ND1 1 
ATOM   878  C CD2 . HIS A 1 108 ? -2.962  -15.987 -9.578  1.00 29.77 ? 108 HIS A CD2 1 
ATOM   879  C CE1 . HIS A 1 108 ? -1.027  -16.899 -9.087  1.00 31.46 ? 108 HIS A CE1 1 
ATOM   880  N NE2 . HIS A 1 108 ? -2.193  -17.123 -9.667  1.00 32.33 ? 108 HIS A NE2 1 
ATOM   881  N N   . HIS A 1 109 ? -2.669  -12.599 -11.374 1.00 22.38 ? 109 HIS A N   1 
ATOM   882  C CA  . HIS A 1 109 ? -2.749  -12.825 -12.805 1.00 22.86 ? 109 HIS A CA  1 
ATOM   883  C C   . HIS A 1 109 ? -1.772  -12.024 -13.657 1.00 23.01 ? 109 HIS A C   1 
ATOM   884  O O   . HIS A 1 109 ? -1.096  -12.587 -14.520 1.00 24.72 ? 109 HIS A O   1 
ATOM   885  C CB  . HIS A 1 109 ? -4.169  -12.562 -13.305 1.00 22.69 ? 109 HIS A CB  1 
ATOM   886  C CG  . HIS A 1 109 ? -4.343  -12.841 -14.764 1.00 23.12 ? 109 HIS A CG  1 
ATOM   887  N ND1 . HIS A 1 109 ? -4.180  -14.100 -15.302 1.00 24.09 ? 109 HIS A ND1 1 
ATOM   888  C CD2 . HIS A 1 109 ? -4.617  -12.019 -15.805 1.00 23.82 ? 109 HIS A CD2 1 
ATOM   889  C CE1 . HIS A 1 109 ? -4.346  -14.041 -16.611 1.00 24.49 ? 109 HIS A CE1 1 
ATOM   890  N NE2 . HIS A 1 109 ? -4.611  -12.791 -16.942 1.00 26.08 ? 109 HIS A NE2 1 
ATOM   891  N N   . LYS A 1 110 ? -1.688  -10.718 -13.420 1.00 21.14 ? 110 LYS A N   1 
ATOM   892  C CA  . LYS A 1 110 ? -0.809  -9.870  -14.216 1.00 21.30 ? 110 LYS A CA  1 
ATOM   893  C C   . LYS A 1 110 ? 0.679   -9.970  -13.887 1.00 22.11 ? 110 LYS A C   1 
ATOM   894  O O   . LYS A 1 110 ? 1.518   -9.803  -14.771 1.00 21.78 ? 110 LYS A O   1 
ATOM   895  C CB  . LYS A 1 110 ? -1.261  -8.414  -14.117 1.00 23.02 ? 110 LYS A CB  1 
ATOM   896  C CG  . LYS A 1 110 ? -2.678  -8.170  -14.639 1.00 23.40 ? 110 LYS A CG  1 
ATOM   897  C CD  . LYS A 1 110 ? -2.793  -8.531  -16.114 1.00 26.63 ? 110 LYS A CD  1 
ATOM   898  C CE  . LYS A 1 110 ? -4.202  -8.284  -16.646 1.00 27.98 ? 110 LYS A CE  1 
ATOM   899  N NZ  . LYS A 1 110 ? -4.338  -8.691  -18.078 1.00 27.19 ? 110 LYS A NZ  1 
ATOM   900  N N   . THR A 1 111 ? 1.011   -10.240 -12.628 1.00 21.64 ? 111 THR A N   1 
ATOM   901  C CA  . THR A 1 111 ? 2.419   -10.346 -12.233 1.00 22.30 ? 111 THR A CA  1 
ATOM   902  C C   . THR A 1 111 ? 2.929   -11.772 -12.374 1.00 22.97 ? 111 THR A C   1 
ATOM   903  O O   . THR A 1 111 ? 4.119   -11.996 -12.604 1.00 24.11 ? 111 THR A O   1 
ATOM   904  C CB  . THR A 1 111 ? 2.636   -9.918  -10.771 1.00 19.53 ? 111 THR A CB  1 
ATOM   905  O OG1 . THR A 1 111 ? 1.997   -10.858 -9.893  1.00 20.63 ? 111 THR A OG1 1 
ATOM   906  C CG2 . THR A 1 111 ? 2.070   -8.531  -10.542 1.00 19.58 ? 111 THR A CG2 1 
ATOM   907  N N   . GLY A 1 112 ? 2.023   -12.733 -12.227 1.00 23.05 ? 112 GLY A N   1 
ATOM   908  C CA  . GLY A 1 112 ? 2.400   -14.127 -12.328 1.00 22.51 ? 112 GLY A CA  1 
ATOM   909  C C   . GLY A 1 112 ? 2.961   -14.634 -11.014 1.00 23.35 ? 112 GLY A C   1 
ATOM   910  O O   . GLY A 1 112 ? 3.402   -15.778 -10.917 1.00 23.65 ? 112 GLY A O   1 
ATOM   911  N N   . VAL A 1 113 ? 2.942   -13.773 -9.999  1.00 22.80 ? 113 VAL A N   1 
ATOM   912  C CA  . VAL A 1 113 ? 3.455   -14.125 -8.678  1.00 20.62 ? 113 VAL A CA  1 
ATOM   913  C C   . VAL A 1 113 ? 2.452   -14.961 -7.893  1.00 21.15 ? 113 VAL A C   1 
ATOM   914  O O   . VAL A 1 113 ? 1.307   -14.549 -7.684  1.00 20.64 ? 113 VAL A O   1 
ATOM   915  C CB  . VAL A 1 113 ? 3.783   -12.851 -7.856  1.00 18.73 ? 113 VAL A CB  1 
ATOM   916  C CG1 . VAL A 1 113 ? 4.287   -13.227 -6.465  1.00 19.43 ? 113 VAL A CG1 1 
ATOM   917  C CG2 . VAL A 1 113 ? 4.814   -12.016 -8.592  1.00 19.66 ? 113 VAL A CG2 1 
ATOM   918  N N   . PRO A 1 114 ? 2.859   -16.162 -7.457  1.00 21.00 ? 114 PRO A N   1 
ATOM   919  C CA  . PRO A 1 114 ? 1.902   -16.965 -6.693  1.00 21.79 ? 114 PRO A CA  1 
ATOM   920  C C   . PRO A 1 114 ? 1.534   -16.263 -5.383  1.00 22.37 ? 114 PRO A C   1 
ATOM   921  O O   . PRO A 1 114 ? 2.335   -15.505 -4.834  1.00 21.66 ? 114 PRO A O   1 
ATOM   922  C CB  . PRO A 1 114 ? 2.640   -18.292 -6.487  1.00 21.52 ? 114 PRO A CB  1 
ATOM   923  C CG  . PRO A 1 114 ? 4.081   -17.941 -6.658  1.00 23.37 ? 114 PRO A CG  1 
ATOM   924  C CD  . PRO A 1 114 ? 4.081   -16.924 -7.758  1.00 20.95 ? 114 PRO A CD  1 
ATOM   925  N N   . PHE A 1 115 ? 0.319   -16.501 -4.899  1.00 22.60 ? 115 PHE A N   1 
ATOM   926  C CA  . PHE A 1 115 ? -0.161  -15.882 -3.663  1.00 22.74 ? 115 PHE A CA  1 
ATOM   927  C C   . PHE A 1 115 ? 0.755   -16.108 -2.464  1.00 22.48 ? 115 PHE A C   1 
ATOM   928  O O   . PHE A 1 115 ? 0.938   -15.216 -1.636  1.00 22.15 ? 115 PHE A O   1 
ATOM   929  C CB  . PHE A 1 115 ? -1.559  -16.400 -3.328  1.00 22.57 ? 115 PHE A CB  1 
ATOM   930  C CG  . PHE A 1 115 ? -2.612  -15.972 -4.305  1.00 24.02 ? 115 PHE A CG  1 
ATOM   931  C CD1 . PHE A 1 115 ? -3.351  -16.916 -5.008  1.00 26.11 ? 115 PHE A CD1 1 
ATOM   932  C CD2 . PHE A 1 115 ? -2.875  -14.624 -4.512  1.00 23.68 ? 115 PHE A CD2 1 
ATOM   933  C CE1 . PHE A 1 115 ? -4.340  -16.522 -5.905  1.00 26.92 ? 115 PHE A CE1 1 
ATOM   934  C CE2 . PHE A 1 115 ? -3.861  -14.221 -5.404  1.00 24.42 ? 115 PHE A CE2 1 
ATOM   935  C CZ  . PHE A 1 115 ? -4.594  -15.170 -6.102  1.00 25.88 ? 115 PHE A CZ  1 
ATOM   936  N N   . SER A 1 116 ? 1.323   -17.306 -2.368  1.00 21.24 ? 116 SER A N   1 
ATOM   937  C CA  . SER A 1 116 ? 2.220   -17.640 -1.264  1.00 20.53 ? 116 SER A CA  1 
ATOM   938  C C   . SER A 1 116 ? 3.511   -16.823 -1.289  1.00 19.10 ? 116 SER A C   1 
ATOM   939  O O   . SER A 1 116 ? 4.229   -16.769 -0.293  1.00 20.49 ? 116 SER A O   1 
ATOM   940  C CB  . SER A 1 116 ? 2.569   -19.130 -1.308  1.00 20.48 ? 116 SER A CB  1 
ATOM   941  O OG  . SER A 1 116 ? 3.228   -19.444 -2.523  1.00 20.53 ? 116 SER A OG  1 
ATOM   942  N N   . GLN A 1 117 ? 3.808   -16.194 -2.424  1.00 19.13 ? 117 GLN A N   1 
ATOM   943  C CA  . GLN A 1 117 ? 5.023   -15.389 -2.566  1.00 19.32 ? 117 GLN A CA  1 
ATOM   944  C C   . GLN A 1 117 ? 4.763   -13.890 -2.418  1.00 17.93 ? 117 GLN A C   1 
ATOM   945  O O   . GLN A 1 117 ? 5.598   -13.064 -2.800  1.00 17.22 ? 117 GLN A O   1 
ATOM   946  C CB  . GLN A 1 117 ? 5.677   -15.649 -3.924  1.00 21.14 ? 117 GLN A CB  1 
ATOM   947  C CG  . GLN A 1 117 ? 6.134   -17.080 -4.124  1.00 26.27 ? 117 GLN A CG  1 
ATOM   948  C CD  . GLN A 1 117 ? 7.108   -17.521 -3.059  1.00 28.84 ? 117 GLN A CD  1 
ATOM   949  O OE1 . GLN A 1 117 ? 8.164   -16.915 -2.880  1.00 31.20 ? 117 GLN A OE1 1 
ATOM   950  N NE2 . GLN A 1 117 ? 6.757   -18.580 -2.340  1.00 30.09 ? 117 GLN A NE2 1 
ATOM   951  N N   . MET A 1 118 ? 3.605   -13.547 -1.867  1.00 16.14 ? 118 MET A N   1 
ATOM   952  C CA  . MET A 1 118 ? 3.231   -12.154 -1.662  1.00 14.16 ? 118 MET A CA  1 
ATOM   953  C C   . MET A 1 118 ? 3.117   -11.809 -0.186  1.00 14.08 ? 118 MET A C   1 
ATOM   954  O O   . MET A 1 118 ? 2.761   -12.658 0.633   1.00 15.29 ? 118 MET A O   1 
ATOM   955  C CB  . MET A 1 118 ? 1.863   -11.856 -2.274  1.00 12.72 ? 118 MET A CB  1 
ATOM   956  C CG  . MET A 1 118 ? 1.727   -12.057 -3.766  1.00 15.74 ? 118 MET A CG  1 
ATOM   957  S SD  . MET A 1 118 ? 0.014   -11.694 -4.218  1.00 16.20 ? 118 MET A SD  1 
ATOM   958  C CE  . MET A 1 118 ? 0.022   -12.232 -5.957  1.00 14.60 ? 118 MET A CE  1 
ATOM   959  N N   . VAL A 1 119 ? 3.406   -10.552 0.134   1.00 12.99 ? 119 VAL A N   1 
ATOM   960  C CA  . VAL A 1 119 ? 3.257   -10.049 1.491   1.00 14.14 ? 119 VAL A CA  1 
ATOM   961  C C   . VAL A 1 119 ? 2.331   -8.841  1.311   1.00 14.16 ? 119 VAL A C   1 
ATOM   962  O O   . VAL A 1 119 ? 2.460   -8.080  0.347   1.00 12.92 ? 119 VAL A O   1 
ATOM   963  C CB  . VAL A 1 119 ? 4.615   -9.652  2.136   1.00 13.44 ? 119 VAL A CB  1 
ATOM   964  C CG1 . VAL A 1 119 ? 5.251   -8.501  1.395   1.00 10.51 ? 119 VAL A CG1 1 
ATOM   965  C CG2 . VAL A 1 119 ? 4.399   -9.312  3.605   1.00 13.27 ? 119 VAL A CG2 1 
ATOM   966  N N   . PHE A 1 120 ? 1.384   -8.688  2.230   1.00 13.00 ? 120 PHE A N   1 
ATOM   967  C CA  . PHE A 1 120 ? 0.372   -7.635  2.150   1.00 13.00 ? 120 PHE A CA  1 
ATOM   968  C C   . PHE A 1 120 ? 0.248   -6.879  3.468   1.00 12.01 ? 120 PHE A C   1 
ATOM   969  O O   . PHE A 1 120 ? 0.191   -7.496  4.527   1.00 12.69 ? 120 PHE A O   1 
ATOM   970  C CB  . PHE A 1 120 ? -0.960  -8.311  1.771   1.00 12.75 ? 120 PHE A CB  1 
ATOM   971  C CG  . PHE A 1 120 ? -2.175  -7.419  1.863   1.00 13.81 ? 120 PHE A CG  1 
ATOM   972  C CD1 . PHE A 1 120 ? -2.219  -6.188  1.212   1.00 14.86 ? 120 PHE A CD1 1 
ATOM   973  C CD2 . PHE A 1 120 ? -3.313  -7.858  2.542   1.00 15.66 ? 120 PHE A CD2 1 
ATOM   974  C CE1 . PHE A 1 120 ? -3.384  -5.405  1.229   1.00 11.88 ? 120 PHE A CE1 1 
ATOM   975  C CE2 . PHE A 1 120 ? -4.482  -7.086  2.566   1.00 13.19 ? 120 PHE A CE2 1 
ATOM   976  C CZ  . PHE A 1 120 ? -4.512  -5.858  1.906   1.00 11.96 ? 120 PHE A CZ  1 
ATOM   977  N N   . PHE A 1 121 ? 0.219   -5.548  3.395   1.00 12.30 ? 121 PHE A N   1 
ATOM   978  C CA  . PHE A 1 121 ? 0.093   -4.702  4.585   1.00 12.37 ? 121 PHE A CA  1 
ATOM   979  C C   . PHE A 1 121 ? -1.220  -3.924  4.537   1.00 13.56 ? 121 PHE A C   1 
ATOM   980  O O   . PHE A 1 121 ? -1.492  -3.216  3.564   1.00 13.44 ? 121 PHE A O   1 
ATOM   981  C CB  . PHE A 1 121 ? 1.240   -3.689  4.671   1.00 11.17 ? 121 PHE A CB  1 
ATOM   982  C CG  . PHE A 1 121 ? 2.604   -4.308  4.723   1.00 11.38 ? 121 PHE A CG  1 
ATOM   983  C CD1 . PHE A 1 121 ? 3.272   -4.658  3.550   1.00 13.29 ? 121 PHE A CD1 1 
ATOM   984  C CD2 . PHE A 1 121 ? 3.232   -4.531  5.947   1.00 11.39 ? 121 PHE A CD2 1 
ATOM   985  C CE1 . PHE A 1 121 ? 4.552   -5.225  3.598   1.00 12.36 ? 121 PHE A CE1 1 
ATOM   986  C CE2 . PHE A 1 121 ? 4.510   -5.098  6.002   1.00 12.21 ? 121 PHE A CE2 1 
ATOM   987  C CZ  . PHE A 1 121 ? 5.165   -5.442  4.828   1.00 10.25 ? 121 PHE A CZ  1 
ATOM   988  N N   . ASP A 1 122 ? -2.023  -4.040  5.593   1.00 15.04 ? 122 ASP A N   1 
ATOM   989  C CA  . ASP A 1 122 ? -3.311  -3.345  5.664   1.00 15.70 ? 122 ASP A CA  1 
ATOM   990  C C   . ASP A 1 122 ? -3.681  -3.188  7.144   1.00 16.49 ? 122 ASP A C   1 
ATOM   991  O O   . ASP A 1 122 ? -3.252  -3.983  7.979   1.00 13.23 ? 122 ASP A O   1 
ATOM   992  C CB  . ASP A 1 122 ? -4.390  -4.178  4.952   1.00 16.25 ? 122 ASP A CB  1 
ATOM   993  C CG  . ASP A 1 122 ? -5.608  -3.350  4.537   1.00 18.65 ? 122 ASP A CG  1 
ATOM   994  O OD1 . ASP A 1 122 ? -5.985  -2.414  5.275   1.00 20.00 ? 122 ASP A OD1 1 
ATOM   995  O OD2 . ASP A 1 122 ? -6.200  -3.651  3.472   1.00 16.50 ? 122 ASP A OD2 1 
ATOM   996  N N   . ASP A 1 123 ? -4.475  -2.169  7.469   1.00 16.58 ? 123 ASP A N   1 
ATOM   997  C CA  . ASP A 1 123 ? -4.898  -1.956  8.855   1.00 18.52 ? 123 ASP A CA  1 
ATOM   998  C C   . ASP A 1 123 ? -6.294  -2.542  9.080   1.00 20.76 ? 123 ASP A C   1 
ATOM   999  O O   . ASP A 1 123 ? -6.692  -2.805  10.219  1.00 21.88 ? 123 ASP A O   1 
ATOM   1000 C CB  . ASP A 1 123 ? -4.965  -0.462  9.174   1.00 17.93 ? 123 ASP A CB  1 
ATOM   1001 C CG  . ASP A 1 123 ? -6.090  0.230   8.432   1.00 19.08 ? 123 ASP A CG  1 
ATOM   1002 O OD1 . ASP A 1 123 ? -6.072  0.191   7.188   1.00 15.74 ? 123 ASP A OD1 1 
ATOM   1003 O OD2 . ASP A 1 123 ? -6.993  0.803   9.081   1.00 17.49 ? 123 ASP A OD2 1 
ATOM   1004 N N   . GLU A 1 124 ? -7.029  -2.731  7.988   1.00 21.39 ? 124 GLU A N   1 
ATOM   1005 C CA  . GLU A 1 124 ? -8.400  -3.243  8.033   1.00 23.66 ? 124 GLU A CA  1 
ATOM   1006 C C   . GLU A 1 124 ? -8.451  -4.763  8.204   1.00 24.49 ? 124 GLU A C   1 
ATOM   1007 O O   . GLU A 1 124 ? -8.058  -5.520  7.314   1.00 22.12 ? 124 GLU A O   1 
ATOM   1008 C CB  . GLU A 1 124 ? -9.131  -2.821  6.747   1.00 25.05 ? 124 GLU A CB  1 
ATOM   1009 C CG  . GLU A 1 124 ? -10.648 -2.968  6.754   1.00 33.15 ? 124 GLU A CG  1 
ATOM   1010 C CD  . GLU A 1 124 ? -11.344 -1.985  7.689   1.00 35.03 ? 124 GLU A CD  1 
ATOM   1011 O OE1 . GLU A 1 124 ? -11.004 -0.780  7.668   1.00 35.81 ? 124 GLU A OE1 1 
ATOM   1012 O OE2 . GLU A 1 124 ? -12.243 -2.422  8.436   1.00 37.26 ? 124 GLU A OE2 1 
ATOM   1013 N N   . ASN A 1 125 ? -8.946  -5.201  9.356   1.00 25.88 ? 125 ASN A N   1 
ATOM   1014 C CA  . ASN A 1 125 ? -9.053  -6.624  9.671   1.00 28.24 ? 125 ASN A CA  1 
ATOM   1015 C C   . ASN A 1 125 ? -9.806  -7.395  8.581   1.00 26.11 ? 125 ASN A C   1 
ATOM   1016 O O   . ASN A 1 125 ? -9.403  -8.493  8.192   1.00 26.17 ? 125 ASN A O   1 
ATOM   1017 C CB  . ASN A 1 125 ? -9.765  -6.807  11.014  1.00 32.33 ? 125 ASN A CB  1 
ATOM   1018 C CG  . ASN A 1 125 ? -9.604  -8.206  11.571  1.00 37.77 ? 125 ASN A CG  1 
ATOM   1019 O OD1 . ASN A 1 125 ? -10.540 -8.772  12.141  1.00 40.95 ? 125 ASN A OD1 1 
ATOM   1020 N ND2 . ASN A 1 125 ? -8.409  -8.770  11.419  1.00 40.45 ? 125 ASN A ND2 1 
ATOM   1021 N N   . ARG A 1 126 ? -10.900 -6.816  8.099   1.00 23.99 ? 126 ARG A N   1 
ATOM   1022 C CA  . ARG A 1 126 ? -11.712 -7.428  7.049   1.00 24.89 ? 126 ARG A CA  1 
ATOM   1023 C C   . ARG A 1 126 ? -10.852 -7.902  5.879   1.00 23.25 ? 126 ARG A C   1 
ATOM   1024 O O   . ARG A 1 126 ? -11.016 -9.018  5.375   1.00 21.03 ? 126 ARG A O   1 
ATOM   1025 C CB  . ARG A 1 126 ? -12.740 -6.412  6.537   1.00 28.18 ? 126 ARG A CB  1 
ATOM   1026 C CG  . ARG A 1 126 ? -13.385 -6.740  5.192   1.00 31.57 ? 126 ARG A CG  1 
ATOM   1027 C CD  . ARG A 1 126 ? -14.444 -7.816  5.318   1.00 37.57 ? 126 ARG A CD  1 
ATOM   1028 N NE  . ARG A 1 126 ? -13.876 -9.095  5.727   1.00 41.89 ? 126 ARG A NE  1 
ATOM   1029 C CZ  . ARG A 1 126 ? -14.592 -10.121 6.170   1.00 44.09 ? 126 ARG A CZ  1 
ATOM   1030 N NH1 . ARG A 1 126 ? -15.912 -10.016 6.265   1.00 45.41 ? 126 ARG A NH1 1 
ATOM   1031 N NH2 . ARG A 1 126 ? -13.989 -11.249 6.523   1.00 43.83 ? 126 ARG A NH2 1 
ATOM   1032 N N   . ASN A 1 127 ? -9.934  -7.042  5.451   1.00 20.37 ? 127 ASN A N   1 
ATOM   1033 C CA  . ASN A 1 127 ? -9.062  -7.345  4.325   1.00 18.87 ? 127 ASN A CA  1 
ATOM   1034 C C   . ASN A 1 127 ? -7.983  -8.368  4.670   1.00 18.02 ? 127 ASN A C   1 
ATOM   1035 O O   . ASN A 1 127 ? -7.641  -9.218  3.848   1.00 17.01 ? 127 ASN A O   1 
ATOM   1036 C CB  . ASN A 1 127 ? -8.411  -6.055  3.806   1.00 17.61 ? 127 ASN A CB  1 
ATOM   1037 C CG  . ASN A 1 127 ? -9.434  -5.004  3.416   1.00 18.98 ? 127 ASN A CG  1 
ATOM   1038 O OD1 . ASN A 1 127 ? -10.481 -5.327  2.861   1.00 17.62 ? 127 ASN A OD1 1 
ATOM   1039 N ND2 . ASN A 1 127 ? -9.130  -3.737  3.693   1.00 17.63 ? 127 ASN A ND2 1 
ATOM   1040 N N   . ILE A 1 128 ? -7.445  -8.284  5.880   1.00 17.16 ? 128 ILE A N   1 
ATOM   1041 C CA  . ILE A 1 128 ? -6.408  -9.219  6.299   1.00 20.39 ? 128 ILE A CA  1 
ATOM   1042 C C   . ILE A 1 128 ? -6.971  -10.639 6.283   1.00 21.44 ? 128 ILE A C   1 
ATOM   1043 O O   . ILE A 1 128 ? -6.290  -11.587 5.895   1.00 21.89 ? 128 ILE A O   1 
ATOM   1044 C CB  . ILE A 1 128 ? -5.889  -8.886  7.723   1.00 20.59 ? 128 ILE A CB  1 
ATOM   1045 C CG1 . ILE A 1 128 ? -5.149  -7.542  7.714   1.00 19.84 ? 128 ILE A CG1 1 
ATOM   1046 C CG2 . ILE A 1 128 ? -4.967  -9.989  8.213   1.00 22.76 ? 128 ILE A CG2 1 
ATOM   1047 C CD1 . ILE A 1 128 ? -3.906  -7.518  6.821   1.00 20.35 ? 128 ILE A CD1 1 
ATOM   1048 N N   . ILE A 1 129 ? -8.227  -10.774 6.696   1.00 23.37 ? 129 ILE A N   1 
ATOM   1049 C CA  . ILE A 1 129 ? -8.887  -12.069 6.725   1.00 25.09 ? 129 ILE A CA  1 
ATOM   1050 C C   . ILE A 1 129 ? -9.198  -12.561 5.314   1.00 25.77 ? 129 ILE A C   1 
ATOM   1051 O O   . ILE A 1 129 ? -8.842  -13.681 4.950   1.00 27.67 ? 129 ILE A O   1 
ATOM   1052 C CB  . ILE A 1 129 ? -10.203 -11.999 7.533   1.00 26.38 ? 129 ILE A CB  1 
ATOM   1053 C CG1 . ILE A 1 129 ? -9.912  -11.541 8.963   1.00 27.49 ? 129 ILE A CG1 1 
ATOM   1054 C CG2 . ILE A 1 129 ? -10.872 -13.363 7.555   1.00 27.57 ? 129 ILE A CG2 1 
ATOM   1055 C CD1 . ILE A 1 129 ? -11.153 -11.238 9.781   1.00 27.23 ? 129 ILE A CD1 1 
ATOM   1056 N N   . ASP A 1 130 ? -9.849  -11.721 4.515   1.00 25.54 ? 130 ASP A N   1 
ATOM   1057 C CA  . ASP A 1 130 ? -10.205 -12.112 3.156   1.00 25.77 ? 130 ASP A CA  1 
ATOM   1058 C C   . ASP A 1 130 ? -9.013  -12.526 2.305   1.00 25.29 ? 130 ASP A C   1 
ATOM   1059 O O   . ASP A 1 130 ? -9.033  -13.582 1.672   1.00 25.39 ? 130 ASP A O   1 
ATOM   1060 C CB  . ASP A 1 130 ? -10.961 -10.983 2.450   1.00 27.41 ? 130 ASP A CB  1 
ATOM   1061 C CG  . ASP A 1 130 ? -12.351 -10.766 3.019   1.00 30.54 ? 130 ASP A CG  1 
ATOM   1062 O OD1 . ASP A 1 130 ? -12.850 -11.660 3.737   1.00 30.51 ? 130 ASP A OD1 1 
ATOM   1063 O OD2 . ASP A 1 130 ? -12.947 -9.703  2.740   1.00 29.83 ? 130 ASP A OD2 1 
ATOM   1064 N N   . VAL A 1 131 ? -7.975  -11.698 2.292   1.00 23.67 ? 131 VAL A N   1 
ATOM   1065 C CA  . VAL A 1 131 ? -6.785  -11.981 1.501   1.00 22.70 ? 131 VAL A CA  1 
ATOM   1066 C C   . VAL A 1 131 ? -5.954  -13.137 2.061   1.00 23.76 ? 131 VAL A C   1 
ATOM   1067 O O   . VAL A 1 131 ? -5.332  -13.884 1.304   1.00 22.51 ? 131 VAL A O   1 
ATOM   1068 C CB  . VAL A 1 131 ? -5.912  -10.709 1.377   1.00 22.77 ? 131 VAL A CB  1 
ATOM   1069 C CG1 . VAL A 1 131 ? -4.627  -11.014 0.617   1.00 21.23 ? 131 VAL A CG1 1 
ATOM   1070 C CG2 . VAL A 1 131 ? -6.705  -9.619  0.665   1.00 20.23 ? 131 VAL A CG2 1 
ATOM   1071 N N   . GLY A 1 132 ? -5.957  -13.290 3.382   1.00 24.59 ? 132 GLY A N   1 
ATOM   1072 C CA  . GLY A 1 132 ? -5.195  -14.362 4.004   1.00 26.19 ? 132 GLY A CA  1 
ATOM   1073 C C   . GLY A 1 132 ? -5.607  -15.749 3.538   1.00 28.66 ? 132 GLY A C   1 
ATOM   1074 O O   . GLY A 1 132 ? -4.780  -16.656 3.444   1.00 28.28 ? 132 GLY A O   1 
ATOM   1075 N N   . ARG A 1 133 ? -6.891  -15.915 3.241   1.00 29.37 ? 133 ARG A N   1 
ATOM   1076 C CA  . ARG A 1 133 ? -7.414  -17.194 2.777   1.00 31.36 ? 133 ARG A CA  1 
ATOM   1077 C C   . ARG A 1 133 ? -6.825  -17.583 1.423   1.00 30.20 ? 133 ARG A C   1 
ATOM   1078 O O   . ARG A 1 133 ? -7.023  -18.700 0.953   1.00 31.11 ? 133 ARG A O   1 
ATOM   1079 C CB  . ARG A 1 133 ? -8.939  -17.124 2.683   1.00 34.02 ? 133 ARG A CB  1 
ATOM   1080 C CG  . ARG A 1 133 ? -9.613  -16.859 4.021   1.00 38.11 ? 133 ARG A CG  1 
ATOM   1081 C CD  . ARG A 1 133 ? -11.065 -16.443 3.850   1.00 43.32 ? 133 ARG A CD  1 
ATOM   1082 N NE  . ARG A 1 133 ? -11.699 -16.150 5.135   1.00 46.67 ? 133 ARG A NE  1 
ATOM   1083 C CZ  . ARG A 1 133 ? -12.876 -15.545 5.271   1.00 48.28 ? 133 ARG A CZ  1 
ATOM   1084 N NH1 . ARG A 1 133 ? -13.560 -15.162 4.198   1.00 47.59 ? 133 ARG A NH1 1 
ATOM   1085 N NH2 . ARG A 1 133 ? -13.370 -15.321 6.483   1.00 47.18 ? 133 ARG A NH2 1 
ATOM   1086 N N   . LEU A 1 134 ? -6.093  -16.661 0.800   1.00 28.00 ? 134 LEU A N   1 
ATOM   1087 C CA  . LEU A 1 134 ? -5.477  -16.927 -0.496  1.00 26.73 ? 134 LEU A CA  1 
ATOM   1088 C C   . LEU A 1 134 ? -4.066  -17.494 -0.344  1.00 25.21 ? 134 LEU A C   1 
ATOM   1089 O O   . LEU A 1 134 ? -3.464  -17.947 -1.316  1.00 24.54 ? 134 LEU A O   1 
ATOM   1090 C CB  . LEU A 1 134 ? -5.405  -15.648 -1.333  1.00 26.15 ? 134 LEU A CB  1 
ATOM   1091 C CG  . LEU A 1 134 ? -6.700  -14.927 -1.705  1.00 25.75 ? 134 LEU A CG  1 
ATOM   1092 C CD1 . LEU A 1 134 ? -6.356  -13.695 -2.534  1.00 24.00 ? 134 LEU A CD1 1 
ATOM   1093 C CD2 . LEU A 1 134 ? -7.610  -15.857 -2.489  1.00 26.44 ? 134 LEU A CD2 1 
ATOM   1094 N N   . GLY A 1 135 ? -3.545  -17.466 0.877   1.00 23.95 ? 135 GLY A N   1 
ATOM   1095 C CA  . GLY A 1 135 ? -2.205  -17.968 1.118   1.00 21.98 ? 135 GLY A CA  1 
ATOM   1096 C C   . GLY A 1 135 ? -1.183  -16.845 1.151   1.00 20.71 ? 135 GLY A C   1 
ATOM   1097 O O   . GLY A 1 135 ? 0.018   -17.088 1.273   1.00 19.95 ? 135 GLY A O   1 
ATOM   1098 N N   . VAL A 1 136 ? -1.667  -15.612 1.030   1.00 19.39 ? 136 VAL A N   1 
ATOM   1099 C CA  . VAL A 1 136 ? -0.814  -14.427 1.065   1.00 18.33 ? 136 VAL A CA  1 
ATOM   1100 C C   . VAL A 1 136 ? -0.401  -14.155 2.504   1.00 18.22 ? 136 VAL A C   1 
ATOM   1101 O O   . VAL A 1 136 ? -1.194  -14.339 3.427   1.00 19.35 ? 136 VAL A O   1 
ATOM   1102 C CB  . VAL A 1 136 ? -1.568  -13.166 0.559   1.00 17.25 ? 136 VAL A CB  1 
ATOM   1103 C CG1 . VAL A 1 136 ? -0.715  -11.912 0.779   1.00 15.36 ? 136 VAL A CG1 1 
ATOM   1104 C CG2 . VAL A 1 136 ? -1.921  -13.319 -0.911  1.00 17.34 ? 136 VAL A CG2 1 
ATOM   1105 N N   . THR A 1 137 ? 0.838   -13.720 2.702   1.00 17.45 ? 137 THR A N   1 
ATOM   1106 C CA  . THR A 1 137 ? 1.292   -13.387 4.046   1.00 17.07 ? 137 THR A CA  1 
ATOM   1107 C C   . THR A 1 137 ? 0.753   -11.990 4.323   1.00 18.19 ? 137 THR A C   1 
ATOM   1108 O O   . THR A 1 137 ? 1.210   -11.003 3.741   1.00 16.18 ? 137 THR A O   1 
ATOM   1109 C CB  . THR A 1 137 ? 2.828   -13.384 4.147   1.00 16.55 ? 137 THR A CB  1 
ATOM   1110 O OG1 . THR A 1 137 ? 3.308   -14.731 4.029   1.00 18.16 ? 137 THR A OG1 1 
ATOM   1111 C CG2 . THR A 1 137 ? 3.281   -12.793 5.494   1.00 16.34 ? 137 THR A CG2 1 
ATOM   1112 N N   . CYS A 1 138 ? -0.236  -11.917 5.208   1.00 19.43 ? 138 CYS A N   1 
ATOM   1113 C CA  . CYS A 1 138 ? -0.868  -10.651 5.544   1.00 20.33 ? 138 CYS A CA  1 
ATOM   1114 C C   . CYS A 1 138 ? -0.347  -10.062 6.843   1.00 21.63 ? 138 CYS A C   1 
ATOM   1115 O O   . CYS A 1 138 ? -0.304  -10.731 7.878   1.00 22.88 ? 138 CYS A O   1 
ATOM   1116 C CB  . CYS A 1 138 ? -2.382  -10.845 5.625   1.00 21.37 ? 138 CYS A CB  1 
ATOM   1117 S SG  . CYS A 1 138 ? -3.083  -11.448 4.078   1.00 22.06 ? 138 CYS A SG  1 
ATOM   1118 N N   . ILE A 1 139 ? 0.046   -8.796  6.776   1.00 20.29 ? 139 ILE A N   1 
ATOM   1119 C CA  . ILE A 1 139 ? 0.579   -8.098  7.931   1.00 19.67 ? 139 ILE A CA  1 
ATOM   1120 C C   . ILE A 1 139 ? -0.413  -7.052  8.420   1.00 20.60 ? 139 ILE A C   1 
ATOM   1121 O O   . ILE A 1 139 ? -0.628  -6.032  7.760   1.00 19.25 ? 139 ILE A O   1 
ATOM   1122 C CB  . ILE A 1 139 ? 1.907   -7.389  7.581   1.00 19.42 ? 139 ILE A CB  1 
ATOM   1123 C CG1 . ILE A 1 139 ? 2.891   -8.391  6.970   1.00 18.98 ? 139 ILE A CG1 1 
ATOM   1124 C CG2 . ILE A 1 139 ? 2.495   -6.734  8.825   1.00 19.81 ? 139 ILE A CG2 1 
ATOM   1125 C CD1 . ILE A 1 139 ? 3.276   -9.535  7.903   1.00 18.54 ? 139 ILE A CD1 1 
ATOM   1126 N N   . HIS A 1 140 ? -1.023  -7.307  9.572   1.00 20.90 ? 140 HIS A N   1 
ATOM   1127 C CA  . HIS A 1 140 ? -1.974  -6.363  10.141  1.00 23.32 ? 140 HIS A CA  1 
ATOM   1128 C C   . HIS A 1 140 ? -1.156  -5.237  10.758  1.00 24.60 ? 140 HIS A C   1 
ATOM   1129 O O   . HIS A 1 140 ? -0.333  -5.469  11.646  1.00 25.11 ? 140 HIS A O   1 
ATOM   1130 C CB  . HIS A 1 140 ? -2.825  -7.037  11.218  1.00 26.15 ? 140 HIS A CB  1 
ATOM   1131 C CG  . HIS A 1 140 ? -4.040  -6.251  11.602  1.00 30.99 ? 140 HIS A CG  1 
ATOM   1132 N ND1 . HIS A 1 140 ? -4.908  -6.657  12.592  1.00 32.23 ? 140 HIS A ND1 1 
ATOM   1133 C CD2 . HIS A 1 140 ? -4.538  -5.088  11.119  1.00 30.50 ? 140 HIS A CD2 1 
ATOM   1134 C CE1 . HIS A 1 140 ? -5.888  -5.778  12.703  1.00 33.56 ? 140 HIS A CE1 1 
ATOM   1135 N NE2 . HIS A 1 140 ? -5.686  -4.816  11.821  1.00 32.57 ? 140 HIS A NE2 1 
ATOM   1136 N N   . ILE A 1 141 ? -1.377  -4.016  10.287  1.00 22.51 ? 141 ILE A N   1 
ATOM   1137 C CA  . ILE A 1 141 ? -0.622  -2.893  10.799  1.00 21.89 ? 141 ILE A CA  1 
ATOM   1138 C C   . ILE A 1 141 ? -1.454  -1.919  11.618  1.00 23.93 ? 141 ILE A C   1 
ATOM   1139 O O   . ILE A 1 141 ? -2.682  -1.876  11.518  1.00 22.71 ? 141 ILE A O   1 
ATOM   1140 C CB  . ILE A 1 141 ? 0.060   -2.121  9.647   1.00 22.94 ? 141 ILE A CB  1 
ATOM   1141 C CG1 . ILE A 1 141 ? -0.986  -1.387  8.806   1.00 18.88 ? 141 ILE A CG1 1 
ATOM   1142 C CG2 . ILE A 1 141 ? 0.831   -3.098  8.763   1.00 19.50 ? 141 ILE A CG2 1 
ATOM   1143 C CD1 . ILE A 1 141 ? -0.396  -0.620  7.636   1.00 21.75 ? 141 ILE A CD1 1 
ATOM   1144 N N   . ARG A 1 142 ? -0.753  -1.142  12.431  1.00 24.74 ? 142 ARG A N   1 
ATOM   1145 C CA  . ARG A 1 142 ? -1.356  -0.128  13.285  1.00 27.29 ? 142 ARG A CA  1 
ATOM   1146 C C   . ARG A 1 142 ? -0.476  1.101   13.135  1.00 26.97 ? 142 ARG A C   1 
ATOM   1147 O O   . ARG A 1 142 ? 0.741   0.982   12.994  1.00 27.42 ? 142 ARG A O   1 
ATOM   1148 C CB  . ARG A 1 142 ? -1.347  -0.587  14.744  1.00 29.03 ? 142 ARG A CB  1 
ATOM   1149 C CG  . ARG A 1 142 ? -2.215  -1.797  15.028  1.00 34.06 ? 142 ARG A CG  1 
ATOM   1150 C CD  . ARG A 1 142 ? -1.626  -2.622  16.156  1.00 36.31 ? 142 ARG A CD  1 
ATOM   1151 N NE  . ARG A 1 142 ? -0.868  -3.769  15.665  1.00 39.35 ? 142 ARG A NE  1 
ATOM   1152 C CZ  . ARG A 1 142 ? -1.418  -4.936  15.349  1.00 41.32 ? 142 ARG A CZ  1 
ATOM   1153 N NH1 . ARG A 1 142 ? -2.726  -5.101  15.479  1.00 42.79 ? 142 ARG A NH1 1 
ATOM   1154 N NH2 . ARG A 1 142 ? -0.667  -5.937  14.904  1.00 43.05 ? 142 ARG A NH2 1 
ATOM   1155 N N   . ASP A 1 143 ? -1.084  2.278   13.158  1.00 27.87 ? 143 ASP A N   1 
ATOM   1156 C CA  . ASP A 1 143 ? -0.327  3.513   13.029  1.00 28.25 ? 143 ASP A CA  1 
ATOM   1157 C C   . ASP A 1 143 ? 0.463   3.578   11.725  1.00 25.88 ? 143 ASP A C   1 
ATOM   1158 O O   . ASP A 1 143 ? 1.563   4.127   11.688  1.00 25.77 ? 143 ASP A O   1 
ATOM   1159 C CB  . ASP A 1 143 ? 0.632   3.677   14.215  1.00 32.98 ? 143 ASP A CB  1 
ATOM   1160 C CG  . ASP A 1 143 ? -0.094  3.787   15.540  1.00 36.90 ? 143 ASP A CG  1 
ATOM   1161 O OD1 . ASP A 1 143 ? -1.034  4.603   15.642  1.00 39.70 ? 143 ASP A OD1 1 
ATOM   1162 O OD2 . ASP A 1 143 ? 0.281   3.061   16.485  1.00 39.93 ? 143 ASP A OD2 1 
ATOM   1163 N N   . GLY A 1 144 ? -0.096  2.997   10.668  1.00 23.18 ? 144 GLY A N   1 
ATOM   1164 C CA  . GLY A 1 144 ? 0.536   3.027   9.357   1.00 20.87 ? 144 GLY A CA  1 
ATOM   1165 C C   . GLY A 1 144 ? 1.867   2.326   9.158   1.00 20.29 ? 144 GLY A C   1 
ATOM   1166 O O   . GLY A 1 144 ? 2.405   1.694   10.061  1.00 19.69 ? 144 GLY A O   1 
ATOM   1167 N N   . MET A 1 145 ? 2.402   2.445   7.946   1.00 18.26 ? 145 MET A N   1 
ATOM   1168 C CA  . MET A 1 145 ? 3.682   1.836   7.612   1.00 17.52 ? 145 MET A CA  1 
ATOM   1169 C C   . MET A 1 145 ? 4.846   2.613   8.209   1.00 17.66 ? 145 MET A C   1 
ATOM   1170 O O   . MET A 1 145 ? 4.784   3.830   8.375   1.00 17.53 ? 145 MET A O   1 
ATOM   1171 C CB  . MET A 1 145 ? 3.865   1.768   6.092   1.00 15.68 ? 145 MET A CB  1 
ATOM   1172 C CG  . MET A 1 145 ? 3.061   0.684   5.399   1.00 16.92 ? 145 MET A CG  1 
ATOM   1173 S SD  . MET A 1 145 ? 3.370   -0.956  6.075   1.00 16.69 ? 145 MET A SD  1 
ATOM   1174 C CE  . MET A 1 145 ? 5.163   -1.093  5.848   1.00 13.09 ? 145 MET A CE  1 
ATOM   1175 N N   . SER A 1 146 ? 5.906   1.882   8.529   1.00 15.92 ? 146 SER A N   1 
ATOM   1176 C CA  . SER A 1 146 ? 7.131   2.440   9.076   1.00 16.23 ? 146 SER A CA  1 
ATOM   1177 C C   . SER A 1 146 ? 8.198   1.440   8.659   1.00 15.32 ? 146 SER A C   1 
ATOM   1178 O O   . SER A 1 146 ? 7.871   0.341   8.201   1.00 14.04 ? 146 SER A O   1 
ATOM   1179 C CB  . SER A 1 146 ? 7.064   2.518   10.606  1.00 13.69 ? 146 SER A CB  1 
ATOM   1180 O OG  . SER A 1 146 ? 6.940   1.224   11.165  1.00 15.12 ? 146 SER A OG  1 
ATOM   1181 N N   . LEU A 1 147 ? 9.465   1.805   8.799   1.00 14.96 ? 147 LEU A N   1 
ATOM   1182 C CA  . LEU A 1 147 ? 10.523  0.878   8.427   1.00 16.08 ? 147 LEU A CA  1 
ATOM   1183 C C   . LEU A 1 147 ? 10.453  -0.356  9.328   1.00 15.58 ? 147 LEU A C   1 
ATOM   1184 O O   . LEU A 1 147 ? 10.756  -1.467  8.894   1.00 14.58 ? 147 LEU A O   1 
ATOM   1185 C CB  . LEU A 1 147 ? 11.894  1.564   8.524   1.00 16.93 ? 147 LEU A CB  1 
ATOM   1186 C CG  . LEU A 1 147 ? 12.132  2.588   7.402   1.00 19.18 ? 147 LEU A CG  1 
ATOM   1187 C CD1 . LEU A 1 147 ? 13.365  3.434   7.695   1.00 21.84 ? 147 LEU A CD1 1 
ATOM   1188 C CD2 . LEU A 1 147 ? 12.293  1.846   6.081   1.00 17.72 ? 147 LEU A CD2 1 
ATOM   1189 N N   . GLN A 1 148 ? 10.036  -0.172  10.577  1.00 16.56 ? 148 GLN A N   1 
ATOM   1190 C CA  . GLN A 1 148 ? 9.922   -1.312  11.480  1.00 15.72 ? 148 GLN A CA  1 
ATOM   1191 C C   . GLN A 1 148 ? 8.813   -2.245  11.006  1.00 15.63 ? 148 GLN A C   1 
ATOM   1192 O O   . GLN A 1 148 ? 8.979   -3.461  10.983  1.00 14.30 ? 148 GLN A O   1 
ATOM   1193 C CB  . GLN A 1 148 ? 9.617   -0.868  12.916  1.00 18.44 ? 148 GLN A CB  1 
ATOM   1194 C CG  . GLN A 1 148 ? 9.211   -2.043  13.811  1.00 21.15 ? 148 GLN A CG  1 
ATOM   1195 C CD  . GLN A 1 148 ? 9.091   -1.677  15.284  1.00 24.79 ? 148 GLN A CD  1 
ATOM   1196 O OE1 . GLN A 1 148 ? 10.073  -1.301  15.923  1.00 27.89 ? 148 GLN A OE1 1 
ATOM   1197 N NE2 . GLN A 1 148 ? 7.886   -1.799  15.828  1.00 21.50 ? 148 GLN A NE2 1 
ATOM   1198 N N   . THR A 1 149 ? 7.676   -1.674  10.630  1.00 15.61 ? 149 THR A N   1 
ATOM   1199 C CA  . THR A 1 149 ? 6.558   -2.489  10.167  1.00 16.47 ? 149 THR A CA  1 
ATOM   1200 C C   . THR A 1 149 ? 6.972   -3.276  8.929   1.00 14.82 ? 149 THR A C   1 
ATOM   1201 O O   . THR A 1 149 ? 6.648   -4.456  8.786   1.00 14.73 ? 149 THR A O   1 
ATOM   1202 C CB  . THR A 1 149 ? 5.347   -1.613  9.810   1.00 17.50 ? 149 THR A CB  1 
ATOM   1203 O OG1 . THR A 1 149 ? 5.016   -0.784  10.928  1.00 21.00 ? 149 THR A OG1 1 
ATOM   1204 C CG2 . THR A 1 149 ? 4.150   -2.481  9.456   1.00 18.68 ? 149 THR A CG2 1 
ATOM   1205 N N   . LEU A 1 150 ? 7.691   -2.614  8.032   1.00 14.63 ? 150 LEU A N   1 
ATOM   1206 C CA  . LEU A 1 150 ? 8.144   -3.257  6.808   1.00 15.47 ? 150 LEU A CA  1 
ATOM   1207 C C   . LEU A 1 150 ? 9.115   -4.397  7.078   1.00 14.90 ? 150 LEU A C   1 
ATOM   1208 O O   . LEU A 1 150 ? 8.923   -5.519  6.602   1.00 15.52 ? 150 LEU A O   1 
ATOM   1209 C CB  . LEU A 1 150 ? 8.839   -2.245  5.891   1.00 14.28 ? 150 LEU A CB  1 
ATOM   1210 C CG  . LEU A 1 150 ? 9.578   -2.899  4.717   1.00 15.71 ? 150 LEU A CG  1 
ATOM   1211 C CD1 . LEU A 1 150 ? 8.560   -3.478  3.747   1.00 14.93 ? 150 LEU A CD1 1 
ATOM   1212 C CD2 . LEU A 1 150 ? 10.472  -1.886  4.016   1.00 13.77 ? 150 LEU A CD2 1 
ATOM   1213 N N   . THR A 1 151 ? 10.167  -4.105  7.835   1.00 14.14 ? 151 THR A N   1 
ATOM   1214 C CA  . THR A 1 151 ? 11.176  -5.113  8.120   1.00 14.76 ? 151 THR A CA  1 
ATOM   1215 C C   . THR A 1 151 ? 10.617  -6.300  8.903   1.00 15.53 ? 151 THR A C   1 
ATOM   1216 O O   . THR A 1 151 ? 10.991  -7.445  8.647   1.00 14.30 ? 151 THR A O   1 
ATOM   1217 C CB  . THR A 1 151 ? 12.405  -4.476  8.830   1.00 16.08 ? 151 THR A CB  1 
ATOM   1218 O OG1 . THR A 1 151 ? 11.996  -3.824  10.038  1.00 16.07 ? 151 THR A OG1 1 
ATOM   1219 C CG2 . THR A 1 151 ? 13.050  -3.434  7.914   1.00 16.32 ? 151 THR A CG2 1 
ATOM   1220 N N   . GLN A 1 152 ? 9.708   -6.047  9.838   1.00 16.18 ? 152 GLN A N   1 
ATOM   1221 C CA  . GLN A 1 152 ? 9.116   -7.143  10.592  1.00 16.96 ? 152 GLN A CA  1 
ATOM   1222 C C   . GLN A 1 152 ? 8.235   -7.981  9.665   1.00 18.18 ? 152 GLN A C   1 
ATOM   1223 O O   . GLN A 1 152 ? 8.168   -9.207  9.785   1.00 18.47 ? 152 GLN A O   1 
ATOM   1224 C CB  . GLN A 1 152 ? 8.297   -6.609  11.764  1.00 18.69 ? 152 GLN A CB  1 
ATOM   1225 C CG  . GLN A 1 152 ? 9.136   -5.827  12.753  1.00 24.41 ? 152 GLN A CG  1 
ATOM   1226 C CD  . GLN A 1 152 ? 8.358   -5.401  13.978  1.00 28.62 ? 152 GLN A CD  1 
ATOM   1227 O OE1 . GLN A 1 152 ? 7.202   -4.978  13.884  1.00 30.01 ? 152 GLN A OE1 1 
ATOM   1228 N NE2 . GLN A 1 152 ? 8.996   -5.493  15.137  1.00 29.93 ? 152 GLN A NE2 1 
ATOM   1229 N N   . GLY A 1 153 ? 7.565   -7.309  8.734   1.00 18.22 ? 153 GLY A N   1 
ATOM   1230 C CA  . GLY A 1 153 ? 6.715   -8.009  7.788   1.00 14.89 ? 153 GLY A CA  1 
ATOM   1231 C C   . GLY A 1 153 ? 7.537   -8.922  6.895   1.00 14.84 ? 153 GLY A C   1 
ATOM   1232 O O   . GLY A 1 153 ? 7.105   -10.027 6.567   1.00 15.58 ? 153 GLY A O   1 
ATOM   1233 N N   . LEU A 1 154 ? 8.719   -8.464  6.485   1.00 14.73 ? 154 LEU A N   1 
ATOM   1234 C CA  . LEU A 1 154 ? 9.589   -9.276  5.636   1.00 15.61 ? 154 LEU A CA  1 
ATOM   1235 C C   . LEU A 1 154 ? 10.063  -10.506 6.398   1.00 16.57 ? 154 LEU A C   1 
ATOM   1236 O O   . LEU A 1 154 ? 10.208  -11.583 5.823   1.00 17.24 ? 154 LEU A O   1 
ATOM   1237 C CB  . LEU A 1 154 ? 10.799  -8.467  5.158   1.00 16.38 ? 154 LEU A CB  1 
ATOM   1238 C CG  . LEU A 1 154 ? 10.501  -7.326  4.180   1.00 18.12 ? 154 LEU A CG  1 
ATOM   1239 C CD1 . LEU A 1 154 ? 11.782  -6.566  3.864   1.00 19.38 ? 154 LEU A CD1 1 
ATOM   1240 C CD2 . LEU A 1 154 ? 9.882   -7.891  2.906   1.00 18.06 ? 154 LEU A CD2 1 
ATOM   1241 N N   . GLU A 1 155 ? 10.312  -10.348 7.693   1.00 17.06 ? 155 GLU A N   1 
ATOM   1242 C CA  . GLU A 1 155 ? 10.747  -11.477 8.509   1.00 18.56 ? 155 GLU A CA  1 
ATOM   1243 C C   . GLU A 1 155 ? 9.612   -12.482 8.627   1.00 18.42 ? 155 GLU A C   1 
ATOM   1244 O O   . GLU A 1 155 ? 9.828   -13.692 8.549   1.00 18.05 ? 155 GLU A O   1 
ATOM   1245 C CB  . GLU A 1 155 ? 11.165  -11.004 9.903   1.00 22.22 ? 155 GLU A CB  1 
ATOM   1246 C CG  . GLU A 1 155 ? 12.598  -10.513 9.981   1.00 25.95 ? 155 GLU A CG  1 
ATOM   1247 C CD  . GLU A 1 155 ? 12.952  -9.967  11.353  1.00 27.70 ? 155 GLU A CD  1 
ATOM   1248 O OE1 . GLU A 1 155 ? 12.472  -10.522 12.363  1.00 27.23 ? 155 GLU A OE1 1 
ATOM   1249 O OE2 . GLU A 1 155 ? 13.721  -8.986  11.420  1.00 30.05 ? 155 GLU A OE2 1 
ATOM   1250 N N   . THR A 1 156 ? 8.398   -11.972 8.815   1.00 18.69 ? 156 THR A N   1 
ATOM   1251 C CA  . THR A 1 156 ? 7.217   -12.816 8.941   1.00 18.62 ? 156 THR A CA  1 
ATOM   1252 C C   . THR A 1 156 ? 7.027   -13.625 7.662   1.00 20.37 ? 156 THR A C   1 
ATOM   1253 O O   . THR A 1 156 ? 6.702   -14.815 7.709   1.00 20.13 ? 156 THR A O   1 
ATOM   1254 C CB  . THR A 1 156 ? 5.970   -11.959 9.224   1.00 20.61 ? 156 THR A CB  1 
ATOM   1255 O OG1 . THR A 1 156 ? 6.137   -11.301 10.486  1.00 20.03 ? 156 THR A OG1 1 
ATOM   1256 C CG2 . THR A 1 156 ? 4.709   -12.819 9.268   1.00 20.83 ? 156 THR A CG2 1 
ATOM   1257 N N   . PHE A 1 157 ? 7.237   -12.975 6.521   1.00 19.38 ? 157 PHE A N   1 
ATOM   1258 C CA  . PHE A 1 157 ? 7.113   -13.637 5.229   1.00 21.05 ? 157 PHE A CA  1 
ATOM   1259 C C   . PHE A 1 157 ? 8.139   -14.761 5.133   1.00 22.87 ? 157 PHE A C   1 
ATOM   1260 O O   . PHE A 1 157 ? 7.821   -15.876 4.725   1.00 22.40 ? 157 PHE A O   1 
ATOM   1261 C CB  . PHE A 1 157 ? 7.363   -12.648 4.090   1.00 18.18 ? 157 PHE A CB  1 
ATOM   1262 C CG  . PHE A 1 157 ? 7.415   -13.297 2.733   1.00 19.66 ? 157 PHE A CG  1 
ATOM   1263 C CD1 . PHE A 1 157 ? 6.243   -13.599 2.045   1.00 18.03 ? 157 PHE A CD1 1 
ATOM   1264 C CD2 . PHE A 1 157 ? 8.634   -13.647 2.165   1.00 18.39 ? 157 PHE A CD2 1 
ATOM   1265 C CE1 . PHE A 1 157 ? 6.286   -14.244 0.806   1.00 19.78 ? 157 PHE A CE1 1 
ATOM   1266 C CE2 . PHE A 1 157 ? 8.689   -14.295 0.926   1.00 19.86 ? 157 PHE A CE2 1 
ATOM   1267 C CZ  . PHE A 1 157 ? 7.513   -14.594 0.246   1.00 17.60 ? 157 PHE A CZ  1 
ATOM   1268 N N   . ALA A 1 158 ? 9.380   -14.448 5.499   1.00 24.96 ? 158 ALA A N   1 
ATOM   1269 C CA  . ALA A 1 158 ? 10.459  -15.428 5.454   1.00 27.90 ? 158 ALA A CA  1 
ATOM   1270 C C   . ALA A 1 158 ? 10.111  -16.641 6.312   1.00 28.87 ? 158 ALA A C   1 
ATOM   1271 O O   . ALA A 1 158 ? 10.292  -17.781 5.888   1.00 28.61 ? 158 ALA A O   1 
ATOM   1272 C CB  . ALA A 1 158 ? 11.752  -14.797 5.941   1.00 26.35 ? 158 ALA A CB  1 
ATOM   1273 N N   . LYS A 1 159 ? 9.606   -16.390 7.516   1.00 31.47 ? 159 LYS A N   1 
ATOM   1274 C CA  . LYS A 1 159 ? 9.223   -17.464 8.428   1.00 34.57 ? 159 LYS A CA  1 
ATOM   1275 C C   . LYS A 1 159 ? 8.140   -18.346 7.814   1.00 35.49 ? 159 LYS A C   1 
ATOM   1276 O O   . LYS A 1 159 ? 8.155   -19.564 7.973   1.00 36.21 ? 159 LYS A O   1 
ATOM   1277 C CB  . LYS A 1 159 ? 8.702   -16.889 9.748   1.00 34.62 ? 159 LYS A CB  1 
ATOM   1278 C CG  . LYS A 1 159 ? 9.733   -16.144 10.572  1.00 38.89 ? 159 LYS A CG  1 
ATOM   1279 C CD  . LYS A 1 159 ? 9.120   -15.650 11.874  1.00 41.12 ? 159 LYS A CD  1 
ATOM   1280 C CE  . LYS A 1 159 ? 10.135  -14.918 12.735  1.00 43.67 ? 159 LYS A CE  1 
ATOM   1281 N NZ  . LYS A 1 159 ? 9.519   -14.410 13.996  1.00 45.06 ? 159 LYS A NZ  1 
ATOM   1282 N N   . ALA A 1 160 ? 7.197   -17.720 7.119   1.00 37.42 ? 160 ALA A N   1 
ATOM   1283 C CA  . ALA A 1 160 ? 6.104   -18.445 6.485   1.00 38.43 ? 160 ALA A CA  1 
ATOM   1284 C C   . ALA A 1 160 ? 6.615   -19.314 5.341   1.00 39.44 ? 160 ALA A C   1 
ATOM   1285 O O   . ALA A 1 160 ? 6.041   -20.359 5.040   1.00 39.05 ? 160 ALA A O   1 
ATOM   1286 C CB  . ALA A 1 160 ? 5.059   -17.463 5.969   1.00 38.45 ? 160 ALA A CB  1 
ATOM   1287 N N   . GLN A 1 161 ? 7.697   -18.879 4.705   1.00 39.35 ? 161 GLN A N   1 
ATOM   1288 C CA  . GLN A 1 161 ? 8.272   -19.634 3.602   1.00 41.46 ? 161 GLN A CA  1 
ATOM   1289 C C   . GLN A 1 161 ? 8.948   -20.891 4.129   1.00 43.30 ? 161 GLN A C   1 
ATOM   1290 O O   . GLN A 1 161 ? 9.348   -21.761 3.357   1.00 43.96 ? 161 GLN A O   1 
ATOM   1291 C CB  . GLN A 1 161 ? 9.284   -18.780 2.839   1.00 41.33 ? 161 GLN A CB  1 
ATOM   1292 C CG  . GLN A 1 161 ? 8.665   -17.582 2.152   1.00 40.89 ? 161 GLN A CG  1 
ATOM   1293 C CD  . GLN A 1 161 ? 7.493   -17.968 1.278   1.00 41.22 ? 161 GLN A CD  1 
ATOM   1294 O OE1 . GLN A 1 161 ? 7.632   -18.760 0.346   1.00 40.74 ? 161 GLN A OE1 1 
ATOM   1295 N NE2 . GLN A 1 161 ? 6.324   -17.414 1.577   1.00 40.51 ? 161 GLN A NE2 1 
ATOM   1296 N N   . ALA A 1 162 ? 9.064   -20.979 5.451   1.00 44.47 ? 162 ALA A N   1 
ATOM   1297 C CA  . ALA A 1 162 ? 9.687   -22.126 6.103   1.00 46.14 ? 162 ALA A CA  1 
ATOM   1298 C C   . ALA A 1 162 ? 8.646   -22.956 6.847   1.00 46.94 ? 162 ALA A C   1 
ATOM   1299 O O   . ALA A 1 162 ? 7.446   -22.605 6.779   1.00 48.29 ? 162 ALA A O   1 
ATOM   1300 C CB  . ALA A 1 162 ? 10.764  -21.652 7.069   1.00 45.42 ? 162 ALA A CB  1 
ATOM   1301 N N   . GLY A 1 163 ? 9.042   -23.949 7.491   1.00 48.73 ? 163 GLY A N   1 
HETATM 1302 C C   . ACT B 2 .   ? -7.371  14.348  8.689   1.00 43.15 ? 165 ACT A C   1 
HETATM 1303 O O   . ACT B 2 .   ? -6.309  14.894  8.141   1.00 43.69 ? 165 ACT A O   1 
HETATM 1304 O OXT . ACT B 2 .   ? -7.396  13.286  9.400   1.00 42.73 ? 165 ACT A OXT 1 
HETATM 1305 C CH3 . ACT B 2 .   ? -8.723  14.955  8.526   1.00 41.79 ? 165 ACT A CH3 1 
HETATM 1306 C C   . ACT C 2 .   ? -17.462 -6.651  -0.473  1.00 48.39 ? 166 ACT A C   1 
HETATM 1307 O O   . ACT C 2 .   ? -17.436 -5.462  -1.032  1.00 47.91 ? 166 ACT A O   1 
HETATM 1308 O OXT . ACT C 2 .   ? -16.982 -6.959  0.675   1.00 47.80 ? 166 ACT A OXT 1 
HETATM 1309 C CH3 . ACT C 2 .   ? -18.090 -7.816  -1.168  1.00 47.98 ? 166 ACT A CH3 1 
HETATM 1310 O O   . HOH D 3 .   ? -6.609  0.277   5.074   1.00 10.97 ? 167 HOH A O   1 
HETATM 1311 O O   . HOH D 3 .   ? -7.414  -2.518  -12.103 1.00 17.91 ? 168 HOH A O   1 
HETATM 1312 O O   . HOH D 3 .   ? -8.800  -0.774  1.433   1.00 13.06 ? 169 HOH A O   1 
HETATM 1313 O O   . HOH D 3 .   ? 6.144   6.061   9.163   1.00 12.16 ? 170 HOH A O   1 
HETATM 1314 O O   . HOH D 3 .   ? -7.300  2.383   0.747   1.00 12.30 ? 171 HOH A O   1 
HETATM 1315 O O   . HOH D 3 .   ? -11.275 5.815   1.044   1.00 15.83 ? 172 HOH A O   1 
HETATM 1316 O O   . HOH D 3 .   ? 7.738   -1.923  -8.099  1.00 19.46 ? 173 HOH A O   1 
HETATM 1317 O O   . HOH D 3 .   ? 17.531  -9.623  2.787   1.00 30.94 ? 174 HOH A O   1 
HETATM 1318 O O   . HOH D 3 .   ? 10.806  0.221   17.593  1.00 23.03 ? 175 HOH A O   1 
HETATM 1319 O O   . HOH D 3 .   ? -10.666 -1.320  3.252   1.00 18.92 ? 176 HOH A O   1 
HETATM 1320 O O   . HOH D 3 .   ? 10.687  8.608   4.778   1.00 19.95 ? 177 HOH A O   1 
HETATM 1321 O O   . HOH D 3 .   ? 2.660   -16.519 2.114   1.00 24.38 ? 178 HOH A O   1 
HETATM 1322 O O   . HOH D 3 .   ? 1.878   17.703  2.988   1.00 23.17 ? 179 HOH A O   1 
HETATM 1323 O O   . HOH D 3 .   ? -2.562  1.972   10.475  1.00 22.14 ? 180 HOH A O   1 
HETATM 1324 O O   . HOH D 3 .   ? -13.118 12.394  -0.134  1.00 20.09 ? 181 HOH A O   1 
HETATM 1325 O O   . HOH D 3 .   ? 10.309  2.400   12.080  1.00 18.35 ? 182 HOH A O   1 
HETATM 1326 O O   . HOH D 3 .   ? -0.975  -18.952 -6.353  1.00 23.03 ? 183 HOH A O   1 
HETATM 1327 O O   . HOH D 3 .   ? -9.801  2.172   2.542   1.00 23.68 ? 184 HOH A O   1 
HETATM 1328 O O   . HOH D 3 .   ? 3.561   25.592  5.842   1.00 20.79 ? 185 HOH A O   1 
HETATM 1329 O O   . HOH D 3 .   ? 6.028   8.960   -9.063  1.00 23.24 ? 186 HOH A O   1 
HETATM 1330 O O   . HOH D 3 .   ? -0.144  20.499  -8.061  1.00 24.50 ? 187 HOH A O   1 
HETATM 1331 O O   . HOH D 3 .   ? 3.183   30.161  -3.558  1.00 25.21 ? 188 HOH A O   1 
HETATM 1332 O O   . HOH D 3 .   ? 10.273  -2.356  -6.902  1.00 18.53 ? 189 HOH A O   1 
HETATM 1333 O O   . HOH D 3 .   ? 6.572   1.405   13.806  1.00 28.27 ? 190 HOH A O   1 
HETATM 1334 O O   . HOH D 3 .   ? -5.873  -14.789 -10.833 1.00 27.14 ? 191 HOH A O   1 
HETATM 1335 O O   . HOH D 3 .   ? 0.299   -19.578 -3.830  1.00 26.98 ? 192 HOH A O   1 
HETATM 1336 O O   . HOH D 3 .   ? -7.298  -0.276  -10.440 1.00 22.18 ? 193 HOH A O   1 
HETATM 1337 O O   . HOH D 3 .   ? -2.346  13.608  6.547   1.00 28.54 ? 194 HOH A O   1 
HETATM 1338 O O   . HOH D 3 .   ? -6.771  21.306  -5.104  1.00 28.06 ? 195 HOH A O   1 
HETATM 1339 O O   . HOH D 3 .   ? -9.206  1.384   7.319   1.00 23.51 ? 196 HOH A O   1 
HETATM 1340 O O   . HOH D 3 .   ? 13.202  5.934   11.842  1.00 25.68 ? 197 HOH A O   1 
HETATM 1341 O O   . HOH D 3 .   ? 16.578  0.792   8.889   1.00 25.08 ? 198 HOH A O   1 
HETATM 1342 O O   . HOH D 3 .   ? -14.549 11.810  -2.226  1.00 31.06 ? 199 HOH A O   1 
HETATM 1343 O O   . HOH D 3 .   ? -2.245  25.845  -0.625  1.00 47.00 ? 200 HOH A O   1 
HETATM 1344 O O   . HOH D 3 .   ? -1.373  -14.140 6.531   1.00 25.39 ? 201 HOH A O   1 
HETATM 1345 O O   . HOH D 3 .   ? -8.936  2.156   -10.421 1.00 23.54 ? 202 HOH A O   1 
HETATM 1346 O O   . HOH D 3 .   ? 16.616  3.635   4.537   1.00 34.69 ? 203 HOH A O   1 
HETATM 1347 O O   . HOH D 3 .   ? 5.071   -5.770  10.765  1.00 28.77 ? 204 HOH A O   1 
HETATM 1348 O O   . HOH D 3 .   ? -11.728 -7.472  1.267   1.00 23.10 ? 205 HOH A O   1 
HETATM 1349 O O   . HOH D 3 .   ? -14.959 0.892   -0.365  1.00 26.38 ? 206 HOH A O   1 
HETATM 1350 O O   . HOH D 3 .   ? -1.224  27.259  -2.557  1.00 46.67 ? 207 HOH A O   1 
HETATM 1351 O O   . HOH D 3 .   ? -2.893  6.643   12.078  1.00 26.29 ? 208 HOH A O   1 
HETATM 1352 O O   . HOH D 3 .   ? -8.465  13.900  -8.438  1.00 37.19 ? 209 HOH A O   1 
HETATM 1353 O O   . HOH D 3 .   ? -15.348 4.598   -6.971  1.00 27.98 ? 210 HOH A O   1 
HETATM 1354 O O   . HOH D 3 .   ? -11.790 -16.452 -8.918  1.00 29.15 ? 211 HOH A O   1 
HETATM 1355 O O   . HOH D 3 .   ? -6.557  3.658   -10.977 1.00 25.78 ? 212 HOH A O   1 
HETATM 1356 O O   . HOH D 3 .   ? -5.159  -1.686  12.855  1.00 35.55 ? 213 HOH A O   1 
HETATM 1357 O O   . HOH D 3 .   ? 8.727   -11.152 -8.877  1.00 36.15 ? 214 HOH A O   1 
HETATM 1358 O O   . HOH D 3 .   ? 2.442   -4.570  11.965  1.00 29.68 ? 215 HOH A O   1 
HETATM 1359 O O   . HOH D 3 .   ? -0.668  -10.024 10.731  1.00 30.64 ? 216 HOH A O   1 
HETATM 1360 O O   . HOH D 3 .   ? 5.117   12.800  6.481   1.00 40.85 ? 217 HOH A O   1 
HETATM 1361 O O   . HOH D 3 .   ? 2.819   0.322   11.991  1.00 21.61 ? 218 HOH A O   1 
HETATM 1362 O O   . HOH D 3 .   ? -8.942  0.744   4.677   1.00 25.31 ? 219 HOH A O   1 
HETATM 1363 O O   . HOH D 3 .   ? -16.530 2.595   -1.546  1.00 33.74 ? 220 HOH A O   1 
HETATM 1364 O O   . HOH D 3 .   ? 12.994  -2.388  -7.787  1.00 26.69 ? 221 HOH A O   1 
HETATM 1365 O O   . HOH D 3 .   ? 8.912   2.484   14.407  1.00 25.87 ? 222 HOH A O   1 
HETATM 1366 O O   . HOH D 3 .   ? 4.919   -8.867  10.879  1.00 28.76 ? 223 HOH A O   1 
HETATM 1367 O O   . HOH D 3 .   ? 16.190  3.346   9.214   1.00 30.58 ? 224 HOH A O   1 
HETATM 1368 O O   . HOH D 3 .   ? 13.620  -7.844  7.613   1.00 21.29 ? 225 HOH A O   1 
HETATM 1369 O O   . HOH D 3 .   ? -1.904  -0.402  -12.449 1.00 28.20 ? 226 HOH A O   1 
HETATM 1370 O O   . HOH D 3 .   ? -12.452 -4.879  9.140   1.00 42.42 ? 227 HOH A O   1 
HETATM 1371 O O   . HOH D 3 .   ? -10.966 -13.363 -10.795 1.00 36.35 ? 228 HOH A O   1 
HETATM 1372 O O   . HOH D 3 .   ? 1.573   27.534  -3.414  1.00 31.55 ? 229 HOH A O   1 
HETATM 1373 O O   . HOH D 3 .   ? -14.941 14.657  2.534   1.00 39.87 ? 230 HOH A O   1 
HETATM 1374 O O   . HOH D 3 .   ? 11.863  10.851  3.181   1.00 35.09 ? 231 HOH A O   1 
HETATM 1375 O O   . HOH D 3 .   ? 4.001   13.736  4.011   1.00 30.17 ? 232 HOH A O   1 
HETATM 1376 O O   . HOH D 3 .   ? -1.558  -20.032 -1.920  1.00 45.55 ? 233 HOH A O   1 
HETATM 1377 O O   . HOH D 3 .   ? 0.768   -20.179 -8.352  1.00 45.93 ? 234 HOH A O   1 
HETATM 1378 O O   . HOH D 3 .   ? 9.585   -15.608 16.437  1.00 41.34 ? 235 HOH A O   1 
HETATM 1379 O O   . HOH D 3 .   ? 2.271   3.010   -11.124 1.00 37.95 ? 236 HOH A O   1 
HETATM 1380 O O   . HOH D 3 .   ? 11.407  -11.423 3.309   1.00 38.09 ? 237 HOH A O   1 
HETATM 1381 O O   . HOH D 3 .   ? -1.237  6.718   14.101  1.00 47.38 ? 238 HOH A O   1 
HETATM 1382 O O   . HOH D 3 .   ? 2.355   -21.371 -3.987  1.00 34.12 ? 239 HOH A O   1 
HETATM 1383 O O   . HOH D 3 .   ? -14.403 -1.380  10.209  1.00 42.28 ? 240 HOH A O   1 
HETATM 1384 O O   . HOH D 3 .   ? 4.237   16.633  3.446   1.00 41.57 ? 241 HOH A O   1 
HETATM 1385 O O   . HOH D 3 .   ? 9.853   0.243   -6.245  1.00 34.91 ? 242 HOH A O   1 
HETATM 1386 O O   . HOH D 3 .   ? 13.605  7.683   -0.134  1.00 45.69 ? 243 HOH A O   1 
HETATM 1387 O O   . HOH D 3 .   ? 13.672  9.655   1.402   1.00 32.06 ? 244 HOH A O   1 
HETATM 1388 O O   . HOH D 3 .   ? -0.391  -15.297 -14.532 1.00 35.25 ? 245 HOH A O   1 
HETATM 1389 O O   . HOH D 3 .   ? 16.070  5.089   7.307   1.00 37.96 ? 246 HOH A O   1 
HETATM 1390 O O   . HOH D 3 .   ? 11.065  -10.403 -8.053  1.00 43.09 ? 247 HOH A O   1 
HETATM 1391 O O   . HOH D 3 .   ? 7.696   11.833  4.650   1.00 39.99 ? 248 HOH A O   1 
HETATM 1392 O O   . HOH D 3 .   ? -8.191  12.048  11.594  1.00 37.69 ? 249 HOH A O   1 
HETATM 1393 O O   . HOH D 3 .   ? -4.755  1.720   -12.063 1.00 47.18 ? 250 HOH A O   1 
HETATM 1394 O O   . HOH D 3 .   ? 14.879  3.477   2.162   1.00 37.80 ? 251 HOH A O   1 
HETATM 1395 O O   . HOH D 3 .   ? 12.168  -8.156  -9.280  1.00 39.00 ? 252 HOH A O   1 
HETATM 1396 O O   . HOH D 3 .   ? -8.583  -4.164  12.205  1.00 36.45 ? 253 HOH A O   1 
HETATM 1397 O O   . HOH D 3 .   ? 14.555  -12.585 8.270   1.00 43.97 ? 254 HOH A O   1 
HETATM 1398 O O   . HOH D 3 .   ? 15.430  3.128   -3.871  1.00 38.91 ? 255 HOH A O   1 
HETATM 1399 O O   . HOH D 3 .   ? -11.327 0.507   10.411  1.00 42.66 ? 256 HOH A O   1 
HETATM 1400 O O   . HOH D 3 .   ? -4.059  16.941  8.780   1.00 38.34 ? 257 HOH A O   1 
HETATM 1401 O O   . HOH D 3 .   ? -18.017 18.207  -0.833  1.00 42.79 ? 258 HOH A O   1 
HETATM 1402 O O   . HOH D 3 .   ? 9.823   9.465   -3.126  1.00 45.60 ? 259 HOH A O   1 
HETATM 1403 O O   . HOH D 3 .   ? -15.265 12.547  1.291   1.00 29.99 ? 260 HOH A O   1 
HETATM 1404 O O   . HOH D 3 .   ? -14.316 15.857  4.672   1.00 44.66 ? 261 HOH A O   1 
HETATM 1405 O O   . HOH D 3 .   ? -3.415  11.412  -11.138 1.00 42.94 ? 262 HOH A O   1 
HETATM 1406 O O   . HOH D 3 .   ? 13.834  -11.264 4.240   1.00 42.84 ? 263 HOH A O   1 
HETATM 1407 O O   . HOH D 3 .   ? -18.110 20.392  0.737   1.00 43.99 ? 264 HOH A O   1 
HETATM 1408 O O   . HOH D 3 .   ? -2.581  16.432  -10.328 1.00 48.76 ? 265 HOH A O   1 
# 
